data_5N4D
#
_entry.id   5N4D
#
_cell.length_a   99.040
_cell.length_b   114.880
_cell.length_c   141.310
_cell.angle_alpha   90.00
_cell.angle_beta   90.00
_cell.angle_gamma   90.00
#
_symmetry.space_group_name_H-M   'P 21 21 21'
#
loop_
_entity.id
_entity.type
_entity.pdbx_description
1 polymer 'Prolyl oligopeptidase'
2 polymer 'Alpha-amanitin proprotein'
3 non-polymer GLYCEROL
4 water water
#
loop_
_entity_poly.entity_id
_entity_poly.type
_entity_poly.pdbx_seq_one_letter_code
_entity_poly.pdbx_strand_id
1 'polypeptide(L)'
;MSSVTWAPGNYPSTRRSDHVDTYQSASKGEVPVPDPYQWLEESTDEVDKWTTAQADLAQSYLDQNADIQKLAEKFRASRN
YAKFSAPTLLDDGHWYWFYNRGLQSQSVLYRSKEPALPDFSKGDDNVGDVFFDPNVLAADGSAGMVLCKFSPDGKFFAYA
VSHLGGDYSTIYVRSTSSPLSQASVAQGVDGRLSDEVKWFKFSTIIWTKDSKGFLYQRYPARERHEGTRSDRNAMMCYHK
VGTTQEEDIIVYQDNEHPEWIYGADTSEDGKYLYLYQFKDTSKKNLLWVAELDEDGVKSGIHWRKVVNEYAADYNIITNH
GSLVYIKTNLNAPQYKVITIDLSKDEPEIRDFIPEEKDAKLAQVNCANEEYFVAIYKRNVKDEIYLYSKAGVQLTRLAPD
FVGAASIANRQKQTHFFLTLSGFNTPGTIARYDFTAPETQRFSILRTTKVNELDPDDFESTQVWYESKDGTKIPMFIVRH
KSTKFDGTAAAIQYGYGGFATSADPFFSPIILTFLQTYGAIFAVPSIRGGGEFGEEWHKGGRRETKVNTFDDFIAAAQFL
VKNKYAAPGKVAINGASNGGLLVMGSIVRAPEGTFGAAVPEGGVADLLKFHKFTGGQAWISEYGNPSIPEEFDYIYPLSP
VHNVRTDKVMPATLITVNIGAGRVVPMHSFKFIATLQHNVPQNPHPLLIKIDKSWLGHGMGKPTDKNVKDAADKWGFIAR
ALGLELKTVE
;
A,B
2 'polypeptide(L)' IWGIGCNPWTAEHVDQTLASGNDIC C,D
#
# COMPACT_ATOMS: atom_id res chain seq x y z
N TRP A 6 25.96 -8.58 28.44
CA TRP A 6 26.79 -8.54 27.23
C TRP A 6 28.25 -8.81 27.53
N ALA A 7 28.91 -9.45 26.56
CA ALA A 7 30.35 -9.67 26.62
C ALA A 7 30.89 -9.62 25.20
N PRO A 8 32.16 -9.26 25.00
CA PRO A 8 32.69 -9.27 23.64
C PRO A 8 32.43 -10.61 22.96
N GLY A 9 32.08 -10.58 21.68
CA GLY A 9 31.86 -11.79 20.92
C GLY A 9 30.46 -12.39 21.03
N ASN A 10 29.57 -11.78 21.77
CA ASN A 10 28.24 -12.34 21.99
C ASN A 10 27.20 -11.70 21.07
N TYR A 11 27.49 -11.64 19.78
CA TYR A 11 26.54 -10.96 18.90
C TYR A 11 25.69 -11.97 18.16
N PRO A 12 24.51 -11.55 17.75
CA PRO A 12 23.65 -12.44 16.94
C PRO A 12 24.39 -12.96 15.72
N SER A 13 24.11 -14.22 15.37
CA SER A 13 24.65 -14.77 14.12
C SER A 13 24.09 -13.99 12.93
N THR A 14 24.98 -13.61 12.02
CA THR A 14 24.55 -12.90 10.83
C THR A 14 25.07 -13.64 9.61
N ARG A 15 24.15 -14.21 8.82
CA ARG A 15 24.49 -14.91 7.58
C ARG A 15 25.32 -14.02 6.64
N ARG A 16 26.32 -14.63 5.99
CA ARG A 16 27.12 -13.97 4.94
C ARG A 16 26.84 -14.66 3.63
N SER A 17 26.31 -13.92 2.66
CA SER A 17 26.12 -14.52 1.35
C SER A 17 27.39 -14.42 0.51
N ASP A 18 27.33 -15.05 -0.67
CA ASP A 18 28.40 -14.98 -1.66
C ASP A 18 28.27 -13.81 -2.63
N HIS A 19 27.32 -12.89 -2.40
CA HIS A 19 27.04 -11.84 -3.38
C HIS A 19 28.27 -10.95 -3.61
N VAL A 20 28.57 -10.69 -4.88
CA VAL A 20 29.63 -9.79 -5.28
C VAL A 20 29.08 -8.83 -6.33
N ASP A 21 29.39 -7.54 -6.19
CA ASP A 21 29.06 -6.52 -7.17
C ASP A 21 30.35 -6.05 -7.82
N THR A 22 30.31 -5.80 -9.12
CA THR A 22 31.49 -5.33 -9.83
C THR A 22 31.27 -3.88 -10.24
N TYR A 23 32.23 -3.02 -9.91
CA TYR A 23 32.18 -1.62 -10.28
C TYR A 23 33.38 -1.30 -11.16
N GLN A 24 33.27 -0.21 -11.88
CA GLN A 24 34.32 0.27 -12.78
C GLN A 24 35.03 1.43 -12.10
N SER A 25 36.33 1.27 -11.86
CA SER A 25 37.19 2.30 -11.29
C SER A 25 37.99 2.95 -12.40
N ALA A 26 38.04 4.30 -12.39
CA ALA A 26 38.86 4.99 -13.37
C ALA A 26 40.32 4.57 -13.24
N SER A 27 40.82 4.44 -12.01
CA SER A 27 42.24 4.19 -11.86
C SER A 27 42.60 2.72 -11.90
N LYS A 28 41.66 1.82 -11.54
CA LYS A 28 41.99 0.40 -11.34
C LYS A 28 41.15 -0.54 -12.18
N GLY A 29 40.28 -0.02 -13.05
CA GLY A 29 39.46 -0.88 -13.89
C GLY A 29 38.40 -1.58 -13.05
N GLU A 30 38.08 -2.83 -13.41
CA GLU A 30 36.96 -3.49 -12.75
C GLU A 30 37.30 -3.89 -11.32
N VAL A 31 36.45 -3.47 -10.38
CA VAL A 31 36.70 -3.74 -8.96
C VAL A 31 35.57 -4.63 -8.44
N PRO A 32 35.85 -5.88 -8.08
CA PRO A 32 34.81 -6.72 -7.45
C PRO A 32 34.69 -6.41 -5.97
N VAL A 33 33.46 -6.15 -5.53
CA VAL A 33 33.17 -5.74 -4.16
C VAL A 33 32.22 -6.75 -3.54
N PRO A 34 32.72 -7.65 -2.69
CA PRO A 34 31.85 -8.57 -1.96
C PRO A 34 30.84 -7.79 -1.13
N ASP A 35 29.59 -8.25 -1.14
CA ASP A 35 28.54 -7.63 -0.33
C ASP A 35 27.82 -8.75 0.42
N PRO A 36 28.47 -9.33 1.43
CA PRO A 36 27.90 -10.52 2.09
C PRO A 36 26.62 -10.24 2.83
N TYR A 37 26.33 -8.97 3.17
CA TYR A 37 25.10 -8.61 3.87
C TYR A 37 24.11 -7.94 2.93
N GLN A 38 24.25 -8.20 1.62
CA GLN A 38 23.25 -7.68 0.68
C GLN A 38 21.85 -8.05 1.11
N TRP A 39 21.70 -9.22 1.74
CA TRP A 39 20.37 -9.66 2.13
C TRP A 39 19.72 -8.77 3.19
N LEU A 40 20.49 -7.98 3.96
CA LEU A 40 19.86 -7.03 4.87
C LEU A 40 19.22 -5.85 4.16
N GLU A 41 19.29 -5.80 2.84
CA GLU A 41 18.54 -4.81 2.08
C GLU A 41 17.06 -5.13 2.03
N GLU A 42 16.66 -6.34 2.43
CA GLU A 42 15.29 -6.80 2.21
C GLU A 42 14.48 -6.76 3.49
N SER A 43 13.17 -6.94 3.33
CA SER A 43 12.24 -7.03 4.44
C SER A 43 11.66 -8.44 4.47
N THR A 44 12.10 -9.25 5.44
CA THR A 44 11.75 -10.67 5.51
C THR A 44 11.69 -11.15 6.95
N ASP A 45 11.18 -12.36 7.13
CA ASP A 45 11.22 -12.96 8.46
CA ASP A 45 11.22 -13.01 8.44
C ASP A 45 12.65 -13.06 8.98
N GLU A 46 13.62 -13.43 8.13
CA GLU A 46 15.01 -13.59 8.59
C GLU A 46 15.56 -12.25 9.09
N VAL A 47 15.24 -11.15 8.37
CA VAL A 47 15.71 -9.80 8.75
C VAL A 47 15.02 -9.35 10.04
N ASP A 48 13.73 -9.65 10.18
CA ASP A 48 12.99 -9.30 11.38
C ASP A 48 13.56 -10.00 12.61
N LYS A 49 13.90 -11.28 12.47
CA LYS A 49 14.49 -11.98 13.60
C LYS A 49 15.87 -11.43 13.94
N TRP A 50 16.63 -11.02 12.93
CA TRP A 50 17.96 -10.48 13.18
C TRP A 50 17.86 -9.12 13.86
N THR A 51 16.98 -8.22 13.36
CA THR A 51 16.86 -6.92 14.02
C THR A 51 16.28 -7.06 15.42
N THR A 52 15.37 -8.06 15.62
CA THR A 52 14.87 -8.32 16.97
C THR A 52 15.96 -8.83 17.88
N ALA A 53 16.81 -9.74 17.39
CA ALA A 53 17.93 -10.21 18.21
C ALA A 53 18.87 -9.07 18.57
N GLN A 54 19.19 -8.20 17.60
CA GLN A 54 20.06 -7.05 17.87
C GLN A 54 19.42 -6.10 18.88
N ALA A 55 18.13 -5.76 18.69
CA ALA A 55 17.48 -4.81 19.59
C ALA A 55 17.32 -5.40 20.98
N ASP A 56 17.07 -6.70 21.06
CA ASP A 56 17.06 -7.34 22.37
C ASP A 56 18.43 -7.29 23.06
N LEU A 57 19.50 -7.54 22.30
CA LEU A 57 20.85 -7.43 22.86
C LEU A 57 21.12 -6.01 23.37
N ALA A 58 20.78 -4.98 22.56
CA ALA A 58 21.04 -3.61 22.99
C ALA A 58 20.24 -3.29 24.24
N GLN A 59 18.93 -3.65 24.26
CA GLN A 59 18.11 -3.38 25.44
C GLN A 59 18.64 -4.11 26.66
N SER A 60 19.09 -5.36 26.48
CA SER A 60 19.71 -6.07 27.58
C SER A 60 20.91 -5.30 28.15
N TYR A 61 21.75 -4.75 27.28
CA TYR A 61 22.89 -4.00 27.79
C TYR A 61 22.45 -2.73 28.55
N LEU A 62 21.55 -1.97 27.96
CA LEU A 62 21.06 -0.77 28.60
C LEU A 62 20.42 -1.10 29.94
N ASP A 63 19.79 -2.28 30.06
CA ASP A 63 19.14 -2.69 31.31
C ASP A 63 20.12 -2.79 32.47
N GLN A 64 21.38 -3.10 32.18
CA GLN A 64 22.46 -3.16 33.16
C GLN A 64 22.79 -1.80 33.74
N ASN A 65 22.30 -0.69 33.15
CA ASN A 65 22.71 0.68 33.50
C ASN A 65 21.58 1.35 34.26
N ALA A 66 21.63 1.35 35.62
CA ALA A 66 20.53 1.91 36.39
C ALA A 66 20.43 3.43 36.28
N ASP A 67 21.50 4.08 35.81
CA ASP A 67 21.46 5.53 35.65
C ASP A 67 20.54 5.99 34.51
N ILE A 68 20.21 5.15 33.54
CA ILE A 68 19.33 5.59 32.45
C ILE A 68 17.97 6.03 32.98
N GLN A 69 17.42 5.30 33.94
CA GLN A 69 16.12 5.72 34.45
C GLN A 69 16.22 7.04 35.18
N LYS A 70 17.36 7.26 35.85
CA LYS A 70 17.56 8.54 36.51
C LYS A 70 17.63 9.65 35.48
N LEU A 71 18.30 9.39 34.34
CA LEU A 71 18.34 10.43 33.30
C LEU A 71 16.98 10.68 32.71
N ALA A 72 16.19 9.63 32.49
CA ALA A 72 14.84 9.84 32.02
C ALA A 72 14.06 10.78 32.93
N GLU A 73 14.16 10.61 34.25
CA GLU A 73 13.45 11.53 35.18
C GLU A 73 13.92 12.97 35.02
N LYS A 74 15.25 13.17 34.95
CA LYS A 74 15.76 14.53 34.82
C LYS A 74 15.38 15.12 33.46
N PHE A 75 15.44 14.30 32.41
CA PHE A 75 15.19 14.80 31.05
C PHE A 75 13.72 15.14 30.88
N ARG A 76 12.84 14.29 31.39
CA ARG A 76 11.39 14.62 31.34
C ARG A 76 11.12 15.94 32.02
N ALA A 77 11.70 16.12 33.23
CA ALA A 77 11.47 17.39 33.93
C ALA A 77 12.03 18.58 33.14
N SER A 78 13.18 18.40 32.49
CA SER A 78 13.76 19.55 31.74
C SER A 78 12.92 19.90 30.52
N ARG A 79 12.17 18.97 29.98
CA ARG A 79 11.27 19.29 28.87
C ARG A 79 9.92 19.84 29.32
N ASN A 80 9.56 19.71 30.61
CA ASN A 80 8.21 20.02 31.07
C ASN A 80 8.03 21.52 31.38
N TYR A 81 7.95 22.33 30.30
CA TYR A 81 7.68 23.77 30.42
C TYR A 81 6.87 24.18 29.19
N ALA A 82 5.96 25.13 29.40
CA ALA A 82 5.08 25.57 28.32
C ALA A 82 5.90 26.17 27.18
N LYS A 83 5.48 25.85 25.95
CA LYS A 83 6.18 26.36 24.77
C LYS A 83 5.19 26.96 23.79
N PHE A 84 5.66 27.91 22.98
CA PHE A 84 4.73 28.65 22.12
C PHE A 84 5.48 29.28 20.95
N SER A 85 4.73 29.51 19.89
CA SER A 85 5.27 30.11 18.67
C SER A 85 5.00 31.61 18.66
N ALA A 86 5.57 32.29 17.64
CA ALA A 86 5.12 33.66 17.32
C ALA A 86 3.64 33.63 16.89
N PRO A 87 2.87 34.71 17.15
CA PRO A 87 1.48 34.74 16.70
C PRO A 87 1.41 35.32 15.30
N THR A 88 0.34 34.98 14.60
CA THR A 88 0.08 35.53 13.26
C THR A 88 -1.27 36.22 13.25
N LEU A 89 -1.29 37.43 12.71
CA LEU A 89 -2.57 38.15 12.57
C LEU A 89 -3.21 37.75 11.24
N LEU A 90 -4.41 37.17 11.30
CA LEU A 90 -5.13 36.83 10.06
C LEU A 90 -6.09 37.97 9.69
N ASP A 91 -6.64 37.87 8.48
CA ASP A 91 -7.55 38.96 8.06
C ASP A 91 -8.89 38.92 8.75
N ASP A 92 -9.14 37.97 9.64
CA ASP A 92 -10.32 38.08 10.51
C ASP A 92 -10.09 38.96 11.74
N GLY A 93 -8.90 39.54 11.92
CA GLY A 93 -8.60 40.40 13.04
C GLY A 93 -8.08 39.69 14.28
N HIS A 94 -8.00 38.36 14.24
CA HIS A 94 -7.60 37.54 15.37
C HIS A 94 -6.20 37.01 15.13
N TRP A 95 -5.56 36.68 16.25
CA TRP A 95 -4.17 36.24 16.24
C TRP A 95 -4.13 34.75 16.53
N TYR A 96 -3.27 34.02 15.82
CA TYR A 96 -3.21 32.58 15.97
C TYR A 96 -1.78 32.19 16.31
N TRP A 97 -1.62 31.20 17.22
CA TRP A 97 -0.28 30.76 17.60
C TRP A 97 -0.36 29.33 18.11
N PHE A 98 0.77 28.61 18.04
CA PHE A 98 0.87 27.28 18.61
C PHE A 98 1.29 27.36 20.07
N TYR A 99 0.74 26.43 20.86
CA TYR A 99 0.96 26.38 22.30
C TYR A 99 1.04 24.92 22.70
N ASN A 100 2.06 24.59 23.50
CA ASN A 100 2.25 23.23 24.03
C ASN A 100 2.31 23.33 25.54
N ARG A 101 1.46 22.55 26.23
CA ARG A 101 1.41 22.62 27.69
C ARG A 101 2.74 22.22 28.33
N GLY A 102 3.54 21.45 27.63
CA GLY A 102 4.90 21.14 28.01
C GLY A 102 5.37 19.83 27.39
N LEU A 103 4.61 18.76 27.59
CA LEU A 103 4.98 17.43 27.16
C LEU A 103 4.01 16.88 26.12
N GLN A 104 3.19 17.73 25.49
CA GLN A 104 2.27 17.21 24.46
C GLN A 104 3.02 16.76 23.19
N SER A 105 2.52 15.71 22.55
CA SER A 105 3.23 15.19 21.38
C SER A 105 3.09 16.09 20.16
N GLN A 106 1.97 16.81 20.03
CA GLN A 106 1.78 17.83 18.99
C GLN A 106 1.26 19.08 19.66
N SER A 107 1.81 20.23 19.27
CA SER A 107 1.34 21.48 19.84
C SER A 107 -0.01 21.86 19.21
N VAL A 108 -0.77 22.74 19.89
CA VAL A 108 -2.16 23.01 19.55
C VAL A 108 -2.25 24.43 19.02
N LEU A 109 -3.02 24.63 17.94
CA LEU A 109 -3.16 25.97 17.34
C LEU A 109 -4.30 26.71 18.04
N TYR A 110 -3.96 27.82 18.71
CA TYR A 110 -4.86 28.70 19.44
C TYR A 110 -5.24 29.92 18.62
N ARG A 111 -6.39 30.50 18.97
CA ARG A 111 -6.92 31.72 18.37
C ARG A 111 -7.26 32.70 19.48
N SER A 112 -6.85 33.96 19.30
CA SER A 112 -7.14 34.98 20.31
C SER A 112 -8.64 35.09 20.54
N LYS A 113 -9.02 35.27 21.81
CA LYS A 113 -10.43 35.51 22.11
C LYS A 113 -10.91 36.83 21.51
N GLU A 114 -10.08 37.84 21.59
CA GLU A 114 -10.38 39.20 21.16
C GLU A 114 -9.61 39.52 19.89
N PRO A 115 -10.11 40.42 19.05
CA PRO A 115 -9.39 40.94 17.85
C PRO A 115 -8.38 42.02 18.25
N ALA A 116 -7.36 41.61 19.00
CA ALA A 116 -6.33 42.46 19.57
C ALA A 116 -5.14 41.58 19.88
N LEU A 117 -3.96 42.18 19.82
CA LEU A 117 -2.74 41.41 20.20
C LEU A 117 -2.79 41.07 21.68
N PRO A 118 -2.75 39.79 22.07
CA PRO A 118 -2.90 39.46 23.48
C PRO A 118 -1.75 39.96 24.35
N ASP A 119 -2.07 40.21 25.61
CA ASP A 119 -1.06 40.32 26.67
C ASP A 119 -0.81 38.89 27.12
N PHE A 120 0.21 38.26 26.55
CA PHE A 120 0.41 36.85 26.79
C PHE A 120 0.84 36.56 28.24
N SER A 121 1.23 37.59 29.00
CA SER A 121 1.53 37.38 30.43
C SER A 121 0.30 36.84 31.20
N LYS A 122 -0.89 36.98 30.64
CA LYS A 122 -2.08 36.48 31.31
C LYS A 122 -2.27 34.96 31.17
N GLY A 123 -1.56 34.31 30.25
CA GLY A 123 -1.69 32.88 30.08
C GLY A 123 -2.46 32.55 28.81
N ASP A 124 -1.95 31.57 28.05
CA ASP A 124 -2.51 31.29 26.74
C ASP A 124 -3.97 30.87 26.81
N ASP A 125 -4.35 30.10 27.83
CA ASP A 125 -5.75 29.72 27.92
C ASP A 125 -6.67 30.83 28.37
N ASN A 126 -6.15 31.86 28.96
CA ASN A 126 -6.90 33.05 29.37
C ASN A 126 -7.08 34.04 28.24
N VAL A 127 -6.21 34.04 27.23
CA VAL A 127 -6.34 34.99 26.12
C VAL A 127 -6.72 34.29 24.79
N GLY A 128 -6.75 32.97 24.76
CA GLY A 128 -7.03 32.25 23.52
C GLY A 128 -7.86 31.00 23.78
N ASP A 129 -8.52 30.54 22.71
CA ASP A 129 -9.30 29.30 22.70
C ASP A 129 -8.64 28.37 21.69
N VAL A 130 -8.83 27.06 21.87
CA VAL A 130 -8.34 26.10 20.88
C VAL A 130 -9.02 26.34 19.54
N PHE A 131 -8.20 26.44 18.49
CA PHE A 131 -8.73 26.39 17.12
C PHE A 131 -8.49 25.05 16.44
N PHE A 132 -7.28 24.49 16.49
CA PHE A 132 -6.99 23.25 15.77
C PHE A 132 -6.05 22.44 16.66
N ASP A 133 -6.56 21.35 17.20
CA ASP A 133 -5.79 20.44 18.04
C ASP A 133 -5.42 19.20 17.24
N PRO A 134 -4.22 19.11 16.67
CA PRO A 134 -3.92 17.95 15.81
C PRO A 134 -3.88 16.63 16.60
N ASN A 135 -3.82 16.67 17.93
CA ASN A 135 -3.85 15.43 18.71
C ASN A 135 -5.15 14.68 18.50
N VAL A 136 -6.23 15.35 18.07
CA VAL A 136 -7.48 14.62 17.88
C VAL A 136 -7.65 14.11 16.46
N LEU A 137 -6.66 14.32 15.56
CA LEU A 137 -6.80 13.83 14.19
C LEU A 137 -7.08 12.33 14.19
N ALA A 138 -6.44 11.59 15.10
CA ALA A 138 -6.75 10.16 15.31
C ALA A 138 -6.79 9.91 16.80
N ALA A 139 -7.75 9.08 17.23
CA ALA A 139 -7.92 8.78 18.65
C ALA A 139 -6.71 8.07 19.26
N ASP A 140 -5.91 7.38 18.47
CA ASP A 140 -4.75 6.64 18.98
C ASP A 140 -3.42 7.32 18.69
N GLY A 141 -3.42 8.60 18.30
CA GLY A 141 -2.19 9.30 18.01
C GLY A 141 -1.50 8.86 16.74
N SER A 142 -2.17 8.11 15.87
CA SER A 142 -1.50 7.65 14.67
C SER A 142 -1.51 8.68 13.53
N ALA A 143 -2.01 9.86 13.73
CA ALA A 143 -2.07 10.85 12.67
C ALA A 143 -1.45 12.14 13.17
N GLY A 144 -0.64 12.79 12.34
CA GLY A 144 -0.03 14.04 12.74
C GLY A 144 -0.24 15.10 11.69
N MET A 145 -0.29 16.36 12.15
CA MET A 145 -0.32 17.48 11.23
CA MET A 145 -0.33 17.49 11.24
C MET A 145 1.11 17.89 10.97
N VAL A 146 1.53 17.83 9.71
CA VAL A 146 2.92 18.06 9.39
C VAL A 146 3.18 19.39 8.69
N LEU A 147 2.15 20.07 8.18
CA LEU A 147 2.28 21.35 7.52
C LEU A 147 0.90 22.01 7.50
N CYS A 148 0.86 23.33 7.61
CA CYS A 148 -0.46 23.98 7.43
C CYS A 148 -0.29 25.40 6.94
N LYS A 149 -1.38 25.95 6.44
CA LYS A 149 -1.35 27.29 5.82
C LYS A 149 -2.76 27.86 5.79
N PHE A 150 -2.94 29.01 6.43
CA PHE A 150 -4.20 29.77 6.31
C PHE A 150 -4.29 30.47 4.97
N SER A 151 -5.51 30.58 4.44
CA SER A 151 -5.72 31.38 3.24
C SER A 151 -5.48 32.88 3.54
N PRO A 152 -5.12 33.66 2.52
CA PRO A 152 -4.80 35.08 2.74
C PRO A 152 -5.97 35.86 3.32
N ASP A 153 -7.18 35.46 2.96
CA ASP A 153 -8.31 36.19 3.52
C ASP A 153 -8.71 35.71 4.90
N GLY A 154 -8.06 34.67 5.41
CA GLY A 154 -8.30 34.19 6.76
C GLY A 154 -9.56 33.36 6.92
N LYS A 155 -10.24 33.03 5.82
CA LYS A 155 -11.46 32.23 5.90
C LYS A 155 -11.20 30.73 5.98
N PHE A 156 -10.08 30.22 5.44
CA PHE A 156 -9.85 28.78 5.38
C PHE A 156 -8.49 28.41 5.97
N PHE A 157 -8.40 27.14 6.40
CA PHE A 157 -7.17 26.58 6.99
C PHE A 157 -6.91 25.26 6.28
N ALA A 158 -5.83 25.21 5.50
CA ALA A 158 -5.41 23.98 4.84
C ALA A 158 -4.34 23.29 5.69
N TYR A 159 -4.45 21.96 5.82
CA TYR A 159 -3.56 21.24 6.73
C TYR A 159 -3.26 19.87 6.14
N ALA A 160 -1.98 19.52 6.17
CA ALA A 160 -1.47 18.27 5.65
C ALA A 160 -1.38 17.28 6.79
N VAL A 161 -1.92 16.07 6.60
CA VAL A 161 -2.00 15.04 7.64
C VAL A 161 -1.20 13.81 7.16
N SER A 162 -0.33 13.30 8.02
CA SER A 162 0.37 12.06 7.79
C SER A 162 -0.12 11.05 8.81
N HIS A 163 -0.04 9.78 8.41
CA HIS A 163 -0.42 8.65 9.24
C HIS A 163 0.75 7.69 9.38
N LEU A 164 0.87 7.07 10.56
CA LEU A 164 1.78 5.94 10.68
C LEU A 164 1.49 4.92 9.58
N GLY A 165 2.55 4.43 8.97
CA GLY A 165 2.42 3.47 7.89
C GLY A 165 2.25 4.07 6.50
N GLY A 166 2.07 5.37 6.39
CA GLY A 166 1.83 6.00 5.10
C GLY A 166 3.07 6.63 4.49
N ASP A 167 3.08 6.72 3.17
CA ASP A 167 4.25 7.27 2.45
C ASP A 167 3.96 8.64 1.86
N TYR A 168 2.73 9.14 1.96
CA TYR A 168 2.35 10.46 1.47
C TYR A 168 1.58 11.20 2.55
N SER A 169 1.26 12.45 2.29
CA SER A 169 0.36 13.19 3.15
C SER A 169 -0.88 13.56 2.36
N THR A 170 -1.92 13.95 3.09
CA THR A 170 -3.20 14.35 2.52
C THR A 170 -3.52 15.74 3.03
N ILE A 171 -3.95 16.63 2.14
CA ILE A 171 -4.34 17.96 2.54
C ILE A 171 -5.85 18.02 2.69
N TYR A 172 -6.27 18.57 3.82
CA TYR A 172 -7.65 18.86 4.14
C TYR A 172 -7.84 20.36 4.28
N VAL A 173 -9.10 20.81 4.22
CA VAL A 173 -9.41 22.23 4.32
C VAL A 173 -10.59 22.39 5.27
N ARG A 174 -10.52 23.36 6.17
CA ARG A 174 -11.66 23.66 7.04
C ARG A 174 -11.86 25.14 7.06
N SER A 175 -13.09 25.53 7.32
CA SER A 175 -13.34 26.92 7.68
C SER A 175 -12.64 27.34 8.96
N THR A 176 -12.11 28.58 8.98
CA THR A 176 -11.53 29.12 10.19
CA THR A 176 -11.50 29.01 10.23
C THR A 176 -12.53 29.25 11.35
N SER A 177 -13.82 29.25 11.03
CA SER A 177 -14.86 29.33 12.04
CA SER A 177 -14.85 29.34 12.05
C SER A 177 -15.27 27.96 12.57
N SER A 178 -14.56 26.91 12.16
CA SER A 178 -14.88 25.53 12.54
C SER A 178 -13.69 24.88 13.25
N PRO A 179 -13.59 25.02 14.57
CA PRO A 179 -12.46 24.48 15.30
C PRO A 179 -12.47 22.96 15.25
N LEU A 180 -11.29 22.39 15.43
CA LEU A 180 -11.15 20.97 15.66
C LEU A 180 -10.58 20.79 17.06
N SER A 181 -11.35 20.21 17.97
CA SER A 181 -10.90 20.13 19.35
C SER A 181 -11.51 18.88 19.98
N GLN A 182 -11.05 18.53 21.17
CA GLN A 182 -11.68 17.40 21.83
C GLN A 182 -13.19 17.62 21.95
N ALA A 183 -13.59 18.85 22.29
CA ALA A 183 -15.02 19.16 22.45
C ALA A 183 -15.76 19.08 21.12
N SER A 184 -15.18 19.63 20.05
CA SER A 184 -15.91 19.66 18.79
C SER A 184 -16.09 18.26 18.23
N VAL A 185 -15.11 17.38 18.40
CA VAL A 185 -15.25 16.03 17.87
C VAL A 185 -16.24 15.20 18.70
N ALA A 186 -16.33 15.44 20.00
CA ALA A 186 -17.32 14.71 20.79
C ALA A 186 -18.72 15.16 20.45
N GLN A 187 -18.90 16.44 20.14
CA GLN A 187 -20.21 17.04 20.04
C GLN A 187 -20.78 17.03 18.62
N GLY A 188 -19.98 16.69 17.61
CA GLY A 188 -20.53 16.61 16.26
C GLY A 188 -19.54 16.09 15.24
N VAL A 189 -19.83 16.34 13.97
CA VAL A 189 -18.94 15.91 12.90
C VAL A 189 -17.64 16.71 12.94
N ASP A 190 -16.67 16.24 12.17
CA ASP A 190 -15.35 16.90 12.12
C ASP A 190 -15.48 18.39 11.83
N GLY A 191 -16.30 18.76 10.84
CA GLY A 191 -16.48 20.14 10.45
C GLY A 191 -15.67 20.56 9.24
N ARG A 192 -14.73 19.74 8.79
CA ARG A 192 -13.96 20.13 7.60
C ARG A 192 -14.81 20.03 6.32
N LEU A 193 -14.32 20.67 5.24
CA LEU A 193 -14.89 20.41 3.90
C LEU A 193 -14.62 18.98 3.43
N SER A 194 -15.40 18.54 2.43
CA SER A 194 -15.16 17.20 1.92
C SER A 194 -13.88 17.09 1.08
N ASP A 195 -13.25 18.24 0.73
CA ASP A 195 -12.02 18.20 -0.05
C ASP A 195 -11.03 17.23 0.58
N GLU A 196 -10.39 16.41 -0.26
CA GLU A 196 -9.34 15.51 0.23
C GLU A 196 -8.26 15.43 -0.84
N VAL A 197 -7.14 16.09 -0.59
CA VAL A 197 -6.10 16.24 -1.60
C VAL A 197 -4.99 15.26 -1.27
N LYS A 198 -4.98 14.10 -1.95
CA LYS A 198 -4.06 13.02 -1.65
C LYS A 198 -2.74 13.17 -2.42
N TRP A 199 -1.75 12.34 -2.04
CA TRP A 199 -0.48 12.13 -2.75
C TRP A 199 0.47 13.31 -2.64
N PHE A 200 0.27 14.13 -1.62
CA PHE A 200 1.09 15.33 -1.43
C PHE A 200 2.39 14.98 -0.74
N LYS A 201 3.53 15.47 -1.26
CA LYS A 201 4.70 15.53 -0.44
C LYS A 201 5.77 16.38 -1.13
N PHE A 202 6.70 16.87 -0.32
CA PHE A 202 7.91 17.54 -0.79
C PHE A 202 7.64 18.92 -1.39
N SER A 203 6.59 19.62 -0.97
CA SER A 203 6.49 21.06 -1.24
C SER A 203 5.76 21.74 -0.09
N THR A 204 5.67 23.06 -0.18
CA THR A 204 4.81 23.81 0.71
C THR A 204 3.41 23.86 0.10
N ILE A 205 2.49 24.43 0.86
CA ILE A 205 1.11 24.76 0.43
C ILE A 205 1.07 26.27 0.16
N ILE A 206 0.70 26.68 -1.08
CA ILE A 206 0.81 28.08 -1.53
C ILE A 206 -0.56 28.55 -2.03
N TRP A 207 -1.26 29.35 -1.22
CA TRP A 207 -2.54 29.87 -1.63
C TRP A 207 -2.36 30.92 -2.73
N THR A 208 -3.28 30.92 -3.70
CA THR A 208 -3.41 32.13 -4.50
C THR A 208 -4.00 33.26 -3.67
N LYS A 209 -3.68 34.51 -4.08
CA LYS A 209 -4.06 35.65 -3.23
C LYS A 209 -5.54 36.02 -3.32
N ASP A 210 -6.31 35.38 -4.22
CA ASP A 210 -7.75 35.49 -4.21
C ASP A 210 -8.38 34.53 -3.22
N SER A 211 -7.56 33.71 -2.54
CA SER A 211 -8.03 32.76 -1.53
C SER A 211 -8.96 31.70 -2.09
N LYS A 212 -8.92 31.44 -3.38
CA LYS A 212 -9.82 30.48 -3.99
C LYS A 212 -9.27 29.06 -3.96
N GLY A 213 -7.97 28.91 -3.72
CA GLY A 213 -7.34 27.62 -3.92
C GLY A 213 -5.86 27.73 -3.58
N PHE A 214 -5.19 26.60 -3.69
CA PHE A 214 -3.77 26.53 -3.35
C PHE A 214 -3.03 25.53 -4.24
N LEU A 215 -1.77 25.83 -4.42
CA LEU A 215 -0.83 25.01 -5.17
C LEU A 215 -0.12 24.06 -4.20
N TYR A 216 0.18 22.86 -4.68
CA TYR A 216 0.78 21.82 -3.87
C TYR A 216 1.40 20.80 -4.85
N GLN A 217 2.48 20.13 -4.43
CA GLN A 217 3.06 19.13 -5.30
C GLN A 217 2.50 17.76 -4.97
N ARG A 218 2.15 17.02 -5.99
CA ARG A 218 1.73 15.65 -5.72
C ARG A 218 2.36 14.65 -6.68
N TYR A 219 2.21 13.37 -6.33
CA TYR A 219 2.79 12.33 -7.16
C TYR A 219 1.70 11.47 -7.77
N PRO A 220 2.02 10.58 -8.71
CA PRO A 220 0.98 9.68 -9.22
C PRO A 220 0.42 8.82 -8.11
N ALA A 221 -0.88 8.55 -8.23
CA ALA A 221 -1.53 7.59 -7.35
C ALA A 221 -0.87 6.24 -7.53
N ARG A 222 -0.73 5.50 -6.43
CA ARG A 222 0.03 4.27 -6.38
C ARG A 222 -0.80 3.20 -5.65
N GLU A 223 -1.00 2.04 -6.29
CA GLU A 223 -1.70 0.99 -5.59
C GLU A 223 -0.73 0.29 -4.64
N ARG A 224 -1.27 -0.47 -3.69
CA ARG A 224 -0.45 -1.17 -2.70
C ARG A 224 0.64 -2.05 -3.33
N HIS A 225 0.30 -2.81 -4.36
CA HIS A 225 1.27 -3.73 -5.00
C HIS A 225 1.65 -3.25 -6.39
N GLU A 226 1.75 -1.96 -6.58
CA GLU A 226 2.08 -1.39 -7.88
C GLU A 226 3.56 -1.04 -7.93
N GLY A 227 4.27 -1.60 -8.92
CA GLY A 227 5.65 -1.27 -9.21
C GLY A 227 6.62 -1.37 -8.05
N SER A 230 9.09 3.86 -5.52
CA SER A 230 9.68 4.90 -6.36
C SER A 230 8.81 6.14 -6.35
N ASP A 231 9.45 7.31 -6.44
CA ASP A 231 8.76 8.61 -6.36
C ASP A 231 9.32 9.48 -7.48
N ARG A 232 8.60 9.47 -8.59
CA ARG A 232 8.94 10.10 -9.84
C ARG A 232 7.69 10.78 -10.36
N ASN A 233 7.87 11.65 -11.36
CA ASN A 233 6.75 12.25 -12.06
C ASN A 233 5.92 13.12 -11.11
N ALA A 234 6.61 13.88 -10.27
CA ALA A 234 5.96 14.91 -9.46
C ALA A 234 5.25 15.89 -10.36
N MET A 235 4.15 16.45 -9.84
CA MET A 235 3.33 17.41 -10.55
C MET A 235 3.08 18.56 -9.59
N MET A 236 3.25 19.80 -10.06
CA MET A 236 2.72 20.95 -9.32
C MET A 236 1.25 21.15 -9.74
N CYS A 237 0.32 21.07 -8.75
CA CYS A 237 -1.11 21.12 -9.00
C CYS A 237 -1.77 22.28 -8.26
N TYR A 238 -3.01 22.57 -8.66
CA TYR A 238 -3.81 23.61 -8.03
C TYR A 238 -5.14 23.03 -7.61
N HIS A 239 -5.49 23.20 -6.33
CA HIS A 239 -6.72 22.68 -5.77
C HIS A 239 -7.66 23.83 -5.45
N LYS A 240 -8.88 23.78 -6.00
CA LYS A 240 -9.86 24.81 -5.72
C LYS A 240 -10.70 24.42 -4.48
N VAL A 241 -10.84 25.35 -3.53
CA VAL A 241 -11.56 24.99 -2.30
C VAL A 241 -12.99 24.62 -2.66
N GLY A 242 -13.51 23.56 -2.06
CA GLY A 242 -14.89 23.13 -2.31
C GLY A 242 -15.04 22.18 -3.48
N THR A 243 -13.96 21.56 -3.91
CA THR A 243 -14.00 20.59 -4.99
C THR A 243 -13.25 19.35 -4.55
N THR A 244 -13.46 18.28 -5.31
CA THR A 244 -12.69 17.08 -5.13
C THR A 244 -11.42 17.16 -5.98
N GLN A 245 -10.47 16.29 -5.66
CA GLN A 245 -9.18 16.36 -6.34
C GLN A 245 -9.27 16.02 -7.83
N GLU A 246 -10.33 15.37 -8.30
CA GLU A 246 -10.32 15.07 -9.73
C GLU A 246 -10.47 16.34 -10.55
N GLU A 247 -10.91 17.44 -9.95
CA GLU A 247 -10.98 18.71 -10.62
C GLU A 247 -9.71 19.55 -10.51
N ASP A 248 -8.69 19.08 -9.76
CA ASP A 248 -7.46 19.86 -9.62
C ASP A 248 -6.78 20.06 -10.97
N ILE A 249 -6.13 21.18 -11.15
CA ILE A 249 -5.44 21.55 -12.38
C ILE A 249 -3.98 21.12 -12.26
N ILE A 250 -3.41 20.50 -13.30
CA ILE A 250 -1.95 20.31 -13.35
C ILE A 250 -1.34 21.62 -13.87
N VAL A 251 -0.60 22.31 -12.99
CA VAL A 251 0.08 23.56 -13.31
C VAL A 251 1.40 23.30 -14.04
N TYR A 252 2.13 22.28 -13.64
CA TYR A 252 3.36 21.94 -14.34
C TYR A 252 3.74 20.49 -14.06
N GLN A 253 4.19 19.77 -15.10
CA GLN A 253 4.96 18.53 -14.92
C GLN A 253 5.91 18.40 -16.10
N ASP A 254 6.87 17.49 -15.98
CA ASP A 254 7.90 17.35 -17.02
C ASP A 254 8.21 15.86 -17.14
N ASN A 255 7.52 15.22 -18.09
CA ASN A 255 7.69 13.80 -18.34
C ASN A 255 9.09 13.48 -18.79
N GLU A 256 9.80 14.45 -19.37
CA GLU A 256 11.15 14.17 -19.84
C GLU A 256 12.19 14.21 -18.73
N HIS A 257 11.87 14.80 -17.58
CA HIS A 257 12.78 14.83 -16.44
C HIS A 257 12.03 14.34 -15.21
N PRO A 258 11.74 13.04 -15.15
CA PRO A 258 10.78 12.55 -14.13
C PRO A 258 11.30 12.65 -12.72
N GLU A 259 12.59 12.89 -12.52
CA GLU A 259 13.17 13.05 -11.19
C GLU A 259 13.03 14.47 -10.63
N TRP A 260 12.76 15.47 -11.48
CA TRP A 260 12.76 16.85 -10.97
C TRP A 260 11.53 17.07 -10.10
N ILE A 261 11.65 18.00 -9.16
CA ILE A 261 10.53 18.38 -8.31
C ILE A 261 10.36 19.90 -8.39
N TYR A 262 9.26 20.37 -7.80
CA TYR A 262 8.71 21.70 -8.08
C TYR A 262 8.34 22.41 -6.79
N GLY A 263 8.40 23.74 -6.87
CA GLY A 263 7.89 24.61 -5.82
C GLY A 263 7.17 25.79 -6.46
N ALA A 264 6.49 26.55 -5.63
CA ALA A 264 5.72 27.68 -6.15
C ALA A 264 5.71 28.80 -5.13
N ASP A 265 5.28 29.98 -5.59
CA ASP A 265 5.04 31.15 -4.77
C ASP A 265 4.08 32.02 -5.55
N THR A 266 3.30 32.83 -4.82
CA THR A 266 2.40 33.76 -5.49
C THR A 266 2.63 35.18 -4.95
N SER A 267 2.62 36.17 -5.85
CA SER A 267 2.94 37.52 -5.38
C SER A 267 1.73 38.13 -4.65
N GLU A 268 2.03 38.93 -3.63
CA GLU A 268 1.00 39.52 -2.78
C GLU A 268 0.00 40.34 -3.56
N ASP A 269 0.45 40.98 -4.63
CA ASP A 269 -0.47 41.84 -5.35
C ASP A 269 -1.35 41.06 -6.34
N GLY A 270 -1.25 39.74 -6.39
CA GLY A 270 -2.06 38.97 -7.32
C GLY A 270 -1.59 38.88 -8.75
N LYS A 271 -0.43 39.50 -9.08
CA LYS A 271 0.01 39.63 -10.47
C LYS A 271 0.76 38.38 -10.96
N TYR A 272 1.54 37.73 -10.09
CA TYR A 272 2.47 36.71 -10.54
C TYR A 272 2.26 35.37 -9.83
N LEU A 273 2.43 34.33 -10.58
CA LEU A 273 2.64 32.97 -10.10
C LEU A 273 4.05 32.57 -10.46
N TYR A 274 4.82 32.09 -9.48
CA TYR A 274 6.19 31.69 -9.70
C TYR A 274 6.34 30.16 -9.61
N LEU A 275 7.16 29.60 -10.50
CA LEU A 275 7.43 28.17 -10.50
C LEU A 275 8.90 27.93 -10.29
N TYR A 276 9.25 27.13 -9.28
CA TYR A 276 10.63 26.72 -9.07
C TYR A 276 10.80 25.27 -9.51
N GLN A 277 11.95 24.93 -10.15
CA GLN A 277 12.26 23.53 -10.43
C GLN A 277 13.61 23.15 -9.84
N PHE A 278 13.69 21.94 -9.32
CA PHE A 278 14.91 21.43 -8.70
C PHE A 278 15.24 20.06 -9.30
N LYS A 279 16.50 19.85 -9.64
CA LYS A 279 16.86 18.55 -10.22
C LYS A 279 17.60 17.65 -9.25
N ASP A 280 18.06 18.17 -8.11
CA ASP A 280 18.83 17.44 -7.13
C ASP A 280 18.76 18.24 -5.83
N THR A 281 19.59 17.88 -4.87
CA THR A 281 19.68 18.61 -3.60
C THR A 281 20.71 19.72 -3.62
N SER A 282 21.33 20.02 -4.77
CA SER A 282 22.13 21.23 -4.74
C SER A 282 21.20 22.44 -4.64
N LYS A 283 21.74 23.54 -4.15
CA LYS A 283 20.92 24.74 -4.05
C LYS A 283 20.91 25.47 -5.41
N LYS A 284 20.36 24.80 -6.42
CA LYS A 284 20.26 25.40 -7.73
C LYS A 284 18.83 25.19 -8.21
N ASN A 285 18.21 26.23 -8.78
CA ASN A 285 16.84 26.00 -9.23
C ASN A 285 16.53 26.88 -10.45
N LEU A 286 15.58 26.39 -11.24
CA LEU A 286 14.95 27.22 -12.25
C LEU A 286 13.89 28.11 -11.62
N LEU A 287 13.56 29.18 -12.34
CA LEU A 287 12.59 30.15 -11.88
C LEU A 287 11.80 30.61 -13.10
N TRP A 288 10.53 30.21 -13.20
CA TRP A 288 9.65 30.67 -14.28
C TRP A 288 8.53 31.51 -13.71
N VAL A 289 8.03 32.44 -14.53
CA VAL A 289 7.10 33.42 -14.05
C VAL A 289 5.89 33.48 -14.95
N ALA A 290 4.72 33.38 -14.36
CA ALA A 290 3.49 33.52 -15.13
C ALA A 290 2.72 34.72 -14.62
N GLU A 291 2.02 35.39 -15.52
CA GLU A 291 1.10 36.45 -15.13
C GLU A 291 -0.31 35.89 -14.95
N LEU A 292 -0.92 36.22 -13.82
CA LEU A 292 -2.28 35.82 -13.50
C LEU A 292 -3.25 36.92 -13.92
N ASP A 293 -4.47 36.53 -14.24
CA ASP A 293 -5.53 37.45 -14.62
C ASP A 293 -6.81 37.04 -13.89
N GLU A 294 -7.94 37.52 -14.42
CA GLU A 294 -9.27 37.22 -13.90
C GLU A 294 -9.58 35.72 -14.01
N ASP A 295 -9.01 35.09 -15.05
CA ASP A 295 -9.11 33.66 -15.35
C ASP A 295 -8.55 32.78 -14.24
N GLY A 296 -7.79 33.36 -13.32
CA GLY A 296 -7.12 32.70 -12.22
C GLY A 296 -6.15 31.66 -12.76
N VAL A 297 -5.87 30.69 -11.89
CA VAL A 297 -4.98 29.60 -12.23
C VAL A 297 -5.73 28.65 -13.14
N LYS A 298 -5.11 28.29 -14.27
CA LYS A 298 -5.78 27.51 -15.28
C LYS A 298 -4.77 26.56 -15.92
N SER A 299 -5.28 25.51 -16.56
CA SER A 299 -4.32 24.74 -17.34
C SER A 299 -3.88 25.62 -18.51
N GLY A 300 -2.78 25.23 -19.13
CA GLY A 300 -2.24 26.00 -20.24
C GLY A 300 -1.73 27.36 -19.81
N ILE A 301 -1.22 27.48 -18.57
CA ILE A 301 -0.67 28.73 -18.09
C ILE A 301 0.59 29.07 -18.94
N HIS A 302 0.76 30.34 -19.28
CA HIS A 302 1.94 30.74 -20.04
C HIS A 302 3.12 31.07 -19.11
N TRP A 303 4.23 30.31 -19.21
CA TRP A 303 5.44 30.54 -18.40
C TRP A 303 6.47 31.41 -19.14
N ARG A 304 6.96 32.45 -18.48
CA ARG A 304 8.16 33.13 -18.93
C ARG A 304 9.34 32.48 -18.24
N LYS A 305 10.31 32.00 -19.03
CA LYS A 305 11.39 31.16 -18.51
C LYS A 305 12.57 32.06 -18.13
N VAL A 306 12.37 32.80 -17.05
CA VAL A 306 13.30 33.85 -16.64
C VAL A 306 14.67 33.28 -16.28
N VAL A 307 14.69 32.24 -15.44
CA VAL A 307 15.90 31.48 -15.13
C VAL A 307 15.67 30.09 -15.69
N ASN A 308 16.37 29.75 -16.79
CA ASN A 308 16.13 28.47 -17.45
C ASN A 308 17.40 27.60 -17.56
N GLU A 309 18.37 27.81 -16.69
CA GLU A 309 19.53 26.94 -16.61
C GLU A 309 19.81 26.73 -15.14
N TYR A 310 20.30 25.54 -14.78
CA TYR A 310 20.63 25.25 -13.38
C TYR A 310 21.99 25.86 -13.06
N ALA A 311 22.01 26.93 -12.27
CA ALA A 311 23.28 27.58 -11.99
C ALA A 311 23.36 28.15 -10.58
N ALA A 312 22.20 28.53 -10.04
CA ALA A 312 22.18 29.24 -8.76
C ALA A 312 20.84 29.03 -8.08
N ASP A 313 20.79 29.47 -6.81
CA ASP A 313 19.63 29.46 -5.93
C ASP A 313 18.90 30.78 -6.15
N TYR A 314 17.61 30.72 -6.46
CA TYR A 314 16.79 31.92 -6.56
C TYR A 314 15.52 31.72 -5.73
N ASN A 315 15.19 32.67 -4.87
CA ASN A 315 13.97 32.55 -4.06
C ASN A 315 13.31 33.92 -4.04
N ILE A 316 12.03 33.99 -4.41
CA ILE A 316 11.37 35.29 -4.53
C ILE A 316 11.17 35.88 -3.13
N ILE A 317 11.45 37.18 -2.99
CA ILE A 317 11.12 37.95 -1.77
C ILE A 317 9.80 38.70 -1.94
N THR A 318 9.69 39.52 -2.98
CA THR A 318 8.48 40.30 -3.24
C THR A 318 8.61 40.93 -4.63
N ASN A 319 7.59 41.69 -5.03
CA ASN A 319 7.72 42.51 -6.24
C ASN A 319 7.05 43.84 -6.00
N HIS A 320 7.45 44.86 -6.79
CA HIS A 320 6.70 46.10 -6.86
C HIS A 320 6.43 46.32 -8.34
N GLY A 321 5.18 46.08 -8.78
CA GLY A 321 4.93 46.08 -10.22
C GLY A 321 5.77 44.99 -10.89
N SER A 322 6.42 45.29 -12.02
CA SER A 322 7.24 44.29 -12.72
C SER A 322 8.66 44.13 -12.16
N LEU A 323 9.01 44.85 -11.08
CA LEU A 323 10.34 44.76 -10.48
C LEU A 323 10.26 43.68 -9.39
N VAL A 324 10.94 42.56 -9.61
CA VAL A 324 10.89 41.40 -8.71
C VAL A 324 12.17 41.35 -7.90
N TYR A 325 12.04 41.21 -6.56
CA TYR A 325 13.18 41.20 -5.65
C TYR A 325 13.46 39.76 -5.28
N ILE A 326 14.72 39.31 -5.41
CA ILE A 326 15.04 37.88 -5.35
C ILE A 326 16.26 37.72 -4.47
N LYS A 327 16.19 36.78 -3.51
CA LYS A 327 17.42 36.37 -2.84
C LYS A 327 18.12 35.34 -3.69
N THR A 328 19.44 35.51 -3.93
CA THR A 328 20.13 34.61 -4.84
C THR A 328 21.59 34.48 -4.44
N ASN A 329 22.20 33.37 -4.89
CA ASN A 329 23.64 33.23 -4.78
C ASN A 329 24.33 33.23 -6.15
N LEU A 330 23.65 33.76 -7.19
CA LEU A 330 24.24 33.91 -8.52
C LEU A 330 25.52 34.74 -8.46
N ASN A 331 26.67 34.13 -8.76
CA ASN A 331 27.96 34.80 -8.69
C ASN A 331 28.23 35.43 -7.32
N ALA A 332 27.68 34.80 -6.24
CA ALA A 332 27.66 35.44 -4.92
C ALA A 332 27.43 34.35 -3.87
N PRO A 333 28.46 33.59 -3.54
CA PRO A 333 28.24 32.41 -2.69
C PRO A 333 27.79 32.77 -1.27
N GLN A 334 27.91 34.03 -0.83
CA GLN A 334 27.37 34.42 0.48
C GLN A 334 25.95 34.96 0.37
N TYR A 335 25.36 34.91 -0.83
CA TYR A 335 24.01 35.37 -1.19
C TYR A 335 23.85 36.91 -1.14
N LYS A 336 22.77 37.39 -1.71
CA LYS A 336 22.54 38.84 -1.95
C LYS A 336 21.09 39.00 -2.40
N VAL A 337 20.64 40.26 -2.53
CA VAL A 337 19.30 40.50 -3.09
C VAL A 337 19.50 41.16 -4.44
N ILE A 338 18.89 40.60 -5.49
CA ILE A 338 18.89 41.26 -6.80
C ILE A 338 17.48 41.71 -7.12
N THR A 339 17.38 42.62 -8.12
CA THR A 339 16.08 42.86 -8.75
C THR A 339 16.13 42.42 -10.20
N ILE A 340 15.03 41.84 -10.69
CA ILE A 340 14.89 41.50 -12.12
C ILE A 340 13.68 42.28 -12.60
N ASP A 341 13.88 43.18 -13.55
CA ASP A 341 12.79 44.01 -14.04
C ASP A 341 12.13 43.35 -15.26
N LEU A 342 10.92 42.82 -15.08
CA LEU A 342 10.27 42.05 -16.11
C LEU A 342 9.59 42.94 -17.15
N SER A 343 9.64 44.26 -16.97
CA SER A 343 9.05 45.14 -17.98
C SER A 343 9.88 45.17 -19.25
N LYS A 344 11.07 44.62 -19.22
CA LYS A 344 11.96 44.64 -20.36
C LYS A 344 11.98 43.27 -21.03
N ASP A 345 12.22 43.28 -22.35
CA ASP A 345 12.24 42.03 -23.11
C ASP A 345 13.36 41.13 -22.61
N GLU A 346 14.55 41.69 -22.51
CA GLU A 346 15.65 41.06 -21.81
C GLU A 346 15.70 41.64 -20.43
N PRO A 347 15.26 40.91 -19.39
CA PRO A 347 15.18 41.50 -18.06
C PRO A 347 16.50 42.11 -17.63
N GLU A 348 16.39 43.28 -17.05
CA GLU A 348 17.52 43.97 -16.45
C GLU A 348 17.70 43.48 -15.00
N ILE A 349 18.92 43.06 -14.67
CA ILE A 349 19.27 42.44 -13.38
C ILE A 349 20.31 43.29 -12.66
N ARG A 350 20.03 43.66 -11.41
CA ARG A 350 20.80 44.62 -10.63
C ARG A 350 20.89 44.14 -9.17
N ASP A 351 21.97 44.47 -8.49
CA ASP A 351 22.09 44.22 -7.05
C ASP A 351 21.32 45.26 -6.28
N PHE A 352 20.40 44.81 -5.40
CA PHE A 352 19.70 45.73 -4.50
C PHE A 352 20.38 45.81 -3.16
N ILE A 353 20.67 44.64 -2.57
CA ILE A 353 21.49 44.57 -1.38
C ILE A 353 22.71 43.72 -1.76
N PRO A 354 23.92 44.28 -1.86
CA PRO A 354 25.04 43.53 -2.40
C PRO A 354 25.52 42.42 -1.45
N GLU A 355 26.22 41.50 -2.05
CA GLU A 355 26.80 40.39 -1.30
C GLU A 355 27.82 40.94 -0.32
N GLU A 356 27.80 40.40 0.88
CA GLU A 356 28.85 40.64 1.87
C GLU A 356 29.86 39.51 1.74
N LYS A 357 31.14 39.87 1.61
CA LYS A 357 32.17 38.86 1.38
C LYS A 357 32.19 37.83 2.50
N ASP A 358 31.94 38.26 3.71
CA ASP A 358 32.19 37.43 4.90
C ASP A 358 30.97 37.31 5.79
N ALA A 359 29.75 37.46 5.25
CA ALA A 359 28.60 37.17 6.08
C ALA A 359 27.50 36.69 5.14
N LYS A 360 26.85 35.59 5.52
CA LYS A 360 25.85 34.97 4.64
C LYS A 360 24.51 35.65 4.83
N LEU A 361 23.86 36.05 3.74
CA LEU A 361 22.49 36.53 3.83
C LEU A 361 21.60 35.31 3.90
N ALA A 362 21.01 35.07 5.06
CA ALA A 362 20.31 33.84 5.34
C ALA A 362 18.81 33.94 5.08
N GLN A 363 18.20 35.10 5.29
CA GLN A 363 16.76 35.24 5.09
C GLN A 363 16.49 36.71 4.84
N VAL A 364 15.55 37.00 3.91
CA VAL A 364 15.06 38.36 3.71
C VAL A 364 13.56 38.30 3.50
N ASN A 365 12.82 39.07 4.29
CA ASN A 365 11.37 39.22 4.17
C ASN A 365 11.02 40.69 3.94
N CYS A 366 10.07 40.92 3.02
CA CYS A 366 9.46 42.25 2.92
C CYS A 366 8.50 42.47 4.09
N ALA A 367 8.54 43.66 4.66
CA ALA A 367 7.69 44.03 5.79
C ALA A 367 7.09 45.42 5.61
N ASN A 368 5.86 45.60 6.10
CA ASN A 368 5.22 46.89 6.00
C ASN A 368 5.26 47.44 4.57
N GLU A 369 4.95 46.58 3.61
CA GLU A 369 4.81 46.85 2.18
C GLU A 369 6.15 47.16 1.52
N GLU A 370 7.03 47.93 2.16
CA GLU A 370 8.16 48.45 1.39
C GLU A 370 9.52 48.35 2.10
N TYR A 371 9.54 47.86 3.33
CA TYR A 371 10.79 47.63 4.05
C TYR A 371 11.25 46.19 3.91
N PHE A 372 12.49 45.95 4.28
CA PHE A 372 13.00 44.58 4.23
C PHE A 372 13.63 44.26 5.55
N VAL A 373 13.42 43.04 6.05
CA VAL A 373 14.10 42.61 7.28
C VAL A 373 15.06 41.52 6.86
N ALA A 374 16.36 41.68 7.17
CA ALA A 374 17.36 40.73 6.68
C ALA A 374 18.00 40.06 7.87
N ILE A 375 18.29 38.77 7.73
CA ILE A 375 19.10 38.03 8.70
CA ILE A 375 19.12 38.07 8.71
C ILE A 375 20.43 37.68 8.05
N TYR A 376 21.55 38.12 8.66
CA TYR A 376 22.87 37.76 8.22
C TYR A 376 23.46 36.79 9.21
N LYS A 377 24.16 35.74 8.71
CA LYS A 377 24.85 34.78 9.58
C LYS A 377 26.34 35.09 9.46
N ARG A 378 26.92 35.66 10.50
CA ARG A 378 28.34 36.07 10.51
C ARG A 378 29.01 35.25 11.61
N ASN A 379 30.02 34.44 11.24
CA ASN A 379 30.67 33.53 12.20
C ASN A 379 29.62 32.63 12.84
N VAL A 380 28.65 32.20 12.00
CA VAL A 380 27.62 31.22 12.38
C VAL A 380 26.68 31.75 13.47
N LYS A 381 26.59 33.07 13.61
CA LYS A 381 25.73 33.74 14.59
C LYS A 381 24.86 34.78 13.84
N ASP A 382 23.53 34.76 14.08
CA ASP A 382 22.63 35.59 13.28
C ASP A 382 22.55 37.00 13.81
N GLU A 383 22.39 37.94 12.86
CA GLU A 383 22.26 39.37 13.14
C GLU A 383 21.09 39.87 12.29
N ILE A 384 20.25 40.69 12.85
CA ILE A 384 18.99 41.10 12.22
C ILE A 384 19.09 42.58 11.88
N TYR A 385 18.75 42.93 10.64
CA TYR A 385 18.76 44.34 10.23
C TYR A 385 17.48 44.69 9.52
N LEU A 386 17.12 45.98 9.62
CA LEU A 386 15.97 46.59 8.94
C LEU A 386 16.49 47.46 7.80
N TYR A 387 15.95 47.29 6.61
CA TYR A 387 16.30 48.08 5.41
C TYR A 387 15.10 48.87 4.91
N SER A 388 15.37 50.05 4.36
CA SER A 388 14.36 50.85 3.69
C SER A 388 14.16 50.42 2.25
N LYS A 389 13.13 51.01 1.62
CA LYS A 389 12.80 50.72 0.24
C LYS A 389 13.91 51.14 -0.71
N ALA A 390 14.75 52.06 -0.27
CA ALA A 390 15.92 52.46 -1.05
C ALA A 390 17.14 51.58 -0.77
N GLY A 391 16.98 50.49 -0.03
CA GLY A 391 18.15 49.64 0.20
C GLY A 391 19.14 50.15 1.25
N VAL A 392 18.74 51.11 2.10
CA VAL A 392 19.58 51.65 3.16
C VAL A 392 19.38 50.81 4.40
N GLN A 393 20.48 50.31 4.94
CA GLN A 393 20.43 49.58 6.19
C GLN A 393 20.18 50.60 7.31
N LEU A 394 19.00 50.52 7.93
CA LEU A 394 18.54 51.54 8.89
C LEU A 394 19.02 51.28 10.30
N THR A 395 18.90 50.04 10.74
CA THR A 395 19.19 49.71 12.12
C THR A 395 19.44 48.22 12.25
N ARG A 396 20.20 47.89 13.30
CA ARG A 396 20.33 46.50 13.74
C ARG A 396 19.32 46.31 14.87
N LEU A 397 18.59 45.21 14.84
CA LEU A 397 17.65 44.89 15.89
C LEU A 397 18.24 43.79 16.78
N ALA A 398 17.95 43.86 18.08
CA ALA A 398 18.48 42.89 19.04
C ALA A 398 19.99 42.75 18.92
N PRO A 399 20.75 43.86 19.02
CA PRO A 399 22.20 43.77 18.75
C PRO A 399 23.00 42.90 19.72
N ASP A 400 22.47 42.58 20.90
CA ASP A 400 23.19 41.78 21.89
C ASP A 400 22.80 40.32 21.84
N PHE A 401 21.86 39.96 20.97
CA PHE A 401 21.44 38.57 20.83
C PHE A 401 22.56 37.74 20.20
N VAL A 402 22.77 36.53 20.74
CA VAL A 402 23.75 35.60 20.24
C VAL A 402 23.06 34.26 20.04
N GLY A 403 22.86 33.89 18.79
CA GLY A 403 22.25 32.62 18.47
C GLY A 403 21.63 32.60 17.10
N ALA A 404 20.49 31.95 16.95
CA ALA A 404 19.85 31.80 15.66
C ALA A 404 18.53 32.57 15.65
N ALA A 405 18.23 33.23 14.54
CA ALA A 405 17.04 34.08 14.41
C ALA A 405 16.26 33.73 13.15
N SER A 406 14.94 33.90 13.24
CA SER A 406 14.06 33.78 12.08
C SER A 406 13.00 34.87 12.14
N ILE A 407 12.39 35.16 11.01
CA ILE A 407 11.39 36.23 10.91
C ILE A 407 10.02 35.63 10.73
N ALA A 408 9.01 36.25 11.36
CA ALA A 408 7.62 35.83 11.20
C ALA A 408 6.82 37.07 10.89
N ASN A 409 6.21 37.11 9.70
CA ASN A 409 5.43 38.31 9.35
C ASN A 409 4.55 38.04 8.15
N ARG A 410 3.72 39.05 7.82
CA ARG A 410 3.00 39.11 6.56
C ARG A 410 3.35 40.45 5.95
N GLN A 411 3.80 40.43 4.67
CA GLN A 411 4.34 41.64 4.01
C GLN A 411 3.44 42.86 4.15
N LYS A 412 2.13 42.68 4.06
CA LYS A 412 1.28 43.86 4.03
C LYS A 412 1.05 44.52 5.40
N GLN A 413 1.46 43.90 6.50
CA GLN A 413 1.08 44.40 7.82
C GLN A 413 2.13 45.37 8.38
N THR A 414 1.72 46.11 9.44
CA THR A 414 2.57 47.15 10.02
C THR A 414 3.45 46.66 11.16
N HIS A 415 3.72 45.36 11.26
CA HIS A 415 4.59 44.80 12.29
C HIS A 415 5.26 43.57 11.72
N PHE A 416 6.24 43.07 12.46
CA PHE A 416 6.85 41.74 12.23
C PHE A 416 7.39 41.23 13.55
N PHE A 417 7.65 39.92 13.57
CA PHE A 417 8.21 39.29 14.74
C PHE A 417 9.53 38.64 14.40
N LEU A 418 10.38 38.53 15.40
CA LEU A 418 11.58 37.72 15.32
C LEU A 418 11.47 36.60 16.32
N THR A 419 11.85 35.39 15.88
CA THR A 419 11.94 34.28 16.83
C THR A 419 13.43 34.00 17.06
N LEU A 420 13.88 34.08 18.33
CA LEU A 420 15.28 34.07 18.71
C LEU A 420 15.55 32.92 19.67
N SER A 421 16.58 32.11 19.41
CA SER A 421 16.97 31.07 20.37
C SER A 421 18.46 30.77 20.22
N GLY A 422 19.00 30.03 21.20
CA GLY A 422 20.41 29.73 21.15
C GLY A 422 20.73 28.75 22.22
N PHE A 423 22.03 28.51 22.46
CA PHE A 423 22.38 27.46 23.41
C PHE A 423 21.86 27.73 24.80
N ASN A 424 21.81 29.00 25.20
CA ASN A 424 21.26 29.29 26.53
C ASN A 424 20.12 30.33 26.42
N THR A 425 19.41 30.38 25.27
CA THR A 425 18.25 31.26 25.05
C THR A 425 17.08 30.37 24.63
N PRO A 426 16.15 30.05 25.56
CA PRO A 426 15.12 29.03 25.27
C PRO A 426 14.16 29.41 24.18
N GLY A 427 13.86 30.71 24.00
CA GLY A 427 12.91 31.04 22.95
C GLY A 427 12.27 32.39 23.20
N THR A 428 12.78 33.41 22.56
CA THR A 428 12.29 34.79 22.75
C THR A 428 11.58 35.21 21.46
N ILE A 429 10.42 35.87 21.61
CA ILE A 429 9.66 36.36 20.47
C ILE A 429 9.68 37.88 20.60
N ALA A 430 10.31 38.56 19.65
CA ALA A 430 10.34 40.01 19.69
C ALA A 430 9.39 40.57 18.64
N ARG A 431 8.95 41.81 18.85
CA ARG A 431 7.99 42.44 17.98
C ARG A 431 8.51 43.80 17.54
N TYR A 432 8.32 44.12 16.27
CA TYR A 432 8.63 45.46 15.74
C TYR A 432 7.35 46.07 15.18
N ASP A 433 6.95 47.22 15.74
CA ASP A 433 5.65 47.82 15.40
C ASP A 433 5.97 49.13 14.70
N PHE A 434 5.76 49.18 13.37
CA PHE A 434 6.07 50.39 12.64
C PHE A 434 5.17 51.55 13.08
N THR A 435 3.99 51.28 13.65
CA THR A 435 3.10 52.39 14.02
C THR A 435 3.48 53.05 15.33
N ALA A 436 4.44 52.49 16.07
CA ALA A 436 4.82 53.02 17.36
C ALA A 436 5.77 54.21 17.18
N PRO A 437 5.95 55.04 18.22
CA PRO A 437 6.92 56.13 18.14
C PRO A 437 8.33 55.60 17.93
N GLU A 438 9.18 56.43 17.29
CA GLU A 438 10.43 55.94 16.72
C GLU A 438 11.35 55.20 17.71
N THR A 439 11.36 55.58 18.99
CA THR A 439 12.21 54.83 19.92
C THR A 439 11.47 53.68 20.62
N GLN A 440 10.20 53.47 20.31
CA GLN A 440 9.40 52.47 21.02
C GLN A 440 8.91 51.36 20.09
N ARG A 441 9.58 51.16 18.95
CA ARG A 441 9.07 50.24 17.93
C ARG A 441 9.42 48.80 18.24
N PHE A 442 10.54 48.56 18.92
CA PHE A 442 11.02 47.19 19.17
C PHE A 442 10.73 46.78 20.60
N SER A 443 10.09 45.61 20.78
CA SER A 443 9.82 45.15 22.16
C SER A 443 9.90 43.63 22.21
N ILE A 444 9.96 43.12 23.42
CA ILE A 444 9.85 41.67 23.62
C ILE A 444 8.40 41.30 23.88
N LEU A 445 7.85 40.41 23.04
CA LEU A 445 6.47 39.93 23.21
C LEU A 445 6.38 38.82 24.26
N ARG A 446 7.25 37.79 24.13
CA ARG A 446 7.23 36.64 25.04
C ARG A 446 8.64 36.12 25.22
N THR A 447 8.95 35.62 26.43
CA THR A 447 10.17 34.89 26.70
CA THR A 447 10.17 34.87 26.66
C THR A 447 9.78 33.51 27.22
N THR A 448 10.45 32.48 26.74
CA THR A 448 10.14 31.12 27.18
C THR A 448 10.79 30.88 28.53
N LYS A 449 10.00 30.42 29.51
CA LYS A 449 10.49 30.12 30.86
C LYS A 449 10.63 28.61 31.00
N VAL A 450 11.80 28.14 31.37
CA VAL A 450 12.06 26.70 31.37
C VAL A 450 11.84 26.12 32.77
N ASN A 451 12.14 24.83 32.95
CA ASN A 451 11.84 24.12 34.20
C ASN A 451 13.12 23.53 34.81
N GLU A 452 13.36 23.84 36.09
CA GLU A 452 14.49 23.35 36.87
C GLU A 452 15.80 24.01 36.45
N LEU A 453 16.13 23.90 35.17
CA LEU A 453 17.31 24.57 34.57
C LEU A 453 17.26 26.09 34.72
N ASP A 454 18.44 26.69 34.91
CA ASP A 454 18.61 28.15 34.78
C ASP A 454 19.54 28.40 33.60
N PRO A 455 19.04 28.92 32.51
CA PRO A 455 19.91 29.14 31.34
C PRO A 455 21.15 29.98 31.62
N ASP A 456 21.07 30.88 32.60
CA ASP A 456 22.21 31.70 33.01
C ASP A 456 23.36 30.90 33.60
N ASP A 457 23.10 29.64 34.02
CA ASP A 457 24.14 28.75 34.53
C ASP A 457 25.06 28.19 33.45
N PHE A 458 24.79 28.48 32.18
CA PHE A 458 25.54 27.88 31.08
C PHE A 458 26.18 28.96 30.21
N GLU A 459 27.38 28.70 29.75
CA GLU A 459 28.07 29.66 28.85
C GLU A 459 28.34 28.98 27.52
N SER A 460 28.16 29.70 26.42
CA SER A 460 28.67 29.17 25.14
C SER A 460 29.74 30.11 24.61
N THR A 461 30.77 29.55 24.02
CA THR A 461 31.82 30.35 23.42
C THR A 461 32.14 29.74 22.06
N GLN A 462 32.89 30.47 21.25
CA GLN A 462 33.27 29.97 19.92
C GLN A 462 34.77 29.99 19.86
N VAL A 463 35.36 28.84 19.54
CA VAL A 463 36.81 28.72 19.38
C VAL A 463 37.16 28.29 17.95
N TRP A 464 38.40 28.54 17.52
CA TRP A 464 38.81 28.18 16.18
C TRP A 464 39.91 27.12 16.24
N TYR A 465 39.79 26.09 15.42
CA TYR A 465 40.85 25.10 15.34
C TYR A 465 41.29 24.98 13.89
N GLU A 466 42.34 24.21 13.64
CA GLU A 466 42.85 24.08 12.28
C GLU A 466 42.65 22.66 11.80
N SER A 467 42.10 22.49 10.59
CA SER A 467 41.94 21.18 10.00
C SER A 467 43.24 20.73 9.35
N LYS A 468 43.23 19.50 8.84
CA LYS A 468 44.42 18.88 8.26
C LYS A 468 45.07 19.73 7.17
N ASP A 469 44.27 20.37 6.31
CA ASP A 469 44.79 21.14 5.19
C ASP A 469 45.10 22.60 5.57
N GLY A 470 45.01 22.95 6.86
CA GLY A 470 45.28 24.30 7.33
C GLY A 470 44.06 25.17 7.50
N THR A 471 42.89 24.71 7.01
CA THR A 471 41.70 25.55 7.08
C THR A 471 41.33 25.78 8.54
N LYS A 472 41.01 27.03 8.89
CA LYS A 472 40.53 27.36 10.23
C LYS A 472 39.01 27.17 10.30
N ILE A 473 38.54 26.45 11.32
CA ILE A 473 37.13 26.07 11.43
C ILE A 473 36.66 26.56 12.79
N PRO A 474 35.53 27.21 12.92
CA PRO A 474 35.01 27.58 14.25
C PRO A 474 34.21 26.45 14.88
N MET A 475 34.12 26.52 16.21
CA MET A 475 33.38 25.46 16.93
C MET A 475 32.74 26.10 18.15
N PHE A 476 31.46 25.86 18.33
CA PHE A 476 30.82 26.24 19.59
C PHE A 476 31.15 25.24 20.69
N ILE A 477 31.41 25.77 21.90
CA ILE A 477 31.60 24.94 23.08
C ILE A 477 30.62 25.45 24.14
N VAL A 478 29.76 24.59 24.63
CA VAL A 478 28.82 24.95 25.70
C VAL A 478 29.19 24.16 26.96
N ARG A 479 29.12 24.82 28.11
CA ARG A 479 29.41 24.12 29.38
C ARG A 479 28.54 24.73 30.48
N HIS A 480 28.25 23.92 31.51
CA HIS A 480 27.79 24.51 32.76
C HIS A 480 28.95 25.35 33.31
N LYS A 481 28.64 26.50 33.91
CA LYS A 481 29.70 27.45 34.25
C LYS A 481 30.62 26.95 35.37
N SER A 482 30.30 25.88 36.08
CA SER A 482 31.21 25.31 37.07
CA SER A 482 31.24 25.33 37.06
C SER A 482 32.19 24.31 36.45
N THR A 483 32.03 23.98 35.18
CA THR A 483 32.92 23.04 34.51
C THR A 483 34.19 23.74 34.05
N LYS A 484 35.34 23.18 34.37
CA LYS A 484 36.64 23.71 33.98
C LYS A 484 37.16 23.08 32.71
N PHE A 485 37.94 23.86 31.92
CA PHE A 485 38.67 23.29 30.77
C PHE A 485 40.08 22.89 31.24
N ASP A 486 40.12 21.81 32.00
CA ASP A 486 41.36 21.38 32.63
C ASP A 486 41.72 19.96 32.27
N GLY A 487 41.24 19.47 31.11
CA GLY A 487 41.56 18.14 30.64
C GLY A 487 40.80 17.00 31.29
N THR A 488 39.71 17.28 32.02
CA THR A 488 38.94 16.24 32.74
C THR A 488 37.48 16.08 32.24
N ALA A 489 36.90 17.07 31.57
CA ALA A 489 35.47 16.88 31.19
C ALA A 489 35.29 15.91 30.01
N ALA A 490 34.12 15.27 29.97
CA ALA A 490 33.70 14.59 28.77
C ALA A 490 33.07 15.61 27.82
N ALA A 491 33.08 15.26 26.54
CA ALA A 491 32.50 16.13 25.52
C ALA A 491 31.53 15.30 24.70
N ILE A 492 30.39 15.89 24.35
CA ILE A 492 29.55 15.34 23.29
C ILE A 492 29.71 16.25 22.09
N GLN A 493 30.23 15.72 21.01
CA GLN A 493 30.53 16.49 19.80
C GLN A 493 29.51 16.10 18.73
N TYR A 494 28.76 17.09 18.23
CA TYR A 494 27.61 16.88 17.37
C TYR A 494 27.93 17.41 15.99
N GLY A 495 27.48 16.74 14.95
CA GLY A 495 27.75 17.26 13.61
C GLY A 495 26.69 16.80 12.63
N TYR A 496 26.67 17.50 11.49
CA TYR A 496 25.84 17.08 10.37
C TYR A 496 26.70 16.95 9.12
N GLY A 497 27.21 18.07 8.59
CA GLY A 497 28.32 18.09 7.66
C GLY A 497 27.90 17.85 6.23
N GLY A 498 26.91 18.57 5.72
CA GLY A 498 26.47 18.32 4.35
C GLY A 498 25.31 19.21 3.94
N PHE A 499 25.07 19.23 2.64
CA PHE A 499 23.88 19.80 2.03
C PHE A 499 23.73 21.30 2.29
N ALA A 500 24.84 22.00 2.60
CA ALA A 500 24.82 23.42 2.89
C ALA A 500 23.98 23.72 4.10
N THR A 501 23.75 22.73 4.96
CA THR A 501 22.99 22.96 6.17
C THR A 501 23.93 23.52 7.23
N SER A 502 23.52 24.58 7.93
CA SER A 502 24.38 25.23 8.90
CA SER A 502 24.39 25.21 8.91
C SER A 502 24.17 24.61 10.29
N ALA A 503 25.26 24.39 10.99
CA ALA A 503 25.17 23.81 12.35
C ALA A 503 24.97 24.95 13.33
N ASP A 504 23.74 25.50 13.30
CA ASP A 504 23.37 26.70 14.07
C ASP A 504 23.20 26.44 15.56
N PRO A 505 23.41 27.47 16.40
CA PRO A 505 22.97 27.42 17.80
C PRO A 505 21.51 27.01 17.92
N PHE A 506 21.23 26.28 18.98
CA PHE A 506 19.84 25.86 19.22
C PHE A 506 19.73 25.57 20.71
N PHE A 507 18.50 25.57 21.21
CA PHE A 507 18.29 25.33 22.63
C PHE A 507 17.81 23.91 22.86
N SER A 508 18.50 23.17 23.74
CA SER A 508 18.08 21.82 24.12
C SER A 508 18.12 21.65 25.64
N PRO A 509 16.99 21.57 26.33
CA PRO A 509 17.07 21.40 27.78
C PRO A 509 17.65 20.06 28.13
N ILE A 510 17.46 19.06 27.30
CA ILE A 510 18.06 17.75 27.61
C ILE A 510 19.59 17.82 27.53
N ILE A 511 20.16 18.45 26.48
CA ILE A 511 21.63 18.55 26.47
C ILE A 511 22.15 19.34 27.68
N LEU A 512 21.55 20.50 27.98
CA LEU A 512 22.04 21.29 29.13
C LEU A 512 21.94 20.49 30.43
N THR A 513 20.86 19.73 30.60
CA THR A 513 20.74 18.89 31.80
C THR A 513 21.87 17.86 31.86
N PHE A 514 22.21 17.21 30.72
CA PHE A 514 23.33 16.30 30.70
C PHE A 514 24.62 17.03 31.08
N LEU A 515 24.84 18.23 30.53
CA LEU A 515 26.08 18.96 30.85
C LEU A 515 26.16 19.27 32.35
N GLN A 516 25.06 19.72 32.94
CA GLN A 516 25.08 20.03 34.36
C GLN A 516 25.20 18.77 35.22
N THR A 517 24.56 17.68 34.82
CA THR A 517 24.57 16.46 35.58
C THR A 517 25.97 15.87 35.67
N TYR A 518 26.73 15.91 34.57
CA TYR A 518 28.00 15.24 34.52
C TYR A 518 29.20 16.17 34.41
N GLY A 519 28.99 17.48 34.40
CA GLY A 519 30.16 18.34 34.15
C GLY A 519 30.80 18.14 32.79
N ALA A 520 29.99 17.81 31.78
CA ALA A 520 30.41 17.59 30.39
C ALA A 520 30.30 18.88 29.58
N ILE A 521 30.92 18.89 28.41
CA ILE A 521 30.75 20.01 27.49
C ILE A 521 30.07 19.50 26.21
N PHE A 522 29.46 20.42 25.46
CA PHE A 522 28.84 20.15 24.17
C PHE A 522 29.59 20.95 23.10
N ALA A 523 30.02 20.29 22.04
CA ALA A 523 30.87 20.90 21.02
C ALA A 523 30.19 20.78 19.66
N VAL A 524 30.10 21.89 18.93
CA VAL A 524 29.43 21.91 17.62
C VAL A 524 30.37 22.55 16.60
N PRO A 525 31.24 21.79 15.96
CA PRO A 525 32.18 22.37 14.99
C PRO A 525 31.49 22.63 13.64
N SER A 526 31.80 23.78 13.02
CA SER A 526 31.12 24.20 11.78
C SER A 526 31.86 23.62 10.57
N ILE A 527 31.77 22.30 10.41
CA ILE A 527 32.66 21.61 9.47
C ILE A 527 32.24 21.83 8.02
N ARG A 528 33.24 21.79 7.13
CA ARG A 528 32.93 21.96 5.71
C ARG A 528 31.94 20.90 5.20
N GLY A 529 31.19 21.28 4.17
CA GLY A 529 29.98 20.58 3.76
C GLY A 529 28.70 21.24 4.26
N GLY A 530 28.77 21.93 5.39
CA GLY A 530 27.71 22.81 5.85
C GLY A 530 27.66 24.08 5.06
N GLY A 531 26.68 24.91 5.39
CA GLY A 531 26.54 26.17 4.68
C GLY A 531 26.89 27.41 5.50
N GLU A 532 27.64 27.20 6.61
CA GLU A 532 27.91 28.26 7.57
C GLU A 532 28.55 29.49 6.91
N PHE A 533 29.50 29.25 6.01
CA PHE A 533 30.22 30.30 5.30
C PHE A 533 29.85 30.35 3.83
N GLY A 534 28.59 30.06 3.53
CA GLY A 534 28.07 30.22 2.20
C GLY A 534 28.40 29.01 1.35
N GLU A 535 28.13 29.16 0.05
CA GLU A 535 28.20 28.01 -0.84
C GLU A 535 29.61 27.47 -1.02
N GLU A 536 30.64 28.31 -0.86
CA GLU A 536 32.02 27.77 -0.91
C GLU A 536 32.32 26.84 0.26
N TRP A 537 31.67 27.09 1.40
CA TRP A 537 31.85 26.21 2.54
C TRP A 537 31.24 24.84 2.24
N HIS A 538 30.08 24.85 1.60
CA HIS A 538 29.47 23.58 1.13
C HIS A 538 30.35 22.86 0.09
N LYS A 539 30.85 23.60 -0.93
CA LYS A 539 31.72 23.00 -1.94
C LYS A 539 33.01 22.45 -1.37
N GLY A 540 33.47 22.96 -0.21
CA GLY A 540 34.65 22.48 0.50
C GLY A 540 34.46 21.12 1.17
N GLY A 541 33.25 20.62 1.18
CA GLY A 541 32.97 19.26 1.68
C GLY A 541 31.86 18.56 0.94
N ARG A 542 32.03 18.33 -0.37
CA ARG A 542 31.03 17.57 -1.11
C ARG A 542 31.70 16.92 -2.32
N ARG A 543 31.16 15.75 -2.71
CA ARG A 543 31.65 14.99 -3.84
C ARG A 543 33.13 14.79 -3.64
N GLU A 544 34.00 15.28 -4.54
CA GLU A 544 35.42 14.92 -4.43
C GLU A 544 36.11 15.52 -3.21
N THR A 545 35.51 16.51 -2.55
CA THR A 545 36.10 17.08 -1.34
C THR A 545 35.40 16.57 -0.08
N LYS A 546 34.51 15.59 -0.21
CA LYS A 546 33.76 15.15 0.98
C LYS A 546 34.70 14.67 2.08
N VAL A 547 35.89 14.17 1.72
CA VAL A 547 36.83 13.77 2.76
C VAL A 547 37.12 14.90 3.74
N ASN A 548 37.05 16.16 3.29
CA ASN A 548 37.31 17.28 4.21
C ASN A 548 36.32 17.34 5.37
N THR A 549 35.06 16.94 5.14
CA THR A 549 34.09 16.95 6.23
C THR A 549 34.57 16.07 7.36
N PHE A 550 35.03 14.86 7.00
CA PHE A 550 35.51 13.90 8.00
C PHE A 550 36.78 14.42 8.63
N ASP A 551 37.73 14.97 7.82
CA ASP A 551 38.93 15.52 8.45
C ASP A 551 38.59 16.66 9.39
N ASP A 552 37.63 17.50 8.99
CA ASP A 552 37.30 18.60 9.90
C ASP A 552 36.74 18.04 11.21
N PHE A 553 35.89 17.01 11.12
CA PHE A 553 35.23 16.52 12.33
C PHE A 553 36.20 15.79 13.27
N ILE A 554 37.12 15.05 12.68
CA ILE A 554 38.16 14.38 13.43
C ILE A 554 39.13 15.39 14.04
N ALA A 555 39.57 16.39 13.26
CA ALA A 555 40.42 17.43 13.86
C ALA A 555 39.74 18.15 15.02
N ALA A 556 38.41 18.33 14.99
CA ALA A 556 37.76 18.98 16.11
C ALA A 556 37.93 18.15 17.38
N ALA A 557 37.74 16.85 17.26
CA ALA A 557 37.82 16.00 18.46
C ALA A 557 39.26 15.96 19.01
N GLN A 558 40.22 15.98 18.12
CA GLN A 558 41.63 15.97 18.52
C GLN A 558 42.01 17.26 19.21
N PHE A 559 41.46 18.38 18.72
CA PHE A 559 41.67 19.71 19.32
C PHE A 559 41.07 19.80 20.70
N LEU A 560 39.88 19.21 20.91
CA LEU A 560 39.29 19.29 22.25
C LEU A 560 40.18 18.65 23.29
N VAL A 561 40.81 17.52 22.94
CA VAL A 561 41.65 16.83 23.91
C VAL A 561 43.01 17.53 24.01
N LYS A 562 43.62 17.86 22.85
CA LYS A 562 44.93 18.52 22.84
C LYS A 562 44.96 19.82 23.64
N ASN A 563 43.88 20.59 23.58
N ASN A 563 43.89 20.63 23.55
CA ASN A 563 43.83 21.89 24.24
CA ASN A 563 43.81 21.91 24.23
C ASN A 563 43.06 21.83 25.54
C ASN A 563 43.08 21.84 25.56
N LYS A 564 42.87 20.63 26.09
CA LYS A 564 42.34 20.38 27.46
C LYS A 564 40.90 20.87 27.66
N TYR A 565 40.12 20.99 26.60
CA TYR A 565 38.69 21.16 26.80
C TYR A 565 38.07 19.88 27.35
N ALA A 566 38.57 18.74 26.89
CA ALA A 566 38.01 17.45 27.25
C ALA A 566 39.12 16.49 27.62
N ALA A 567 38.77 15.45 28.35
CA ALA A 567 39.76 14.46 28.75
C ALA A 567 40.12 13.52 27.60
N PRO A 568 41.34 12.97 27.60
CA PRO A 568 41.66 11.95 26.60
C PRO A 568 40.66 10.79 26.62
N GLY A 569 40.26 10.34 25.43
CA GLY A 569 39.29 9.26 25.26
C GLY A 569 37.86 9.56 25.72
N LYS A 570 37.53 10.82 26.01
CA LYS A 570 36.19 11.12 26.54
C LYS A 570 35.43 12.07 25.61
N VAL A 571 35.75 12.07 24.31
CA VAL A 571 34.92 12.75 23.30
C VAL A 571 33.96 11.73 22.66
N ALA A 572 32.65 11.95 22.84
CA ALA A 572 31.66 11.12 22.15
C ALA A 572 31.09 11.91 20.98
N ILE A 573 30.70 11.19 19.91
CA ILE A 573 30.16 11.87 18.74
C ILE A 573 28.76 11.39 18.46
N ASN A 574 27.94 12.32 17.95
CA ASN A 574 26.56 12.01 17.65
C ASN A 574 26.11 12.86 16.46
N GLY A 575 25.21 12.27 15.65
CA GLY A 575 24.69 12.95 14.44
C GLY A 575 23.62 12.07 13.83
N ALA A 576 22.77 12.70 12.99
CA ALA A 576 21.61 12.03 12.42
C ALA A 576 21.52 12.25 10.91
N SER A 577 21.08 11.21 10.18
CA SER A 577 20.97 11.21 8.72
C SER A 577 22.33 11.47 8.08
N ASN A 578 22.55 12.60 7.39
CA ASN A 578 23.91 12.87 6.95
C ASN A 578 24.90 12.84 8.14
N GLY A 579 24.45 13.28 9.32
CA GLY A 579 25.29 13.27 10.50
C GLY A 579 25.58 11.86 11.01
N GLY A 580 24.70 10.90 10.71
CA GLY A 580 24.99 9.50 11.00
C GLY A 580 26.07 8.94 10.10
N LEU A 581 26.07 9.34 8.81
CA LEU A 581 27.19 9.02 7.92
C LEU A 581 28.48 9.59 8.45
N LEU A 582 28.43 10.87 8.91
CA LEU A 582 29.58 11.53 9.52
C LEU A 582 30.17 10.73 10.68
N VAL A 583 29.29 10.29 11.58
CA VAL A 583 29.73 9.51 12.75
C VAL A 583 30.31 8.15 12.30
N MET A 584 29.63 7.45 11.40
CA MET A 584 30.09 6.12 11.02
C MET A 584 31.40 6.21 10.25
N GLY A 585 31.51 7.15 9.30
CA GLY A 585 32.80 7.30 8.62
C GLY A 585 33.88 7.79 9.54
N SER A 586 33.54 8.63 10.52
CA SER A 586 34.58 9.13 11.43
C SER A 586 35.18 8.01 12.28
N ILE A 587 34.36 7.09 12.78
CA ILE A 587 34.97 6.10 13.69
C ILE A 587 35.82 5.13 12.88
N VAL A 588 35.49 4.93 11.61
CA VAL A 588 36.31 4.09 10.74
C VAL A 588 37.66 4.77 10.42
N ARG A 589 37.65 6.07 10.19
CA ARG A 589 38.84 6.78 9.67
C ARG A 589 39.77 7.26 10.75
N ALA A 590 39.24 7.68 11.90
CA ALA A 590 40.08 8.34 12.91
C ALA A 590 41.04 7.37 13.59
N PRO A 591 42.19 7.90 14.10
CA PRO A 591 43.11 7.05 14.87
C PRO A 591 42.36 6.40 16.02
N GLU A 592 42.78 5.17 16.31
CA GLU A 592 42.24 4.46 17.45
C GLU A 592 42.32 5.34 18.70
N GLY A 593 41.20 5.41 19.44
CA GLY A 593 41.13 6.18 20.67
C GLY A 593 40.70 7.63 20.48
N THR A 594 40.45 8.06 19.24
CA THR A 594 40.03 9.45 19.05
C THR A 594 38.70 9.71 19.73
N PHE A 595 37.81 8.72 19.69
CA PHE A 595 36.48 8.87 20.26
C PHE A 595 36.28 7.86 21.37
N GLY A 596 35.47 8.20 22.36
CA GLY A 596 35.14 7.25 23.41
C GLY A 596 33.75 6.66 23.30
N ALA A 597 32.88 7.23 22.47
CA ALA A 597 31.55 6.64 22.22
C ALA A 597 31.08 7.21 20.92
N ALA A 598 30.14 6.50 20.26
CA ALA A 598 29.59 6.98 18.99
C ALA A 598 28.12 6.57 18.90
N VAL A 599 27.26 7.52 18.54
CA VAL A 599 25.82 7.27 18.34
C VAL A 599 25.40 7.84 16.99
N PRO A 600 25.54 7.06 15.91
CA PRO A 600 24.99 7.49 14.61
C PRO A 600 23.51 7.18 14.57
N GLU A 601 22.72 8.14 14.13
CA GLU A 601 21.28 7.97 14.09
C GLU A 601 20.83 7.94 12.63
N GLY A 602 20.35 6.78 12.19
CA GLY A 602 19.79 6.73 10.85
C GLY A 602 20.66 7.25 9.72
N GLY A 603 21.91 6.85 9.70
CA GLY A 603 22.81 7.36 8.68
C GLY A 603 22.88 6.55 7.37
N VAL A 604 23.36 7.21 6.31
CA VAL A 604 23.91 6.49 5.16
C VAL A 604 25.23 5.82 5.59
N ALA A 605 25.47 4.58 5.12
CA ALA A 605 26.76 3.93 5.37
C ALA A 605 27.29 3.12 4.21
N ASP A 606 26.41 2.64 3.31
CA ASP A 606 26.82 2.02 2.06
C ASP A 606 26.83 3.12 1.00
N LEU A 607 27.98 3.77 0.85
CA LEU A 607 28.10 4.83 -0.14
C LEU A 607 28.28 4.30 -1.56
N LEU A 608 28.36 2.96 -1.75
CA LEU A 608 28.35 2.44 -3.12
C LEU A 608 26.95 2.16 -3.67
N LYS A 609 25.96 1.99 -2.80
CA LYS A 609 24.63 1.57 -3.21
C LYS A 609 23.55 2.56 -2.83
N PHE A 610 23.91 3.70 -2.23
CA PHE A 610 22.87 4.58 -1.67
C PHE A 610 21.91 5.07 -2.74
N HIS A 611 22.38 5.25 -3.97
CA HIS A 611 21.53 5.82 -5.02
C HIS A 611 20.60 4.77 -5.64
N LYS A 612 20.70 3.52 -5.21
CA LYS A 612 19.84 2.44 -5.69
C LYS A 612 18.56 2.31 -4.89
N PHE A 613 18.36 3.15 -3.87
CA PHE A 613 17.21 3.02 -2.98
C PHE A 613 16.46 4.36 -2.91
N THR A 614 15.14 4.26 -2.71
CA THR A 614 14.22 5.40 -2.52
C THR A 614 14.69 6.79 -2.92
N GLY A 615 14.99 7.54 -1.86
CA GLY A 615 15.44 8.91 -1.91
C GLY A 615 16.93 9.07 -2.07
N GLY A 616 17.66 8.00 -2.48
CA GLY A 616 19.11 8.10 -2.62
C GLY A 616 19.59 8.90 -3.83
N GLN A 617 18.83 8.88 -4.92
CA GLN A 617 19.24 9.56 -6.15
C GLN A 617 19.55 11.03 -5.95
N ALA A 618 18.77 11.70 -5.11
CA ALA A 618 18.91 13.15 -4.99
C ALA A 618 20.26 13.50 -4.39
N TRP A 619 20.87 12.58 -3.62
CA TRP A 619 22.14 12.75 -2.92
C TRP A 619 23.38 12.57 -3.77
N ILE A 620 23.24 12.16 -5.03
CA ILE A 620 24.39 12.11 -5.92
C ILE A 620 25.05 13.46 -6.01
N SER A 621 24.27 14.55 -5.95
CA SER A 621 24.88 15.89 -5.96
C SER A 621 25.79 16.11 -4.76
N GLU A 622 25.54 15.42 -3.63
CA GLU A 622 26.34 15.59 -2.41
C GLU A 622 27.52 14.61 -2.34
N TYR A 623 27.35 13.37 -2.80
CA TYR A 623 28.42 12.37 -2.59
C TYR A 623 29.08 11.91 -3.88
N GLY A 624 28.50 12.18 -5.03
CA GLY A 624 28.98 11.63 -6.28
C GLY A 624 28.16 10.42 -6.68
N ASN A 625 28.46 9.92 -7.87
CA ASN A 625 27.71 8.81 -8.44
C ASN A 625 28.62 7.58 -8.51
N PRO A 626 28.37 6.54 -7.71
CA PRO A 626 29.25 5.34 -7.72
C PRO A 626 29.36 4.66 -9.07
N SER A 627 28.41 4.89 -9.96
CA SER A 627 28.38 4.29 -11.29
CA SER A 627 28.40 4.26 -11.27
C SER A 627 29.23 5.03 -12.31
N ILE A 628 29.85 6.13 -11.92
CA ILE A 628 30.78 6.87 -12.78
C ILE A 628 32.19 6.55 -12.29
N PRO A 629 33.07 6.01 -13.15
CA PRO A 629 34.37 5.50 -12.65
C PRO A 629 35.24 6.51 -11.93
N GLU A 630 35.27 7.76 -12.40
CA GLU A 630 36.11 8.76 -11.73
C GLU A 630 35.58 9.07 -10.32
N GLU A 631 34.27 8.97 -10.15
CA GLU A 631 33.64 9.33 -8.86
C GLU A 631 33.66 8.15 -7.90
N PHE A 632 33.51 6.93 -8.41
CA PHE A 632 33.75 5.74 -7.59
C PHE A 632 35.12 5.81 -6.94
N ASP A 633 36.14 6.37 -7.63
CA ASP A 633 37.47 6.37 -7.04
C ASP A 633 37.62 7.24 -5.80
N TYR A 634 36.76 8.26 -5.63
CA TYR A 634 36.80 9.03 -4.40
C TYR A 634 35.69 8.65 -3.41
N ILE A 635 34.70 7.91 -3.87
CA ILE A 635 33.62 7.45 -2.99
C ILE A 635 34.04 6.20 -2.22
N TYR A 636 34.60 5.24 -2.93
CA TYR A 636 34.94 3.95 -2.31
C TYR A 636 35.86 4.09 -1.09
N PRO A 637 36.90 4.91 -1.09
CA PRO A 637 37.72 5.04 0.13
C PRO A 637 37.01 5.67 1.33
N LEU A 638 35.85 6.30 1.11
CA LEU A 638 35.11 6.99 2.18
C LEU A 638 33.94 6.18 2.67
N SER A 639 33.54 5.17 1.93
CA SER A 639 32.31 4.44 2.26
C SER A 639 32.45 3.65 3.55
N PRO A 640 31.69 3.96 4.62
CA PRO A 640 31.98 3.29 5.91
C PRO A 640 31.85 1.76 5.84
N VAL A 641 30.86 1.24 5.13
CA VAL A 641 30.67 -0.20 5.05
C VAL A 641 31.84 -0.91 4.39
N HIS A 642 32.62 -0.20 3.58
CA HIS A 642 33.70 -0.84 2.85
C HIS A 642 35.06 -0.52 3.44
N ASN A 643 35.12 0.08 4.62
CA ASN A 643 36.42 0.47 5.14
C ASN A 643 36.58 0.09 6.61
N VAL A 644 35.80 -0.85 7.07
CA VAL A 644 35.99 -1.37 8.43
C VAL A 644 37.22 -2.26 8.44
N ARG A 645 38.11 -2.03 9.39
CA ARG A 645 39.33 -2.83 9.53
C ARG A 645 39.14 -3.88 10.62
N THR A 646 40.10 -4.82 10.68
CA THR A 646 40.11 -5.81 11.76
C THR A 646 41.10 -5.47 12.88
N ASP A 647 41.92 -4.43 12.73
CA ASP A 647 43.02 -4.18 13.66
C ASP A 647 42.84 -2.92 14.49
N LYS A 648 41.66 -2.29 14.48
CA LYS A 648 41.47 -1.04 15.22
C LYS A 648 40.36 -1.25 16.24
N VAL A 649 40.64 -0.87 17.48
CA VAL A 649 39.61 -0.89 18.52
C VAL A 649 38.60 0.21 18.21
N MET A 650 37.31 -0.16 18.20
CA MET A 650 36.23 0.77 17.97
C MET A 650 35.67 1.29 19.30
N PRO A 651 35.24 2.56 19.38
CA PRO A 651 34.53 3.02 20.58
C PRO A 651 33.21 2.28 20.74
N ALA A 652 32.73 2.28 21.98
CA ALA A 652 31.33 1.88 22.26
C ALA A 652 30.40 2.60 21.26
N THR A 653 29.57 1.82 20.56
CA THR A 653 28.74 2.38 19.49
C THR A 653 27.32 1.90 19.67
N LEU A 654 26.39 2.86 19.69
CA LEU A 654 24.96 2.51 19.74
C LEU A 654 24.37 3.13 18.48
N ILE A 655 24.06 2.33 17.47
CA ILE A 655 23.44 2.83 16.24
C ILE A 655 21.93 2.85 16.49
N THR A 656 21.27 3.96 16.18
CA THR A 656 19.80 4.00 16.33
C THR A 656 19.15 4.16 14.95
N VAL A 657 18.03 3.48 14.77
CA VAL A 657 17.39 3.45 13.46
C VAL A 657 15.91 3.69 13.67
N ASN A 658 15.35 4.69 12.98
CA ASN A 658 13.90 4.89 12.90
C ASN A 658 13.47 4.56 11.47
N ILE A 659 12.39 3.82 11.34
CA ILE A 659 11.79 3.34 10.10
C ILE A 659 10.76 4.38 9.67
N GLY A 660 10.61 4.65 8.38
CA GLY A 660 9.49 5.51 7.99
C GLY A 660 9.71 6.24 6.69
N ALA A 661 8.69 6.99 6.33
CA ALA A 661 8.69 7.69 5.06
C ALA A 661 9.76 8.79 5.06
N GLY A 662 10.49 8.88 3.96
CA GLY A 662 11.46 9.94 3.81
C GLY A 662 12.72 9.73 4.60
N ARG A 663 12.90 8.57 5.25
CA ARG A 663 14.09 8.33 6.03
C ARG A 663 15.03 7.47 5.23
N VAL A 664 16.33 7.63 5.51
CA VAL A 664 17.34 6.78 4.89
C VAL A 664 16.98 5.32 5.13
N VAL A 665 17.05 4.50 4.07
CA VAL A 665 16.65 3.10 4.27
C VAL A 665 17.58 2.45 5.30
N PRO A 666 17.07 1.59 6.17
CA PRO A 666 17.86 1.12 7.34
C PRO A 666 18.94 0.11 6.98
N MET A 667 18.94 -0.43 5.75
CA MET A 667 19.99 -1.36 5.37
C MET A 667 21.38 -0.73 5.53
N HIS A 668 21.46 0.60 5.40
CA HIS A 668 22.77 1.24 5.66
C HIS A 668 23.31 0.87 7.04
N SER A 669 22.53 1.22 8.07
CA SER A 669 22.90 0.91 9.44
C SER A 669 23.02 -0.60 9.65
N PHE A 670 22.13 -1.40 9.02
CA PHE A 670 22.20 -2.85 9.25
C PHE A 670 23.52 -3.42 8.75
N LYS A 671 23.88 -3.10 7.50
CA LYS A 671 25.14 -3.58 6.95
C LYS A 671 26.32 -3.05 7.77
N PHE A 672 26.25 -1.78 8.21
CA PHE A 672 27.40 -1.27 8.95
C PHE A 672 27.61 -2.03 10.26
N ILE A 673 26.53 -2.23 11.02
CA ILE A 673 26.74 -2.93 12.28
C ILE A 673 27.08 -4.42 12.03
N ALA A 674 26.53 -5.03 11.00
CA ALA A 674 26.89 -6.43 10.73
C ALA A 674 28.36 -6.51 10.39
N THR A 675 28.86 -5.52 9.65
CA THR A 675 30.27 -5.50 9.23
C THR A 675 31.18 -5.24 10.43
N LEU A 676 30.79 -4.31 11.34
CA LEU A 676 31.57 -4.12 12.57
C LEU A 676 31.64 -5.41 13.38
N GLN A 677 30.46 -6.03 13.63
CA GLN A 677 30.47 -7.23 14.46
C GLN A 677 31.18 -8.39 13.75
N HIS A 678 31.24 -8.40 12.42
CA HIS A 678 32.01 -9.45 11.73
C HIS A 678 33.51 -9.17 11.82
N ASN A 679 33.91 -7.91 11.70
CA ASN A 679 35.34 -7.64 11.60
C ASN A 679 36.05 -7.55 12.96
N VAL A 680 35.39 -7.02 14.00
CA VAL A 680 35.96 -6.93 15.36
C VAL A 680 34.98 -7.54 16.36
N PRO A 681 34.64 -8.83 16.22
CA PRO A 681 33.67 -9.41 17.15
C PRO A 681 34.09 -9.30 18.61
N GLN A 682 35.39 -9.38 18.89
CA GLN A 682 35.89 -9.30 20.26
C GLN A 682 36.20 -7.87 20.69
N ASN A 683 35.68 -6.87 19.97
CA ASN A 683 35.88 -5.51 20.42
C ASN A 683 35.61 -5.39 21.92
N PRO A 684 36.41 -4.64 22.66
CA PRO A 684 36.20 -4.56 24.12
C PRO A 684 34.99 -3.76 24.50
N HIS A 685 34.50 -2.92 23.61
CA HIS A 685 33.38 -2.06 23.81
C HIS A 685 32.19 -2.51 22.94
N PRO A 686 30.96 -2.36 23.44
CA PRO A 686 29.83 -2.96 22.74
C PRO A 686 29.52 -2.20 21.46
N LEU A 687 29.15 -2.93 20.40
CA LEU A 687 28.79 -2.40 19.09
C LEU A 687 27.36 -2.85 18.87
N LEU A 688 26.39 -1.95 19.08
CA LEU A 688 24.99 -2.33 19.24
C LEU A 688 24.12 -1.53 18.28
N ILE A 689 22.93 -2.07 17.99
CA ILE A 689 21.98 -1.33 17.16
C ILE A 689 20.59 -1.48 17.76
N LYS A 690 19.85 -0.36 17.82
CA LYS A 690 18.49 -0.30 18.38
C LYS A 690 17.56 0.21 17.28
N ILE A 691 16.49 -0.52 16.97
CA ILE A 691 15.62 -0.22 15.83
C ILE A 691 14.24 0.05 16.39
N ASP A 692 13.65 1.15 15.98
CA ASP A 692 12.23 1.44 16.28
C ASP A 692 11.45 1.11 15.03
N LYS A 693 10.62 0.07 15.11
CA LYS A 693 9.97 -0.50 13.94
C LYS A 693 8.65 0.20 13.61
N SER A 694 8.24 1.19 14.38
CA SER A 694 7.04 1.94 13.98
C SER A 694 7.30 2.68 12.66
N TRP A 695 6.40 2.55 11.68
CA TRP A 695 6.63 3.22 10.40
C TRP A 695 6.14 4.67 10.49
N LEU A 696 7.04 5.62 10.79
CA LEU A 696 6.64 7.02 10.88
C LEU A 696 6.20 7.54 9.52
N GLY A 697 5.06 8.25 9.45
CA GLY A 697 4.71 8.87 8.18
C GLY A 697 5.55 10.11 7.90
N HIS A 698 5.38 10.70 6.71
CA HIS A 698 6.15 11.90 6.38
C HIS A 698 6.00 12.98 7.40
N GLY A 699 7.12 13.48 7.90
CA GLY A 699 7.11 14.60 8.81
C GLY A 699 6.67 14.28 10.21
N MET A 700 6.39 13.00 10.51
CA MET A 700 5.89 12.62 11.82
C MET A 700 7.05 12.34 12.78
N GLY A 701 6.85 12.77 14.02
CA GLY A 701 7.74 12.43 15.11
C GLY A 701 7.18 11.32 15.98
N LYS A 702 7.98 10.90 16.95
CA LYS A 702 7.48 9.95 17.95
C LYS A 702 6.76 10.69 19.05
N PRO A 703 5.95 9.98 19.87
CA PRO A 703 5.36 10.65 21.04
C PRO A 703 6.43 11.16 21.97
N THR A 704 6.08 12.21 22.71
CA THR A 704 7.05 12.82 23.62
C THR A 704 7.63 11.81 24.61
N ASP A 705 6.78 10.94 25.18
CA ASP A 705 7.32 10.04 26.20
C ASP A 705 8.35 9.07 25.62
N LYS A 706 8.14 8.62 24.38
CA LYS A 706 9.14 7.80 23.69
C LYS A 706 10.40 8.59 23.38
N ASN A 707 10.27 9.85 22.97
CA ASN A 707 11.44 10.68 22.73
C ASN A 707 12.28 10.82 24.01
N VAL A 708 11.63 11.02 25.16
CA VAL A 708 12.39 11.14 26.42
C VAL A 708 13.12 9.82 26.72
N LYS A 709 12.42 8.70 26.52
CA LYS A 709 13.02 7.40 26.80
C LYS A 709 14.22 7.17 25.89
N ASP A 710 14.06 7.51 24.60
CA ASP A 710 15.15 7.31 23.64
C ASP A 710 16.34 8.21 23.99
N ALA A 711 16.06 9.45 24.43
CA ALA A 711 17.13 10.37 24.82
C ALA A 711 17.89 9.82 26.03
N ALA A 712 17.16 9.28 27.02
CA ALA A 712 17.82 8.75 28.20
C ALA A 712 18.69 7.56 27.82
N ASP A 713 18.18 6.71 26.92
CA ASP A 713 19.00 5.59 26.45
C ASP A 713 20.29 6.07 25.77
N LYS A 714 20.15 7.02 24.82
CA LYS A 714 21.31 7.52 24.06
C LYS A 714 22.35 8.18 24.98
N TRP A 715 21.91 9.15 25.80
CA TRP A 715 22.87 9.87 26.62
CA TRP A 715 22.84 9.88 26.65
C TRP A 715 23.38 9.02 27.78
N GLY A 716 22.55 8.09 28.29
CA GLY A 716 23.04 7.17 29.30
C GLY A 716 24.06 6.19 28.76
N PHE A 717 23.87 5.73 27.52
CA PHE A 717 24.83 4.84 26.88
C PHE A 717 26.17 5.57 26.79
N ILE A 718 26.10 6.82 26.36
CA ILE A 718 27.33 7.60 26.24
C ILE A 718 27.95 7.80 27.61
N ALA A 719 27.15 8.18 28.61
CA ALA A 719 27.74 8.43 29.93
C ALA A 719 28.45 7.19 30.45
N ARG A 720 27.83 6.04 30.30
CA ARG A 720 28.48 4.82 30.83
C ARG A 720 29.72 4.43 30.03
N ALA A 721 29.66 4.59 28.70
CA ALA A 721 30.84 4.36 27.85
C ALA A 721 32.03 5.22 28.24
N LEU A 722 31.79 6.49 28.60
CA LEU A 722 32.86 7.40 29.00
C LEU A 722 33.22 7.30 30.48
N GLY A 723 32.58 6.40 31.23
CA GLY A 723 32.86 6.24 32.64
C GLY A 723 32.29 7.30 33.55
N LEU A 724 31.25 8.00 33.14
CA LEU A 724 30.71 9.09 33.94
C LEU A 724 29.68 8.54 34.91
N GLU A 725 29.72 9.06 36.14
CA GLU A 725 28.92 8.55 37.24
C GLU A 725 28.01 9.66 37.75
N LEU A 726 26.83 9.27 38.20
CA LEU A 726 25.91 10.23 38.79
C LEU A 726 26.42 10.69 40.15
N LYS A 727 26.65 11.99 40.29
CA LYS A 727 27.23 12.57 41.52
C LYS A 727 26.20 12.61 42.64
N TRP B 6 16.56 -28.23 -23.73
CA TRP B 6 16.46 -28.53 -22.29
C TRP B 6 16.94 -29.94 -22.04
N ALA B 7 17.53 -30.16 -20.87
CA ALA B 7 17.91 -31.53 -20.50
C ALA B 7 17.72 -31.72 -19.00
N PRO B 8 17.51 -32.98 -18.58
CA PRO B 8 17.36 -33.25 -17.14
C PRO B 8 18.48 -32.63 -16.32
N GLY B 9 18.12 -32.09 -15.15
CA GLY B 9 19.05 -31.48 -14.23
C GLY B 9 19.38 -30.01 -14.52
N ASN B 10 18.86 -29.42 -15.59
CA ASN B 10 19.32 -28.07 -15.95
C ASN B 10 18.43 -26.98 -15.33
N TYR B 11 18.26 -27.03 -14.06
CA TYR B 11 17.33 -26.10 -13.41
C TYR B 11 18.09 -24.96 -12.74
N PRO B 12 17.46 -23.80 -12.53
CA PRO B 12 18.14 -22.76 -11.75
C PRO B 12 18.55 -23.31 -10.37
N SER B 13 19.70 -22.87 -9.89
CA SER B 13 20.06 -23.23 -8.53
C SER B 13 19.08 -22.58 -7.53
N THR B 14 18.65 -23.36 -6.54
CA THR B 14 17.74 -22.83 -5.52
C THR B 14 18.39 -23.04 -4.15
N ARG B 15 18.76 -21.92 -3.50
CA ARG B 15 19.32 -21.98 -2.16
C ARG B 15 18.42 -22.76 -1.20
N ARG B 16 19.05 -23.53 -0.32
CA ARG B 16 18.40 -24.28 0.74
C ARG B 16 18.83 -23.71 2.08
N SER B 17 17.89 -23.21 2.86
CA SER B 17 18.23 -22.68 4.17
C SER B 17 18.23 -23.78 5.21
N ASP B 18 18.65 -23.40 6.41
CA ASP B 18 18.66 -24.28 7.57
C ASP B 18 17.33 -24.25 8.32
N HIS B 19 16.34 -23.54 7.81
CA HIS B 19 15.13 -23.33 8.58
C HIS B 19 14.47 -24.67 8.91
N VAL B 20 14.11 -24.83 10.19
CA VAL B 20 13.36 -25.99 10.65
C VAL B 20 12.18 -25.49 11.47
N ASP B 21 11.00 -26.03 11.18
CA ASP B 21 9.79 -25.79 11.96
C ASP B 21 9.46 -27.05 12.76
N THR B 22 8.99 -26.85 13.98
CA THR B 22 8.62 -27.96 14.85
C THR B 22 7.11 -27.98 15.04
N TYR B 23 6.50 -29.14 14.83
CA TYR B 23 5.06 -29.26 15.04
C TYR B 23 4.79 -30.31 16.11
N GLN B 24 3.59 -30.23 16.67
CA GLN B 24 3.16 -31.16 17.69
C GLN B 24 2.21 -32.15 17.02
N SER B 25 2.59 -33.43 17.05
CA SER B 25 1.82 -34.53 16.52
C SER B 25 1.10 -35.27 17.64
N ALA B 26 -0.17 -35.63 17.40
CA ALA B 26 -0.88 -36.43 18.41
C ALA B 26 -0.20 -37.77 18.62
N SER B 27 0.18 -38.47 17.54
CA SER B 27 0.69 -39.83 17.68
C SER B 27 2.19 -39.91 17.90
N LYS B 28 2.97 -38.91 17.52
CA LYS B 28 4.42 -39.03 17.55
C LYS B 28 5.07 -37.94 18.37
N GLY B 29 4.29 -37.08 19.03
CA GLY B 29 4.89 -36.03 19.81
C GLY B 29 5.51 -35.01 18.87
N GLU B 30 6.63 -34.45 19.30
CA GLU B 30 7.24 -33.31 18.62
C GLU B 30 7.83 -33.74 17.28
N VAL B 31 7.45 -33.07 16.19
CA VAL B 31 7.93 -33.45 14.86
C VAL B 31 8.69 -32.30 14.21
N PRO B 32 10.00 -32.45 13.99
CA PRO B 32 10.78 -31.42 13.29
C PRO B 32 10.63 -31.56 11.78
N VAL B 33 10.30 -30.45 11.13
CA VAL B 33 10.02 -30.40 9.70
C VAL B 33 10.97 -29.39 9.06
N PRO B 34 12.03 -29.86 8.40
CA PRO B 34 12.90 -28.97 7.63
C PRO B 34 12.12 -28.20 6.57
N ASP B 35 12.37 -26.90 6.45
CA ASP B 35 11.71 -26.09 5.44
C ASP B 35 12.78 -25.28 4.74
N PRO B 36 13.61 -25.93 3.92
CA PRO B 36 14.75 -25.24 3.29
C PRO B 36 14.35 -24.15 2.33
N TYR B 37 13.10 -24.18 1.81
CA TYR B 37 12.64 -23.14 0.89
C TYR B 37 11.74 -22.11 1.58
N GLN B 38 11.89 -21.98 2.92
CA GLN B 38 11.14 -20.96 3.63
C GLN B 38 11.35 -19.59 2.99
N TRP B 39 12.57 -19.34 2.49
CA TRP B 39 12.85 -18.02 1.95
C TRP B 39 12.00 -17.70 0.73
N LEU B 40 11.48 -18.71 0.04
CA LEU B 40 10.56 -18.41 -1.06
C LEU B 40 9.18 -17.89 -0.59
N GLU B 41 8.94 -17.73 0.72
CA GLU B 41 7.73 -17.09 1.20
C GLU B 41 7.78 -15.56 1.08
N GLU B 42 8.94 -15.01 0.79
CA GLU B 42 9.19 -13.58 0.93
C GLU B 42 9.15 -12.89 -0.44
N SER B 43 9.14 -11.56 -0.42
CA SER B 43 9.28 -10.79 -1.66
C SER B 43 10.61 -10.03 -1.64
N THR B 44 11.59 -10.49 -2.42
CA THR B 44 12.94 -9.95 -2.37
C THR B 44 13.55 -9.98 -3.76
N ASP B 45 14.64 -9.26 -3.90
CA ASP B 45 15.38 -9.27 -5.14
C ASP B 45 15.81 -10.69 -5.48
N GLU B 46 16.15 -11.46 -4.44
CA GLU B 46 16.58 -12.84 -4.61
C GLU B 46 15.43 -13.70 -5.14
N VAL B 47 14.22 -13.51 -4.60
CA VAL B 47 13.08 -14.28 -5.10
C VAL B 47 12.78 -13.85 -6.52
N ASP B 48 12.88 -12.55 -6.80
CA ASP B 48 12.60 -12.08 -8.15
C ASP B 48 13.56 -12.68 -9.17
N LYS B 49 14.86 -12.76 -8.85
CA LYS B 49 15.77 -13.31 -9.84
C LYS B 49 15.48 -14.79 -10.08
N TRP B 50 15.07 -15.49 -9.01
CA TRP B 50 14.76 -16.91 -9.06
C TRP B 50 13.50 -17.14 -9.87
N THR B 51 12.46 -16.34 -9.63
CA THR B 51 11.27 -16.54 -10.44
C THR B 51 11.50 -16.19 -11.90
N THR B 52 12.34 -15.17 -12.17
CA THR B 52 12.69 -14.84 -13.54
C THR B 52 13.48 -15.96 -14.18
N ALA B 53 14.44 -16.52 -13.46
CA ALA B 53 15.23 -17.63 -13.99
C ALA B 53 14.34 -18.82 -14.31
N GLN B 54 13.45 -19.18 -13.40
CA GLN B 54 12.50 -20.26 -13.68
C GLN B 54 11.61 -19.94 -14.86
N ALA B 55 11.07 -18.71 -14.91
CA ALA B 55 10.12 -18.41 -15.98
C ALA B 55 10.82 -18.38 -17.33
N ASP B 56 12.06 -17.91 -17.37
CA ASP B 56 12.85 -17.96 -18.59
C ASP B 56 13.16 -19.39 -19.03
N LEU B 57 13.46 -20.27 -18.07
CA LEU B 57 13.64 -21.69 -18.41
C LEU B 57 12.37 -22.25 -19.02
N ALA B 58 11.22 -21.97 -18.39
CA ALA B 58 9.99 -22.51 -18.95
C ALA B 58 9.73 -21.99 -20.35
N GLN B 59 9.91 -20.66 -20.58
CA GLN B 59 9.64 -20.09 -21.90
C GLN B 59 10.61 -20.64 -22.94
N SER B 60 11.86 -20.82 -22.55
CA SER B 60 12.84 -21.44 -23.44
C SER B 60 12.38 -22.82 -23.91
N TYR B 61 11.88 -23.63 -23.00
CA TYR B 61 11.39 -24.95 -23.38
C TYR B 61 10.19 -24.86 -24.31
N LEU B 62 9.21 -24.00 -23.96
CA LEU B 62 8.05 -23.82 -24.81
C LEU B 62 8.45 -23.34 -26.21
N ASP B 63 9.50 -22.51 -26.29
CA ASP B 63 9.98 -21.97 -27.56
C ASP B 63 10.42 -23.08 -28.51
N GLN B 64 10.87 -24.22 -27.97
CA GLN B 64 11.22 -25.40 -28.77
C GLN B 64 10.04 -26.04 -29.45
N ASN B 65 8.80 -25.65 -29.12
CA ASN B 65 7.59 -26.36 -29.55
C ASN B 65 6.86 -25.46 -30.56
N ALA B 66 7.04 -25.73 -31.86
CA ALA B 66 6.43 -24.86 -32.87
C ALA B 66 4.91 -25.00 -32.93
N ASP B 67 4.40 -26.11 -32.39
CA ASP B 67 2.97 -26.31 -32.42
C ASP B 67 2.21 -25.34 -31.50
N ILE B 68 2.86 -24.76 -30.49
CA ILE B 68 2.14 -23.83 -29.61
C ILE B 68 1.58 -22.63 -30.39
N GLN B 69 2.36 -22.10 -31.35
CA GLN B 69 1.85 -20.96 -32.09
C GLN B 69 0.66 -21.33 -32.96
N LYS B 70 0.65 -22.53 -33.51
CA LYS B 70 -0.49 -23.04 -34.25
C LYS B 70 -1.70 -23.19 -33.35
N LEU B 71 -1.48 -23.66 -32.12
CA LEU B 71 -2.63 -23.76 -31.21
C LEU B 71 -3.17 -22.38 -30.86
N ALA B 72 -2.29 -21.39 -30.66
CA ALA B 72 -2.80 -20.05 -30.38
C ALA B 72 -3.71 -19.56 -31.51
N GLU B 73 -3.34 -19.80 -32.77
CA GLU B 73 -4.19 -19.38 -33.89
C GLU B 73 -5.55 -20.08 -33.84
N LYS B 74 -5.55 -21.41 -33.57
CA LYS B 74 -6.80 -22.15 -33.51
C LYS B 74 -7.64 -21.71 -32.33
N PHE B 75 -7.00 -21.48 -31.19
CA PHE B 75 -7.74 -21.12 -29.98
C PHE B 75 -8.33 -19.72 -30.08
N ARG B 76 -7.56 -18.79 -30.60
CA ARG B 76 -8.07 -17.43 -30.83
C ARG B 76 -9.30 -17.47 -31.73
N ALA B 77 -9.24 -18.21 -32.85
CA ALA B 77 -10.43 -18.32 -33.71
C ALA B 77 -11.61 -18.96 -32.99
N SER B 78 -11.36 -19.97 -32.16
CA SER B 78 -12.49 -20.65 -31.49
C SER B 78 -13.14 -19.73 -30.48
N ARG B 79 -12.43 -18.77 -29.96
CA ARG B 79 -13.04 -17.82 -29.02
CA ARG B 79 -13.02 -17.80 -29.02
C ARG B 79 -13.70 -16.63 -29.70
N ASN B 80 -13.49 -16.45 -31.01
CA ASN B 80 -13.90 -15.24 -31.71
C ASN B 80 -15.35 -15.36 -32.23
N TYR B 81 -16.30 -15.25 -31.29
CA TYR B 81 -17.73 -15.24 -31.57
C TYR B 81 -18.44 -14.38 -30.55
N ALA B 82 -19.49 -13.71 -31.03
CA ALA B 82 -20.19 -12.78 -30.15
C ALA B 82 -20.83 -13.55 -29.00
N LYS B 83 -20.76 -12.93 -27.81
CA LYS B 83 -21.34 -13.51 -26.60
C LYS B 83 -22.23 -12.50 -25.89
N PHE B 84 -23.20 -13.01 -25.13
CA PHE B 84 -24.21 -12.13 -24.54
C PHE B 84 -24.86 -12.79 -23.35
N SER B 85 -25.33 -11.94 -22.43
CA SER B 85 -26.01 -12.39 -21.21
C SER B 85 -27.52 -12.40 -21.44
N ALA B 86 -28.26 -12.93 -20.46
CA ALA B 86 -29.69 -12.70 -20.38
C ALA B 86 -29.95 -11.20 -20.19
N PRO B 87 -31.09 -10.69 -20.70
CA PRO B 87 -31.44 -9.29 -20.46
C PRO B 87 -32.25 -9.14 -19.19
N THR B 88 -32.20 -7.92 -18.63
CA THR B 88 -32.95 -7.55 -17.43
C THR B 88 -33.82 -6.34 -17.72
N LEU B 89 -35.10 -6.45 -17.39
CA LEU B 89 -36.04 -5.35 -17.52
C LEU B 89 -35.98 -4.46 -16.27
N LEU B 90 -35.59 -3.19 -16.45
CA LEU B 90 -35.58 -2.29 -15.30
C LEU B 90 -36.88 -1.51 -15.24
N ASP B 91 -37.08 -0.78 -14.13
CA ASP B 91 -38.34 -0.05 -14.00
C ASP B 91 -38.41 1.19 -14.88
N ASP B 92 -37.37 1.51 -15.66
CA ASP B 92 -37.53 2.53 -16.70
C ASP B 92 -38.13 1.98 -17.98
N GLY B 93 -38.45 0.70 -18.05
CA GLY B 93 -39.05 0.07 -19.20
C GLY B 93 -38.06 -0.44 -20.22
N HIS B 94 -36.76 -0.24 -19.98
CA HIS B 94 -35.73 -0.67 -20.92
C HIS B 94 -35.03 -1.93 -20.42
N TRP B 95 -34.42 -2.65 -21.37
CA TRP B 95 -33.79 -3.93 -21.13
C TRP B 95 -32.28 -3.72 -21.21
N TYR B 96 -31.54 -4.37 -20.31
CA TYR B 96 -30.08 -4.20 -20.25
C TYR B 96 -29.41 -5.56 -20.31
N TRP B 97 -28.31 -5.67 -21.06
CA TRP B 97 -27.63 -6.97 -21.14
C TRP B 97 -26.16 -6.75 -21.44
N PHE B 98 -25.36 -7.75 -21.11
CA PHE B 98 -23.94 -7.71 -21.47
C PHE B 98 -23.73 -8.30 -22.85
N TYR B 99 -22.76 -7.71 -23.59
CA TYR B 99 -22.46 -8.09 -24.97
C TYR B 99 -20.95 -7.99 -25.15
N ASN B 100 -20.36 -9.04 -25.73
CA ASN B 100 -18.93 -9.06 -26.04
C ASN B 100 -18.82 -9.31 -27.55
N ARG B 101 -18.08 -8.46 -28.25
CA ARG B 101 -17.94 -8.63 -29.71
C ARG B 101 -17.26 -9.92 -30.09
N GLY B 102 -16.44 -10.45 -29.17
CA GLY B 102 -15.91 -11.80 -29.31
C GLY B 102 -14.65 -11.94 -28.50
N LEU B 103 -13.71 -11.01 -28.69
CA LEU B 103 -12.44 -11.14 -27.98
C LEU B 103 -12.22 -9.96 -27.03
N GLN B 104 -13.25 -9.21 -26.67
CA GLN B 104 -13.04 -8.11 -25.73
C GLN B 104 -12.68 -8.63 -24.34
N SER B 105 -11.80 -7.90 -23.64
CA SER B 105 -11.37 -8.40 -22.33
C SER B 105 -12.45 -8.27 -21.26
N GLN B 106 -13.30 -7.25 -21.36
CA GLN B 106 -14.49 -7.11 -20.53
C GLN B 106 -15.69 -6.86 -21.42
N SER B 107 -16.78 -7.54 -21.12
CA SER B 107 -18.01 -7.40 -21.87
C SER B 107 -18.67 -6.06 -21.50
N VAL B 108 -19.54 -5.57 -22.40
CA VAL B 108 -20.07 -4.21 -22.29
C VAL B 108 -21.55 -4.30 -21.98
N LEU B 109 -22.02 -3.46 -21.05
CA LEU B 109 -23.44 -3.40 -20.69
C LEU B 109 -24.20 -2.51 -21.68
N TYR B 110 -25.15 -3.08 -22.39
CA TYR B 110 -26.03 -2.44 -23.37
C TYR B 110 -27.40 -2.12 -22.74
N ARG B 111 -28.06 -1.11 -23.32
CA ARG B 111 -29.40 -0.66 -22.95
C ARG B 111 -30.22 -0.65 -24.22
N SER B 112 -31.40 -1.26 -24.19
CA SER B 112 -32.26 -1.26 -25.37
C SER B 112 -32.57 0.16 -25.83
N LYS B 113 -32.62 0.34 -27.15
CA LYS B 113 -33.02 1.63 -27.70
C LYS B 113 -34.47 1.96 -27.34
N GLU B 114 -35.32 0.97 -27.42
CA GLU B 114 -36.76 1.13 -27.19
C GLU B 114 -37.16 0.44 -25.90
N PRO B 115 -38.24 0.90 -25.26
CA PRO B 115 -38.78 0.24 -24.01
C PRO B 115 -39.64 -0.96 -24.36
N ALA B 116 -39.00 -2.00 -24.90
CA ALA B 116 -39.63 -3.19 -25.43
C ALA B 116 -38.56 -4.26 -25.50
N LEU B 117 -38.96 -5.52 -25.37
CA LEU B 117 -37.99 -6.64 -25.43
C LEU B 117 -37.42 -6.73 -26.84
N PRO B 118 -36.12 -6.65 -27.02
CA PRO B 118 -35.58 -6.62 -28.38
C PRO B 118 -35.78 -7.94 -29.12
N ASP B 119 -35.89 -7.82 -30.44
CA ASP B 119 -35.67 -8.96 -31.33
C ASP B 119 -34.16 -9.03 -31.57
N PHE B 120 -33.48 -9.85 -30.78
CA PHE B 120 -32.05 -9.84 -30.82
C PHE B 120 -31.49 -10.40 -32.11
N SER B 121 -32.31 -11.04 -32.95
CA SER B 121 -31.82 -11.44 -34.29
C SER B 121 -31.39 -10.26 -35.14
N LYS B 122 -31.85 -9.05 -34.81
CA LYS B 122 -31.45 -7.87 -35.56
C LYS B 122 -30.04 -7.42 -35.22
N GLY B 123 -29.44 -7.94 -34.15
CA GLY B 123 -28.08 -7.54 -33.80
C GLY B 123 -28.04 -6.60 -32.60
N ASP B 124 -27.13 -6.86 -31.67
CA ASP B 124 -27.07 -6.08 -30.45
C ASP B 124 -26.87 -4.58 -30.70
N ASP B 125 -26.04 -4.22 -31.69
CA ASP B 125 -25.81 -2.79 -31.96
C ASP B 125 -26.96 -2.11 -32.64
N ASN B 126 -27.82 -2.87 -33.28
CA ASN B 126 -29.02 -2.36 -33.91
C ASN B 126 -30.17 -2.22 -32.94
N VAL B 127 -30.19 -2.98 -31.83
CA VAL B 127 -31.30 -2.87 -30.89
C VAL B 127 -30.91 -2.21 -29.56
N GLY B 128 -29.62 -1.92 -29.33
CA GLY B 128 -29.15 -1.39 -28.09
C GLY B 128 -28.03 -0.38 -28.29
N ASP B 129 -27.82 0.45 -27.28
CA ASP B 129 -26.71 1.43 -27.28
C ASP B 129 -25.84 1.03 -26.10
N VAL B 130 -24.55 1.37 -26.14
CA VAL B 130 -23.69 1.17 -24.97
C VAL B 130 -24.21 1.95 -23.78
N PHE B 131 -24.34 1.28 -22.63
CA PHE B 131 -24.56 2.01 -21.38
C PHE B 131 -23.32 2.08 -20.52
N PHE B 132 -22.64 0.96 -20.32
CA PHE B 132 -21.49 0.93 -19.42
C PHE B 132 -20.43 0.04 -20.03
N ASP B 133 -19.32 0.65 -20.47
CA ASP B 133 -18.18 -0.07 -21.07
C ASP B 133 -17.04 -0.11 -20.04
N PRO B 134 -16.88 -1.19 -19.29
CA PRO B 134 -15.84 -1.17 -18.26
C PRO B 134 -14.42 -1.13 -18.82
N ASN B 135 -14.22 -1.40 -20.10
CA ASN B 135 -12.90 -1.29 -20.70
C ASN B 135 -12.35 0.14 -20.62
N VAL B 136 -13.23 1.16 -20.51
CA VAL B 136 -12.72 2.52 -20.45
C VAL B 136 -12.56 3.02 -19.02
N LEU B 137 -12.80 2.18 -18.01
CA LEU B 137 -12.58 2.61 -16.61
C LEU B 137 -11.18 3.17 -16.40
N ALA B 138 -10.18 2.60 -17.07
CA ALA B 138 -8.82 3.16 -17.12
C ALA B 138 -8.35 3.10 -18.57
N ALA B 139 -7.62 4.15 -19.00
CA ALA B 139 -7.18 4.21 -20.39
C ALA B 139 -6.22 3.09 -20.75
N ASP B 140 -5.48 2.53 -19.78
CA ASP B 140 -4.54 1.47 -20.10
C ASP B 140 -5.08 0.09 -19.73
N GLY B 141 -6.39 -0.04 -19.48
CA GLY B 141 -6.99 -1.32 -19.13
C GLY B 141 -6.63 -1.88 -17.77
N SER B 142 -6.09 -1.05 -16.88
CA SER B 142 -5.66 -1.52 -15.58
C SER B 142 -6.80 -1.55 -14.56
N ALA B 143 -8.04 -1.28 -15.00
CA ALA B 143 -9.17 -1.29 -14.06
C ALA B 143 -10.28 -2.19 -14.61
N GLY B 144 -10.92 -2.97 -13.76
CA GLY B 144 -12.01 -3.83 -14.22
C GLY B 144 -13.24 -3.67 -13.36
N MET B 145 -14.39 -3.97 -13.95
CA MET B 145 -15.63 -3.94 -13.17
C MET B 145 -15.88 -5.37 -12.72
N VAL B 146 -15.97 -5.58 -11.41
CA VAL B 146 -16.04 -6.94 -10.91
C VAL B 146 -17.40 -7.32 -10.35
N LEU B 147 -18.30 -6.37 -10.09
CA LEU B 147 -19.64 -6.63 -9.57
C LEU B 147 -20.47 -5.39 -9.89
N CYS B 148 -21.77 -5.58 -10.18
CA CYS B 148 -22.59 -4.38 -10.32
C CYS B 148 -24.05 -4.70 -9.95
N LYS B 149 -24.82 -3.65 -9.71
CA LYS B 149 -26.21 -3.84 -9.29
C LYS B 149 -27.00 -2.56 -9.60
N PHE B 150 -28.05 -2.68 -10.42
CA PHE B 150 -28.97 -1.56 -10.59
C PHE B 150 -29.88 -1.39 -9.36
N SER B 151 -30.24 -0.13 -9.08
CA SER B 151 -31.23 0.12 -8.05
C SER B 151 -32.61 -0.41 -8.48
N PRO B 152 -33.45 -0.75 -7.51
CA PRO B 152 -34.76 -1.32 -7.87
C PRO B 152 -35.59 -0.39 -8.74
N ASP B 153 -35.44 0.93 -8.59
CA ASP B 153 -36.24 1.81 -9.42
C ASP B 153 -35.65 2.07 -10.78
N GLY B 154 -34.47 1.52 -11.04
CA GLY B 154 -33.80 1.61 -12.33
C GLY B 154 -33.13 2.96 -12.56
N LYS B 155 -33.10 3.83 -11.52
CA LYS B 155 -32.46 5.16 -11.69
C LYS B 155 -30.94 5.14 -11.53
N PHE B 156 -30.38 4.20 -10.77
CA PHE B 156 -28.94 4.22 -10.47
C PHE B 156 -28.30 2.85 -10.74
N PHE B 157 -26.99 2.90 -10.97
CA PHE B 157 -26.18 1.72 -11.30
C PHE B 157 -24.99 1.81 -10.38
N ALA B 158 -24.89 0.88 -9.44
CA ALA B 158 -23.74 0.80 -8.54
C ALA B 158 -22.77 -0.23 -9.12
N TYR B 159 -21.46 0.09 -9.11
CA TYR B 159 -20.48 -0.78 -9.73
C TYR B 159 -19.18 -0.76 -8.95
N ALA B 160 -18.64 -1.96 -8.75
CA ALA B 160 -17.42 -2.15 -7.97
C ALA B 160 -16.26 -2.24 -8.95
N VAL B 161 -15.21 -1.43 -8.72
CA VAL B 161 -14.04 -1.34 -9.60
C VAL B 161 -12.80 -1.83 -8.82
N SER B 162 -12.01 -2.70 -9.47
CA SER B 162 -10.71 -3.17 -8.99
C SER B 162 -9.63 -2.64 -9.94
N HIS B 163 -8.43 -2.48 -9.37
CA HIS B 163 -7.26 -2.02 -10.12
C HIS B 163 -6.14 -3.01 -9.99
N LEU B 164 -5.35 -3.17 -11.06
CA LEU B 164 -4.09 -3.87 -10.89
C LEU B 164 -3.31 -3.28 -9.72
N GLY B 165 -2.76 -4.18 -8.92
CA GLY B 165 -2.02 -3.79 -7.72
C GLY B 165 -2.86 -3.57 -6.48
N GLY B 166 -4.19 -3.58 -6.55
CA GLY B 166 -5.05 -3.29 -5.40
C GLY B 166 -5.54 -4.54 -4.71
N ASP B 167 -5.78 -4.42 -3.40
CA ASP B 167 -6.26 -5.53 -2.57
C ASP B 167 -7.74 -5.38 -2.19
N TYR B 168 -8.39 -4.28 -2.53
CA TYR B 168 -9.82 -4.10 -2.28
C TYR B 168 -10.50 -3.59 -3.55
N SER B 169 -11.82 -3.41 -3.51
CA SER B 169 -12.53 -2.75 -4.60
C SER B 169 -13.19 -1.48 -4.08
N THR B 170 -13.63 -0.65 -5.02
CA THR B 170 -14.28 0.61 -4.67
C THR B 170 -15.60 0.65 -5.41
N ILE B 171 -16.69 0.99 -4.73
CA ILE B 171 -17.99 1.08 -5.39
C ILE B 171 -18.28 2.54 -5.77
N TYR B 172 -18.73 2.75 -7.01
CA TYR B 172 -19.17 4.02 -7.55
C TYR B 172 -20.64 3.89 -7.92
N VAL B 173 -21.31 5.02 -8.11
CA VAL B 173 -22.72 5.07 -8.51
C VAL B 173 -22.90 6.08 -9.64
N ARG B 174 -23.68 5.72 -10.65
CA ARG B 174 -24.00 6.62 -11.76
C ARG B 174 -25.46 6.50 -12.12
N SER B 175 -26.03 7.58 -12.65
CA SER B 175 -27.36 7.52 -13.25
C SER B 175 -27.39 6.56 -14.42
N THR B 176 -28.48 5.82 -14.57
CA THR B 176 -28.63 4.95 -15.73
C THR B 176 -28.80 5.74 -17.03
N SER B 177 -28.97 7.07 -16.94
CA SER B 177 -29.02 7.95 -18.11
CA SER B 177 -29.02 7.92 -18.13
C SER B 177 -27.66 8.54 -18.43
N SER B 178 -26.61 8.15 -17.71
CA SER B 178 -25.27 8.68 -17.90
CA SER B 178 -25.26 8.69 -17.88
C SER B 178 -24.35 7.55 -18.32
N PRO B 179 -24.22 7.29 -19.64
CA PRO B 179 -23.41 6.16 -20.09
C PRO B 179 -21.95 6.43 -19.77
N LEU B 180 -21.20 5.33 -19.63
CA LEU B 180 -19.75 5.37 -19.60
C LEU B 180 -19.29 4.67 -20.87
N SER B 181 -18.72 5.45 -21.80
CA SER B 181 -18.33 4.87 -23.06
C SER B 181 -17.10 5.65 -23.54
N GLN B 182 -16.45 5.13 -24.57
CA GLN B 182 -15.32 5.88 -25.14
C GLN B 182 -15.74 7.30 -25.48
N ALA B 183 -16.92 7.43 -26.09
CA ALA B 183 -17.38 8.78 -26.47
C ALA B 183 -17.67 9.64 -25.26
N SER B 184 -18.28 9.07 -24.23
CA SER B 184 -18.63 9.94 -23.13
C SER B 184 -17.39 10.41 -22.38
N VAL B 185 -16.35 9.57 -22.29
CA VAL B 185 -15.12 9.95 -21.59
C VAL B 185 -14.37 11.02 -22.39
N ALA B 186 -14.42 10.94 -23.71
CA ALA B 186 -13.75 11.96 -24.51
C ALA B 186 -14.46 13.30 -24.41
N GLN B 187 -15.77 13.26 -24.35
CA GLN B 187 -16.65 14.42 -24.49
CA GLN B 187 -16.58 14.45 -24.50
C GLN B 187 -16.86 15.18 -23.18
N GLY B 188 -16.57 14.60 -22.04
CA GLY B 188 -16.77 15.35 -20.80
C GLY B 188 -16.33 14.60 -19.57
N VAL B 189 -16.86 15.03 -18.44
CA VAL B 189 -16.51 14.36 -17.19
C VAL B 189 -17.05 12.94 -17.17
N ASP B 190 -16.60 12.17 -16.18
CA ASP B 190 -17.03 10.78 -16.07
C ASP B 190 -18.56 10.68 -16.06
N GLY B 191 -19.23 11.58 -15.34
CA GLY B 191 -20.68 11.56 -15.26
C GLY B 191 -21.19 10.84 -14.03
N ARG B 192 -20.32 10.13 -13.32
CA ARG B 192 -20.76 9.44 -12.12
C ARG B 192 -21.01 10.44 -10.99
N LEU B 193 -21.76 10.00 -10.00
CA LEU B 193 -21.84 10.76 -8.76
C LEU B 193 -20.48 10.84 -8.07
N SER B 194 -20.35 11.81 -7.16
CA SER B 194 -19.08 11.91 -6.45
C SER B 194 -18.88 10.79 -5.42
N ASP B 195 -19.93 10.01 -5.13
CA ASP B 195 -19.82 8.95 -4.13
C ASP B 195 -18.63 8.04 -4.46
N GLU B 196 -17.86 7.67 -3.43
CA GLU B 196 -16.75 6.74 -3.62
C GLU B 196 -16.64 5.84 -2.39
N VAL B 197 -17.04 4.57 -2.57
CA VAL B 197 -17.19 3.67 -1.44
C VAL B 197 -16.02 2.71 -1.46
N LYS B 198 -15.00 3.02 -0.62
CA LYS B 198 -13.75 2.27 -0.61
C LYS B 198 -13.77 1.08 0.37
N TRP B 199 -12.75 0.21 0.27
CA TRP B 199 -12.46 -0.91 1.18
C TRP B 199 -13.48 -2.05 1.04
N PHE B 200 -14.16 -2.14 -0.11
CA PHE B 200 -15.19 -3.15 -0.34
C PHE B 200 -14.54 -4.45 -0.79
N LYS B 201 -14.93 -5.57 -0.14
CA LYS B 201 -14.70 -6.90 -0.73
C LYS B 201 -15.51 -7.98 0.01
N PHE B 202 -15.71 -9.07 -0.72
CA PHE B 202 -16.26 -10.31 -0.21
C PHE B 202 -17.73 -10.22 0.16
N SER B 203 -18.50 -9.34 -0.48
CA SER B 203 -19.96 -9.45 -0.36
C SER B 203 -20.58 -9.00 -1.69
N THR B 204 -21.92 -9.13 -1.77
CA THR B 204 -22.69 -8.57 -2.83
C THR B 204 -23.04 -7.12 -2.52
N ILE B 205 -23.62 -6.45 -3.51
CA ILE B 205 -24.20 -5.11 -3.34
C ILE B 205 -25.71 -5.28 -3.31
N ILE B 206 -26.35 -4.82 -2.21
CA ILE B 206 -27.79 -5.07 -1.92
C ILE B 206 -28.49 -3.74 -1.72
N TRP B 207 -29.29 -3.31 -2.70
CA TRP B 207 -30.06 -2.10 -2.54
C TRP B 207 -31.21 -2.33 -1.58
N THR B 208 -31.54 -1.27 -0.83
CA THR B 208 -32.85 -1.20 -0.21
C THR B 208 -33.91 -0.92 -1.27
N LYS B 209 -35.14 -1.40 -0.97
CA LYS B 209 -36.17 -1.36 -1.98
C LYS B 209 -36.74 0.03 -2.20
N ASP B 210 -36.37 1.01 -1.36
CA ASP B 210 -36.66 2.40 -1.63
C ASP B 210 -35.65 3.03 -2.58
N SER B 211 -34.64 2.27 -3.00
CA SER B 211 -33.62 2.75 -3.94
C SER B 211 -32.83 3.93 -3.43
N LYS B 212 -32.77 4.09 -2.11
CA LYS B 212 -32.05 5.20 -1.51
C LYS B 212 -30.58 4.89 -1.25
N GLY B 213 -30.20 3.63 -1.25
CA GLY B 213 -28.87 3.24 -0.80
C GLY B 213 -28.72 1.75 -0.89
N PHE B 214 -27.53 1.29 -0.50
CA PHE B 214 -27.20 -0.11 -0.60
C PHE B 214 -26.30 -0.53 0.51
N LEU B 215 -26.37 -1.80 0.82
CA LEU B 215 -25.51 -2.44 1.82
C LEU B 215 -24.33 -3.08 1.13
N TYR B 216 -23.20 -3.09 1.81
CA TYR B 216 -21.97 -3.62 1.24
C TYR B 216 -21.06 -3.93 2.40
N GLN B 217 -20.17 -4.93 2.26
CA GLN B 217 -19.23 -5.22 3.33
C GLN B 217 -17.92 -4.48 3.08
N ARG B 218 -17.38 -3.87 4.13
CA ARG B 218 -16.08 -3.24 3.95
C ARG B 218 -15.14 -3.58 5.09
N TYR B 219 -13.87 -3.28 4.87
CA TYR B 219 -12.87 -3.53 5.87
C TYR B 219 -12.27 -2.26 6.40
N PRO B 220 -11.49 -2.33 7.48
CA PRO B 220 -10.84 -1.10 7.96
C PRO B 220 -9.86 -0.59 6.93
N ALA B 221 -9.77 0.74 6.85
CA ALA B 221 -8.76 1.36 6.02
C ALA B 221 -7.39 0.95 6.53
N ARG B 222 -6.45 0.78 5.60
CA ARG B 222 -5.11 0.34 5.98
C ARG B 222 -4.07 1.14 5.20
N GLU B 223 -3.03 1.62 5.89
CA GLU B 223 -1.96 2.30 5.22
C GLU B 223 -1.02 1.28 4.57
N ARG B 224 -0.17 1.77 3.68
CA ARG B 224 0.72 0.93 2.90
C ARG B 224 1.59 0.06 3.77
N HIS B 225 2.16 0.62 4.84
CA HIS B 225 3.12 -0.12 5.66
C HIS B 225 2.55 -0.44 7.02
N GLU B 226 1.26 -0.67 7.08
CA GLU B 226 0.64 -1.12 8.31
C GLU B 226 0.55 -2.64 8.24
N GLY B 227 1.21 -3.33 9.19
CA GLY B 227 1.10 -4.77 9.32
C GLY B 227 1.43 -5.54 8.04
N THR B 228 0.64 -6.59 7.78
CA THR B 228 0.69 -7.46 6.60
C THR B 228 -0.65 -7.40 5.87
N ARG B 229 -0.77 -8.14 4.75
CA ARG B 229 -2.07 -8.35 4.11
C ARG B 229 -3.01 -9.18 5.01
N SER B 230 -3.49 -8.59 6.12
CA SER B 230 -4.47 -9.23 7.00
C SER B 230 -5.83 -8.58 6.77
N ASP B 231 -6.88 -9.40 6.85
CA ASP B 231 -8.23 -8.97 6.47
C ASP B 231 -9.20 -9.48 7.54
N ARG B 232 -9.42 -8.62 8.52
CA ARG B 232 -10.16 -8.90 9.73
C ARG B 232 -11.05 -7.71 9.97
N ASN B 233 -12.00 -7.89 10.87
CA ASN B 233 -12.88 -6.81 11.31
C ASN B 233 -13.74 -6.25 10.17
N ALA B 234 -14.29 -7.18 9.34
CA ALA B 234 -15.28 -6.79 8.33
C ALA B 234 -16.48 -6.13 8.99
N MET B 235 -17.12 -5.24 8.24
CA MET B 235 -18.28 -4.51 8.69
C MET B 235 -19.29 -4.60 7.56
N MET B 236 -20.55 -4.91 7.89
CA MET B 236 -21.66 -4.72 6.95
C MET B 236 -22.12 -3.26 7.10
N CYS B 237 -22.06 -2.47 6.03
CA CYS B 237 -22.35 -1.04 6.04
C CYS B 237 -23.46 -0.68 5.04
N TYR B 238 -23.98 0.53 5.18
CA TYR B 238 -25.02 1.07 4.31
C TYR B 238 -24.57 2.40 3.77
N HIS B 239 -24.60 2.55 2.44
CA HIS B 239 -24.25 3.78 1.80
C HIS B 239 -25.51 4.41 1.18
N LYS B 240 -25.75 5.66 1.53
CA LYS B 240 -26.86 6.40 0.96
C LYS B 240 -26.40 7.11 -0.29
N VAL B 241 -27.15 6.97 -1.39
CA VAL B 241 -26.73 7.58 -2.64
C VAL B 241 -26.69 9.10 -2.44
N GLY B 242 -25.66 9.74 -2.98
CA GLY B 242 -25.50 11.20 -2.84
C GLY B 242 -24.73 11.65 -1.63
N THR B 243 -24.00 10.76 -0.97
CA THR B 243 -23.20 11.11 0.18
C THR B 243 -21.81 10.53 0.01
N THR B 244 -20.90 11.01 0.85
CA THR B 244 -19.58 10.44 0.92
C THR B 244 -19.59 9.30 1.91
N GLN B 245 -18.54 8.48 1.85
CA GLN B 245 -18.49 7.31 2.73
C GLN B 245 -18.39 7.67 4.20
N GLU B 246 -17.95 8.86 4.56
CA GLU B 246 -17.94 9.14 5.98
C GLU B 246 -19.34 9.18 6.57
N GLU B 247 -20.39 9.33 5.78
CA GLU B 247 -21.72 9.24 6.35
C GLU B 247 -22.27 7.82 6.39
N ASP B 248 -21.53 6.81 5.87
CA ASP B 248 -22.08 5.44 5.84
C ASP B 248 -22.38 4.91 7.24
N ILE B 249 -23.41 4.06 7.33
CA ILE B 249 -23.89 3.53 8.59
C ILE B 249 -23.28 2.15 8.77
N ILE B 250 -22.75 1.87 9.96
CA ILE B 250 -22.34 0.50 10.24
C ILE B 250 -23.60 -0.28 10.64
N VAL B 251 -24.01 -1.21 9.77
CA VAL B 251 -25.18 -2.05 10.04
C VAL B 251 -24.83 -3.18 11.00
N TYR B 252 -23.65 -3.81 10.84
CA TYR B 252 -23.23 -4.85 11.76
C TYR B 252 -21.71 -5.02 11.76
N GLN B 253 -21.15 -5.20 12.94
CA GLN B 253 -19.80 -5.76 13.06
C GLN B 253 -19.75 -6.53 14.37
N ASP B 254 -18.67 -7.29 14.54
CA ASP B 254 -18.53 -8.15 15.72
C ASP B 254 -17.04 -8.18 16.07
N ASN B 255 -16.65 -7.29 16.99
CA ASN B 255 -15.26 -7.21 17.41
C ASN B 255 -14.78 -8.46 18.09
N GLU B 256 -15.68 -9.27 18.65
CA GLU B 256 -15.26 -10.48 19.37
C GLU B 256 -14.98 -11.66 18.44
N HIS B 257 -15.42 -11.57 17.18
CA HIS B 257 -15.14 -12.60 16.18
C HIS B 257 -14.60 -11.94 14.92
N PRO B 258 -13.36 -11.43 14.96
CA PRO B 258 -12.87 -10.59 13.85
C PRO B 258 -12.67 -11.32 12.53
N GLU B 259 -12.70 -12.65 12.52
CA GLU B 259 -12.58 -13.43 11.29
C GLU B 259 -13.92 -13.58 10.56
N TRP B 260 -15.04 -13.36 11.23
CA TRP B 260 -16.33 -13.62 10.58
C TRP B 260 -16.61 -12.57 9.51
N ILE B 261 -17.39 -12.96 8.50
CA ILE B 261 -17.77 -12.04 7.44
C ILE B 261 -19.29 -12.08 7.29
N TYR B 262 -19.80 -11.15 6.48
CA TYR B 262 -21.22 -10.85 6.50
C TYR B 262 -21.81 -10.79 5.10
N GLY B 263 -23.11 -11.10 5.02
CA GLY B 263 -23.87 -10.85 3.81
C GLY B 263 -25.24 -10.30 4.18
N ALA B 264 -25.97 -9.82 3.18
CA ALA B 264 -27.27 -9.22 3.46
C ALA B 264 -28.25 -9.52 2.33
N ASP B 265 -29.54 -9.28 2.59
CA ASP B 265 -30.58 -9.33 1.56
C ASP B 265 -31.71 -8.43 2.05
N THR B 266 -32.50 -7.93 1.11
CA THR B 266 -33.65 -7.09 1.48
C THR B 266 -34.89 -7.66 0.81
N SER B 267 -36.00 -7.72 1.54
CA SER B 267 -37.20 -8.32 0.96
C SER B 267 -37.86 -7.37 -0.03
N GLU B 268 -38.44 -7.93 -1.08
CA GLU B 268 -39.06 -7.12 -2.14
C GLU B 268 -40.12 -6.16 -1.61
N ASP B 269 -40.88 -6.56 -0.57
CA ASP B 269 -41.96 -5.72 -0.08
C ASP B 269 -41.48 -4.59 0.82
N GLY B 270 -40.16 -4.48 1.06
CA GLY B 270 -39.62 -3.42 1.90
C GLY B 270 -39.69 -3.66 3.39
N LYS B 271 -40.17 -4.82 3.84
CA LYS B 271 -40.44 -5.10 5.26
C LYS B 271 -39.21 -5.57 6.03
N TYR B 272 -38.36 -6.35 5.40
CA TYR B 272 -37.30 -7.04 6.12
C TYR B 272 -35.93 -6.70 5.56
N LEU B 273 -35.00 -6.59 6.48
CA LEU B 273 -33.56 -6.63 6.21
C LEU B 273 -32.95 -7.91 6.81
N TYR B 274 -32.23 -8.68 6.02
CA TYR B 274 -31.65 -9.93 6.48
C TYR B 274 -30.14 -9.82 6.59
N LEU B 275 -29.61 -10.40 7.64
CA LEU B 275 -28.18 -10.41 7.89
C LEU B 275 -27.70 -11.86 7.99
N TYR B 276 -26.71 -12.20 7.15
CA TYR B 276 -26.03 -13.49 7.17
C TYR B 276 -24.65 -13.35 7.80
N GLN B 277 -24.23 -14.32 8.60
CA GLN B 277 -22.85 -14.32 9.11
C GLN B 277 -22.21 -15.65 8.80
N PHE B 278 -20.94 -15.59 8.43
CA PHE B 278 -20.16 -16.78 8.07
C PHE B 278 -18.86 -16.77 8.86
N LYS B 279 -18.49 -17.92 9.42
CA LYS B 279 -17.26 -17.96 10.21
C LYS B 279 -16.11 -18.65 9.49
N ASP B 280 -16.38 -19.32 8.39
CA ASP B 280 -15.37 -20.07 7.63
C ASP B 280 -15.96 -20.34 6.25
N THR B 281 -15.32 -21.22 5.49
CA THR B 281 -15.80 -21.58 4.16
C THR B 281 -16.75 -22.77 4.17
N SER B 282 -17.13 -23.30 5.33
CA SER B 282 -18.16 -24.30 5.28
C SER B 282 -19.49 -23.59 4.93
N LYS B 283 -20.44 -24.35 4.40
CA LYS B 283 -21.72 -23.76 4.03
C LYS B 283 -22.65 -23.75 5.24
N LYS B 284 -22.27 -23.00 6.25
CA LYS B 284 -23.09 -22.84 7.45
C LYS B 284 -23.13 -21.35 7.73
N ASN B 285 -24.31 -20.80 8.04
CA ASN B 285 -24.36 -19.38 8.34
C ASN B 285 -25.45 -19.09 9.35
N LEU B 286 -25.25 -17.98 10.06
CA LEU B 286 -26.31 -17.40 10.86
C LEU B 286 -27.24 -16.57 9.98
N LEU B 287 -28.45 -16.33 10.48
CA LEU B 287 -29.49 -15.60 9.75
C LEU B 287 -30.23 -14.78 10.80
N TRP B 288 -30.08 -13.46 10.76
CA TRP B 288 -30.84 -12.57 11.63
C TRP B 288 -31.75 -11.70 10.78
N VAL B 289 -32.85 -11.23 11.37
CA VAL B 289 -33.87 -10.52 10.62
C VAL B 289 -34.22 -9.23 11.34
N ALA B 290 -34.24 -8.14 10.60
CA ALA B 290 -34.69 -6.84 11.13
C ALA B 290 -35.90 -6.36 10.34
N GLU B 291 -36.85 -5.71 11.03
CA GLU B 291 -37.95 -5.07 10.34
C GLU B 291 -37.57 -3.64 9.99
N LEU B 292 -37.85 -3.23 8.75
CA LEU B 292 -37.57 -1.86 8.30
C LEU B 292 -38.82 -1.01 8.45
N ASP B 293 -38.61 0.26 8.78
CA ASP B 293 -39.72 1.18 9.01
C ASP B 293 -39.39 2.47 8.25
N GLU B 294 -40.09 3.56 8.61
CA GLU B 294 -39.92 4.82 7.89
C GLU B 294 -38.52 5.41 8.07
N ASP B 295 -37.85 5.16 9.20
CA ASP B 295 -36.46 5.59 9.36
C ASP B 295 -35.49 4.89 8.41
N GLY B 296 -35.87 3.73 7.88
CA GLY B 296 -34.96 2.99 7.06
C GLY B 296 -33.76 2.45 7.83
N VAL B 297 -32.66 2.30 7.11
CA VAL B 297 -31.47 1.68 7.67
C VAL B 297 -30.75 2.66 8.60
N LYS B 298 -30.47 2.20 9.83
CA LYS B 298 -29.92 2.98 10.94
C LYS B 298 -28.92 2.14 11.72
N SER B 299 -28.05 2.80 12.52
CA SER B 299 -27.02 2.06 13.27
C SER B 299 -27.59 1.21 14.42
N GLY B 300 -28.64 1.64 15.05
CA GLY B 300 -29.07 0.83 16.19
C GLY B 300 -30.12 -0.20 15.81
N ILE B 301 -29.96 -0.89 14.67
CA ILE B 301 -30.98 -1.82 14.22
C ILE B 301 -31.24 -2.97 15.20
N HIS B 302 -32.51 -3.30 15.39
CA HIS B 302 -32.85 -4.43 16.25
C HIS B 302 -32.87 -5.71 15.43
N TRP B 303 -31.99 -6.66 15.78
CA TRP B 303 -31.91 -7.97 15.12
C TRP B 303 -32.70 -9.05 15.89
N ARG B 304 -33.56 -9.76 15.18
CA ARG B 304 -34.15 -10.99 15.68
C ARG B 304 -33.26 -12.14 15.27
N LYS B 305 -32.74 -12.86 16.24
CA LYS B 305 -31.68 -13.83 15.99
C LYS B 305 -32.32 -15.18 15.66
N VAL B 306 -32.89 -15.23 14.46
CA VAL B 306 -33.72 -16.39 14.06
C VAL B 306 -32.87 -17.67 14.01
N VAL B 307 -31.74 -17.61 13.33
CA VAL B 307 -30.75 -18.70 13.31
C VAL B 307 -29.51 -18.18 14.00
N ASN B 308 -29.24 -18.66 15.22
CA ASN B 308 -28.15 -18.10 16.00
C ASN B 308 -27.10 -19.14 16.39
N GLU B 309 -27.00 -20.24 15.65
CA GLU B 309 -25.93 -21.20 15.84
C GLU B 309 -25.49 -21.69 14.46
N TYR B 310 -24.21 -22.01 14.32
CA TYR B 310 -23.70 -22.48 13.02
C TYR B 310 -24.07 -23.95 12.87
N ALA B 311 -25.00 -24.25 12.00
CA ALA B 311 -25.39 -25.64 11.80
C ALA B 311 -25.74 -25.96 10.37
N ALA B 312 -26.24 -25.01 9.60
CA ALA B 312 -26.72 -25.29 8.26
C ALA B 312 -26.61 -24.03 7.42
N ASP B 313 -26.85 -24.23 6.14
CA ASP B 313 -26.85 -23.19 5.11
C ASP B 313 -28.27 -22.67 5.03
N TYR B 314 -28.46 -21.37 5.14
CA TYR B 314 -29.78 -20.78 4.94
C TYR B 314 -29.66 -19.63 3.97
N ASN B 315 -30.50 -19.61 2.94
CA ASN B 315 -30.49 -18.47 2.02
C ASN B 315 -31.93 -18.07 1.72
N ILE B 316 -32.23 -16.77 1.86
CA ILE B 316 -33.63 -16.33 1.73
C ILE B 316 -34.06 -16.42 0.27
N ILE B 317 -35.27 -16.93 0.04
CA ILE B 317 -35.84 -16.92 -1.30
C ILE B 317 -36.77 -15.72 -1.45
N THR B 318 -37.76 -15.62 -0.55
CA THR B 318 -38.73 -14.53 -0.57
C THR B 318 -39.52 -14.54 0.74
N ASN B 319 -40.46 -13.62 0.86
CA ASN B 319 -41.43 -13.73 1.95
C ASN B 319 -42.81 -13.32 1.44
N HIS B 320 -43.85 -13.78 2.14
CA HIS B 320 -45.20 -13.26 1.95
C HIS B 320 -45.71 -12.89 3.33
N GLY B 321 -45.76 -11.59 3.63
CA GLY B 321 -46.03 -11.23 5.01
C GLY B 321 -44.92 -11.72 5.91
N SER B 322 -45.28 -12.23 7.07
CA SER B 322 -44.31 -12.78 8.01
CA SER B 322 -44.26 -12.74 7.98
C SER B 322 -43.84 -14.19 7.65
N LEU B 323 -44.31 -14.76 6.55
CA LEU B 323 -43.92 -16.13 6.17
C LEU B 323 -42.69 -16.03 5.27
N VAL B 324 -41.55 -16.46 5.75
CA VAL B 324 -40.28 -16.32 5.01
C VAL B 324 -39.94 -17.69 4.40
N TYR B 325 -39.61 -17.72 3.10
CA TYR B 325 -39.26 -18.94 2.38
C TYR B 325 -37.76 -18.98 2.23
N ILE B 326 -37.15 -20.12 2.60
CA ILE B 326 -35.69 -20.21 2.77
C ILE B 326 -35.21 -21.51 2.14
N LYS B 327 -34.17 -21.38 1.29
CA LYS B 327 -33.50 -22.60 0.87
C LYS B 327 -32.49 -22.98 1.95
N THR B 328 -32.50 -24.26 2.38
CA THR B 328 -31.64 -24.69 3.47
C THR B 328 -31.23 -26.16 3.32
N ASN B 329 -30.14 -26.53 3.98
CA ASN B 329 -29.76 -27.92 4.08
C ASN B 329 -29.88 -28.40 5.51
N LEU B 330 -30.67 -27.67 6.33
CA LEU B 330 -30.88 -28.12 7.71
C LEU B 330 -31.50 -29.53 7.75
N ASN B 331 -30.79 -30.49 8.34
CA ASN B 331 -31.22 -31.88 8.41
C ASN B 331 -31.58 -32.43 7.03
N ALA B 332 -30.94 -31.92 5.95
CA ALA B 332 -31.38 -32.25 4.59
C ALA B 332 -30.18 -31.96 3.66
N PRO B 333 -29.20 -32.86 3.61
CA PRO B 333 -27.97 -32.53 2.88
C PRO B 333 -28.20 -32.34 1.39
N GLN B 334 -29.34 -32.74 0.81
CA GLN B 334 -29.56 -32.43 -0.62
C GLN B 334 -30.31 -31.13 -0.79
N TYR B 335 -30.53 -30.40 0.32
CA TYR B 335 -31.25 -29.13 0.38
C TYR B 335 -32.74 -29.24 0.12
N LYS B 336 -33.46 -28.19 0.49
CA LYS B 336 -34.92 -28.20 0.50
C LYS B 336 -35.39 -26.77 0.71
N VAL B 337 -36.71 -26.52 0.56
CA VAL B 337 -37.24 -25.18 0.88
C VAL B 337 -38.06 -25.32 2.16
N ILE B 338 -37.77 -24.47 3.16
CA ILE B 338 -38.60 -24.37 4.36
C ILE B 338 -39.34 -23.02 4.38
N THR B 339 -40.40 -22.95 5.21
CA THR B 339 -40.93 -21.65 5.62
C THR B 339 -40.72 -21.46 7.11
N ILE B 340 -40.47 -20.22 7.49
CA ILE B 340 -40.37 -19.83 8.91
C ILE B 340 -41.36 -18.70 9.10
N ASP B 341 -42.34 -18.92 9.98
CA ASP B 341 -43.40 -17.94 10.21
C ASP B 341 -42.98 -17.03 11.37
N LEU B 342 -42.63 -15.78 11.04
CA LEU B 342 -42.12 -14.86 12.03
C LEU B 342 -43.22 -14.23 12.86
N SER B 343 -44.49 -14.50 12.53
CA SER B 343 -45.57 -13.92 13.34
C SER B 343 -45.68 -14.59 14.70
N LYS B 344 -44.95 -15.66 14.93
CA LYS B 344 -44.97 -16.40 16.17
C LYS B 344 -43.72 -16.14 17.00
N ASP B 345 -43.88 -16.25 18.32
CA ASP B 345 -42.77 -16.03 19.24
C ASP B 345 -41.66 -17.03 19.00
N GLU B 346 -42.01 -18.31 19.00
CA GLU B 346 -41.09 -19.35 18.58
C GLU B 346 -41.45 -19.68 17.15
N PRO B 347 -40.66 -19.26 16.17
CA PRO B 347 -41.06 -19.44 14.77
C PRO B 347 -41.40 -20.89 14.46
N GLU B 348 -42.49 -21.07 13.73
CA GLU B 348 -42.89 -22.38 13.23
C GLU B 348 -42.17 -22.64 11.91
N ILE B 349 -41.50 -23.79 11.80
CA ILE B 349 -40.64 -24.15 10.66
C ILE B 349 -41.23 -25.40 10.01
N ARG B 350 -41.47 -25.32 8.71
CA ARG B 350 -42.16 -26.36 7.95
C ARG B 350 -41.48 -26.53 6.60
N ASP B 351 -41.54 -27.73 6.03
CA ASP B 351 -41.06 -28.02 4.68
C ASP B 351 -42.05 -27.53 3.66
N PHE B 352 -41.60 -26.69 2.74
CA PHE B 352 -42.49 -26.26 1.66
C PHE B 352 -42.30 -27.12 0.41
N ILE B 353 -41.04 -27.29 -0.01
CA ILE B 353 -40.66 -28.25 -1.05
C ILE B 353 -39.71 -29.21 -0.34
N PRO B 354 -40.06 -30.49 -0.18
CA PRO B 354 -39.29 -31.36 0.68
C PRO B 354 -37.99 -31.75 0.01
N GLU B 355 -37.05 -32.19 0.81
CA GLU B 355 -35.78 -32.67 0.30
C GLU B 355 -36.01 -33.89 -0.61
N GLU B 356 -35.28 -33.93 -1.73
CA GLU B 356 -35.21 -35.13 -2.58
C GLU B 356 -33.98 -35.95 -2.21
N LYS B 357 -34.17 -37.25 -1.91
CA LYS B 357 -33.05 -38.06 -1.42
C LYS B 357 -31.88 -38.05 -2.39
N ASP B 358 -32.15 -38.02 -3.69
CA ASP B 358 -31.13 -38.30 -4.69
C ASP B 358 -31.04 -37.18 -5.74
N ALA B 359 -31.44 -35.95 -5.40
CA ALA B 359 -31.24 -34.84 -6.32
C ALA B 359 -31.07 -33.60 -5.48
N LYS B 360 -30.06 -32.78 -5.79
CA LYS B 360 -29.71 -31.62 -4.98
C LYS B 360 -30.52 -30.42 -5.46
N LEU B 361 -31.18 -29.75 -4.55
CA LEU B 361 -31.83 -28.50 -4.89
C LEU B 361 -30.77 -27.42 -4.93
N ALA B 362 -30.49 -26.94 -6.14
CA ALA B 362 -29.35 -26.08 -6.37
C ALA B 362 -29.72 -24.60 -6.33
N GLN B 363 -30.92 -24.24 -6.78
CA GLN B 363 -31.34 -22.85 -6.86
C GLN B 363 -32.86 -22.79 -6.85
N VAL B 364 -33.41 -21.79 -6.14
CA VAL B 364 -34.86 -21.51 -6.21
C VAL B 364 -35.06 -20.01 -6.22
N ASN B 365 -35.80 -19.54 -7.21
CA ASN B 365 -36.20 -18.13 -7.29
C ASN B 365 -37.71 -17.99 -7.29
N CYS B 366 -38.20 -16.97 -6.58
CA CYS B 366 -39.60 -16.59 -6.73
C CYS B 366 -39.78 -15.84 -8.06
N ALA B 367 -40.86 -16.16 -8.78
CA ALA B 367 -41.18 -15.50 -10.06
C ALA B 367 -42.68 -15.16 -10.15
N ASN B 368 -42.98 -14.06 -10.84
CA ASN B 368 -44.35 -13.61 -11.06
C ASN B 368 -45.10 -13.59 -9.73
N GLU B 369 -44.41 -13.08 -8.71
CA GLU B 369 -44.88 -12.79 -7.36
C GLU B 369 -45.12 -14.01 -6.48
N GLU B 370 -45.68 -15.08 -7.05
CA GLU B 370 -46.12 -16.18 -6.21
C GLU B 370 -45.65 -17.57 -6.69
N TYR B 371 -44.98 -17.65 -7.84
CA TYR B 371 -44.46 -18.91 -8.36
C TYR B 371 -43.00 -19.11 -7.97
N PHE B 372 -42.55 -20.36 -8.09
CA PHE B 372 -41.14 -20.63 -7.79
C PHE B 372 -40.54 -21.40 -8.96
N VAL B 373 -39.31 -21.03 -9.33
CA VAL B 373 -38.56 -21.78 -10.34
C VAL B 373 -37.41 -22.44 -9.61
N ALA B 374 -37.28 -23.76 -9.76
CA ALA B 374 -36.28 -24.53 -9.02
C ALA B 374 -35.36 -25.24 -10.01
N ILE B 375 -34.08 -25.27 -9.71
CA ILE B 375 -33.09 -26.07 -10.43
CA ILE B 375 -33.15 -26.11 -10.45
C ILE B 375 -32.68 -27.21 -9.54
N TYR B 376 -32.86 -28.45 -10.01
CA TYR B 376 -32.35 -29.63 -9.32
C TYR B 376 -31.18 -30.17 -10.10
N LYS B 377 -30.14 -30.60 -9.39
CA LYS B 377 -28.97 -31.21 -10.00
C LYS B 377 -29.05 -32.70 -9.66
N ARG B 378 -29.32 -33.51 -10.66
CA ARG B 378 -29.50 -34.95 -10.48
C ARG B 378 -28.45 -35.61 -11.36
N ASN B 379 -27.58 -36.42 -10.73
CA ASN B 379 -26.43 -37.00 -11.43
C ASN B 379 -25.59 -35.92 -12.12
N VAL B 380 -25.44 -34.77 -11.43
CA VAL B 380 -24.60 -33.62 -11.85
C VAL B 380 -25.14 -32.97 -13.13
N LYS B 381 -26.44 -33.15 -13.41
CA LYS B 381 -27.06 -32.55 -14.60
C LYS B 381 -28.31 -31.79 -14.14
N ASP B 382 -28.47 -30.55 -14.61
CA ASP B 382 -29.53 -29.72 -14.04
C ASP B 382 -30.87 -29.92 -14.73
N GLU B 383 -31.93 -29.82 -13.93
CA GLU B 383 -33.30 -29.98 -14.40
C GLU B 383 -34.09 -28.82 -13.84
N ILE B 384 -34.95 -28.21 -14.66
CA ILE B 384 -35.62 -26.97 -14.27
C ILE B 384 -37.12 -27.27 -14.11
N TYR B 385 -37.71 -26.80 -13.01
CA TYR B 385 -39.13 -27.00 -12.75
C TYR B 385 -39.79 -25.71 -12.30
N LEU B 386 -41.10 -25.61 -12.59
CA LEU B 386 -41.92 -24.48 -12.19
C LEU B 386 -42.85 -24.98 -11.12
N TYR B 387 -42.94 -24.27 -10.03
CA TYR B 387 -43.81 -24.62 -8.91
C TYR B 387 -44.86 -23.54 -8.66
N SER B 388 -46.06 -23.96 -8.23
CA SER B 388 -47.05 -22.98 -7.83
C SER B 388 -46.89 -22.49 -6.39
N LYS B 389 -47.71 -21.50 -6.05
CA LYS B 389 -47.72 -20.96 -4.68
C LYS B 389 -48.13 -22.02 -3.67
N ALA B 390 -48.84 -23.05 -4.11
CA ALA B 390 -49.17 -24.16 -3.21
C ALA B 390 -48.09 -25.23 -3.14
N GLY B 391 -46.94 -24.98 -3.75
CA GLY B 391 -45.88 -25.99 -3.70
C GLY B 391 -46.11 -27.17 -4.64
N VAL B 392 -47.01 -27.03 -5.63
CA VAL B 392 -47.24 -28.10 -6.60
C VAL B 392 -46.25 -27.94 -7.75
N GLN B 393 -45.56 -29.03 -8.07
CA GLN B 393 -44.66 -28.99 -9.21
C GLN B 393 -45.52 -29.06 -10.46
N LEU B 394 -45.52 -27.99 -11.25
CA LEU B 394 -46.41 -27.81 -12.39
C LEU B 394 -45.88 -28.41 -13.68
N THR B 395 -44.61 -28.16 -13.98
CA THR B 395 -44.06 -28.58 -15.25
C THR B 395 -42.54 -28.60 -15.15
N ARG B 396 -41.93 -29.41 -15.99
CA ARG B 396 -40.48 -29.34 -16.20
C ARG B 396 -40.23 -28.50 -17.44
N LEU B 397 -39.27 -27.59 -17.38
CA LEU B 397 -38.95 -26.72 -18.50
C LEU B 397 -37.65 -27.21 -19.15
N ALA B 398 -37.55 -27.07 -20.48
CA ALA B 398 -36.39 -27.56 -21.23
C ALA B 398 -36.02 -29.00 -20.87
N PRO B 399 -36.97 -29.95 -20.98
CA PRO B 399 -36.71 -31.29 -20.44
C PRO B 399 -35.64 -32.05 -21.17
N ASP B 400 -35.24 -31.65 -22.38
CA ASP B 400 -34.21 -32.34 -23.15
C ASP B 400 -32.82 -31.72 -22.97
N PHE B 401 -32.73 -30.63 -22.21
CA PHE B 401 -31.46 -29.97 -21.98
C PHE B 401 -30.56 -30.84 -21.07
N VAL B 402 -29.28 -30.91 -21.44
CA VAL B 402 -28.29 -31.64 -20.70
C VAL B 402 -27.12 -30.70 -20.41
N GLY B 403 -26.97 -30.28 -19.17
CA GLY B 403 -25.88 -29.41 -18.83
C GLY B 403 -26.17 -28.63 -17.56
N ALA B 404 -25.76 -27.38 -17.51
CA ALA B 404 -25.91 -26.58 -16.30
C ALA B 404 -26.84 -25.42 -16.60
N ALA B 405 -27.70 -25.08 -15.63
CA ALA B 405 -28.73 -24.06 -15.80
C ALA B 405 -28.71 -23.07 -14.65
N SER B 406 -29.10 -21.83 -14.94
CA SER B 406 -29.30 -20.79 -13.94
C SER B 406 -30.50 -19.97 -14.31
N ILE B 407 -31.00 -19.22 -13.34
CA ILE B 407 -32.20 -18.41 -13.53
C ILE B 407 -31.83 -16.94 -13.49
N ALA B 408 -32.48 -16.16 -14.33
CA ALA B 408 -32.33 -14.70 -14.31
C ALA B 408 -33.74 -14.14 -14.28
N ASN B 409 -34.07 -13.39 -13.21
CA ASN B 409 -35.40 -12.78 -13.13
C ASN B 409 -35.47 -11.71 -12.05
N ARG B 410 -36.63 -11.04 -12.00
CA ARG B 410 -36.99 -10.17 -10.89
C ARG B 410 -38.34 -10.64 -10.40
N GLN B 411 -38.44 -10.94 -9.10
CA GLN B 411 -39.65 -11.61 -8.56
C GLN B 411 -40.95 -10.95 -9.01
N LYS B 412 -40.96 -9.63 -9.13
CA LYS B 412 -42.24 -8.97 -9.33
C LYS B 412 -42.73 -9.06 -10.77
N GLN B 413 -41.90 -9.49 -11.70
CA GLN B 413 -42.26 -9.39 -13.11
C GLN B 413 -42.95 -10.65 -13.60
N THR B 414 -43.57 -10.53 -14.77
CA THR B 414 -44.37 -11.61 -15.34
C THR B 414 -43.59 -12.53 -16.26
N HIS B 415 -42.25 -12.52 -16.19
CA HIS B 415 -41.43 -13.45 -16.97
C HIS B 415 -40.18 -13.84 -16.16
N PHE B 416 -39.44 -14.82 -16.68
CA PHE B 416 -38.09 -15.14 -16.19
C PHE B 416 -37.32 -15.73 -17.33
N PHE B 417 -35.98 -15.77 -17.18
CA PHE B 417 -35.14 -16.40 -18.17
C PHE B 417 -34.35 -17.54 -17.52
N LEU B 418 -33.97 -18.48 -18.36
CA LEU B 418 -32.99 -19.48 -17.98
C LEU B 418 -31.76 -19.30 -18.83
N THR B 419 -30.57 -19.41 -18.21
CA THR B 419 -29.32 -19.48 -18.99
C THR B 419 -28.83 -20.92 -18.96
N LEU B 420 -28.61 -21.51 -20.14
CA LEU B 420 -28.33 -22.93 -20.29
C LEU B 420 -27.02 -23.13 -21.05
N SER B 421 -26.14 -23.96 -20.54
CA SER B 421 -24.92 -24.30 -21.26
C SER B 421 -24.42 -25.67 -20.82
N GLY B 422 -23.49 -26.22 -21.58
CA GLY B 422 -22.94 -27.52 -21.26
C GLY B 422 -21.79 -27.79 -22.18
N PHE B 423 -21.31 -29.06 -22.17
CA PHE B 423 -20.07 -29.33 -22.92
C PHE B 423 -20.25 -29.08 -24.40
N ASN B 424 -21.44 -29.27 -24.96
CA ASN B 424 -21.64 -28.95 -26.36
C ASN B 424 -22.83 -28.00 -26.57
N THR B 425 -23.19 -27.18 -25.57
CA THR B 425 -24.23 -26.15 -25.68
C THR B 425 -23.57 -24.81 -25.35
N PRO B 426 -23.28 -23.98 -26.37
CA PRO B 426 -22.50 -22.76 -26.11
C PRO B 426 -23.17 -21.75 -25.22
N GLY B 427 -24.49 -21.66 -25.25
CA GLY B 427 -25.12 -20.62 -24.44
C GLY B 427 -26.50 -20.27 -24.96
N THR B 428 -27.53 -20.86 -24.34
CA THR B 428 -28.90 -20.64 -24.80
C THR B 428 -29.65 -19.87 -23.71
N ILE B 429 -30.40 -18.86 -24.11
CA ILE B 429 -31.18 -18.08 -23.15
C ILE B 429 -32.64 -18.34 -23.48
N ALA B 430 -33.35 -18.96 -22.54
CA ALA B 430 -34.76 -19.28 -22.73
C ALA B 430 -35.61 -18.30 -21.93
N ARG B 431 -36.86 -18.10 -22.38
CA ARG B 431 -37.74 -17.14 -21.73
C ARG B 431 -39.04 -17.84 -21.41
N TYR B 432 -39.56 -17.55 -20.23
CA TYR B 432 -40.90 -18.02 -19.84
C TYR B 432 -41.76 -16.81 -19.55
N ASP B 433 -42.87 -16.68 -20.29
CA ASP B 433 -43.72 -15.49 -20.22
C ASP B 433 -45.08 -15.90 -19.68
N PHE B 434 -45.37 -15.52 -18.42
CA PHE B 434 -46.64 -15.88 -17.78
C PHE B 434 -47.85 -15.26 -18.49
N THR B 435 -47.67 -14.17 -19.25
CA THR B 435 -48.80 -13.54 -19.91
C THR B 435 -49.22 -14.24 -21.21
N ALA B 436 -48.44 -15.19 -21.70
CA ALA B 436 -48.71 -15.82 -22.98
C ALA B 436 -49.74 -16.93 -22.79
N PRO B 437 -50.38 -17.38 -23.90
CA PRO B 437 -51.32 -18.51 -23.79
C PRO B 437 -50.61 -19.75 -23.28
N GLU B 438 -51.36 -20.62 -22.59
CA GLU B 438 -50.74 -21.66 -21.78
C GLU B 438 -49.75 -22.55 -22.54
N THR B 439 -49.96 -22.76 -23.85
CA THR B 439 -49.05 -23.61 -24.60
C THR B 439 -47.88 -22.84 -25.19
N GLN B 440 -47.84 -21.52 -25.06
CA GLN B 440 -46.85 -20.71 -25.76
C GLN B 440 -45.97 -19.95 -24.78
N ARG B 441 -45.86 -20.43 -23.55
CA ARG B 441 -45.20 -19.60 -22.56
C ARG B 441 -43.67 -19.70 -22.62
N PHE B 442 -43.14 -20.84 -23.09
CA PHE B 442 -41.70 -21.08 -23.07
C PHE B 442 -41.13 -20.91 -24.47
N SER B 443 -40.08 -20.10 -24.59
CA SER B 443 -39.47 -19.89 -25.90
C SER B 443 -37.98 -19.73 -25.74
N ILE B 444 -37.27 -19.80 -26.86
CA ILE B 444 -35.83 -19.51 -26.88
C ILE B 444 -35.63 -18.06 -27.30
N LEU B 445 -34.99 -17.26 -26.44
CA LEU B 445 -34.71 -15.87 -26.76
C LEU B 445 -33.49 -15.73 -27.68
N ARG B 446 -32.40 -16.40 -27.32
CA ARG B 446 -31.16 -16.30 -28.06
C ARG B 446 -30.40 -17.62 -27.93
N THR B 447 -29.68 -17.99 -28.99
CA THR B 447 -28.74 -19.10 -28.98
CA THR B 447 -28.72 -19.09 -28.92
C THR B 447 -27.37 -18.57 -29.39
N THR B 448 -26.35 -18.93 -28.63
CA THR B 448 -25.00 -18.47 -28.97
C THR B 448 -24.46 -19.25 -30.17
N LYS B 449 -23.99 -18.53 -31.21
CA LYS B 449 -23.47 -19.18 -32.41
C LYS B 449 -21.95 -19.06 -32.36
N VAL B 450 -21.26 -20.18 -32.49
CA VAL B 450 -19.82 -20.18 -32.29
C VAL B 450 -19.09 -20.06 -33.62
N ASN B 451 -17.75 -20.14 -33.59
CA ASN B 451 -16.90 -19.90 -34.77
C ASN B 451 -16.03 -21.12 -35.09
N GLU B 452 -16.07 -21.57 -36.36
CA GLU B 452 -15.28 -22.69 -36.90
C GLU B 452 -15.83 -24.02 -36.38
N LEU B 453 -15.90 -24.16 -35.07
CA LEU B 453 -16.46 -25.33 -34.39
C LEU B 453 -17.92 -25.58 -34.72
N ASP B 454 -18.27 -26.86 -34.77
CA ASP B 454 -19.67 -27.28 -34.78
C ASP B 454 -19.93 -28.07 -33.51
N PRO B 455 -20.67 -27.53 -32.57
CA PRO B 455 -20.91 -28.25 -31.29
C PRO B 455 -21.47 -29.64 -31.51
N ASP B 456 -22.23 -29.87 -32.61
CA ASP B 456 -22.81 -31.19 -32.92
C ASP B 456 -21.75 -32.25 -33.20
N ASP B 457 -20.53 -31.84 -33.52
CA ASP B 457 -19.48 -32.79 -33.76
C ASP B 457 -18.95 -33.43 -32.50
N PHE B 458 -19.46 -33.07 -31.32
CA PHE B 458 -18.90 -33.55 -30.06
C PHE B 458 -19.99 -34.25 -29.25
N GLU B 459 -19.59 -35.31 -28.57
CA GLU B 459 -20.48 -36.11 -27.73
C GLU B 459 -20.01 -36.02 -26.28
N SER B 460 -20.94 -35.87 -25.33
CA SER B 460 -20.56 -36.04 -23.93
C SER B 460 -21.41 -37.16 -23.34
N THR B 461 -20.78 -37.99 -22.51
CA THR B 461 -21.47 -39.09 -21.86
C THR B 461 -21.02 -39.11 -20.40
N GLN B 462 -21.73 -39.86 -19.58
CA GLN B 462 -21.39 -39.98 -18.17
C GLN B 462 -21.18 -41.44 -17.87
N VAL B 463 -20.02 -41.78 -17.32
CA VAL B 463 -19.68 -43.15 -16.95
C VAL B 463 -19.45 -43.19 -15.43
N TRP B 464 -19.56 -44.37 -14.86
CA TRP B 464 -19.34 -44.54 -13.42
C TRP B 464 -18.15 -45.45 -13.18
N TYR B 465 -17.27 -45.05 -12.27
CA TYR B 465 -16.12 -45.90 -11.90
C TYR B 465 -16.12 -46.12 -10.39
N GLU B 466 -15.26 -47.03 -9.90
CA GLU B 466 -15.23 -47.30 -8.45
C GLU B 466 -13.93 -46.77 -7.84
N SER B 467 -14.05 -46.03 -6.76
CA SER B 467 -12.86 -45.54 -6.08
C SER B 467 -12.30 -46.64 -5.21
N LYS B 468 -11.19 -46.32 -4.55
CA LYS B 468 -10.45 -47.29 -3.72
C LYS B 468 -11.33 -47.94 -2.67
N ASP B 469 -12.19 -47.18 -1.99
CA ASP B 469 -13.03 -47.70 -0.91
C ASP B 469 -14.34 -48.31 -1.42
N GLY B 470 -14.51 -48.45 -2.73
CA GLY B 470 -15.72 -49.00 -3.29
C GLY B 470 -16.77 -48.00 -3.76
N THR B 471 -16.61 -46.71 -3.41
CA THR B 471 -17.63 -45.72 -3.75
C THR B 471 -17.70 -45.57 -5.25
N LYS B 472 -18.94 -45.51 -5.80
CA LYS B 472 -19.16 -45.30 -7.24
C LYS B 472 -19.19 -43.80 -7.50
N ILE B 473 -18.41 -43.36 -8.48
CA ILE B 473 -18.21 -41.92 -8.78
C ILE B 473 -18.55 -41.75 -10.24
N PRO B 474 -19.36 -40.76 -10.63
CA PRO B 474 -19.61 -40.50 -12.06
C PRO B 474 -18.52 -39.63 -12.61
N MET B 475 -18.36 -39.74 -13.92
CA MET B 475 -17.38 -38.91 -14.66
C MET B 475 -17.97 -38.56 -16.02
N PHE B 476 -17.88 -37.25 -16.39
CA PHE B 476 -18.20 -36.86 -17.75
C PHE B 476 -17.03 -37.12 -18.68
N ILE B 477 -17.34 -37.61 -19.89
CA ILE B 477 -16.31 -37.86 -20.91
CA ILE B 477 -16.30 -37.85 -20.91
C ILE B 477 -16.78 -37.16 -22.16
N VAL B 478 -15.96 -36.24 -22.71
CA VAL B 478 -16.32 -35.50 -23.91
C VAL B 478 -15.33 -35.88 -25.01
N ARG B 479 -15.83 -36.09 -26.24
CA ARG B 479 -14.92 -36.42 -27.33
C ARG B 479 -15.47 -35.84 -28.62
N HIS B 480 -14.57 -35.57 -29.56
CA HIS B 480 -15.05 -35.38 -30.94
C HIS B 480 -15.57 -36.71 -31.45
N LYS B 481 -16.68 -36.67 -32.18
CA LYS B 481 -17.40 -37.92 -32.52
C LYS B 481 -16.60 -38.86 -33.40
N SER B 482 -15.47 -38.44 -33.96
CA SER B 482 -14.65 -39.37 -34.72
CA SER B 482 -14.64 -39.36 -34.73
C SER B 482 -13.63 -40.09 -33.85
N THR B 483 -13.58 -39.79 -32.56
CA THR B 483 -12.58 -40.39 -31.68
C THR B 483 -13.11 -41.68 -31.09
N LYS B 484 -12.30 -42.73 -31.14
CA LYS B 484 -12.70 -44.03 -30.62
C LYS B 484 -12.15 -44.26 -29.22
N PHE B 485 -12.91 -45.04 -28.43
CA PHE B 485 -12.42 -45.54 -27.13
C PHE B 485 -11.76 -46.91 -27.35
N ASP B 486 -10.57 -46.87 -27.95
CA ASP B 486 -9.84 -48.08 -28.30
C ASP B 486 -8.44 -48.09 -27.70
N GLY B 487 -8.21 -47.35 -26.61
CA GLY B 487 -6.92 -47.34 -25.96
C GLY B 487 -5.86 -46.46 -26.60
N THR B 488 -6.25 -45.52 -27.47
CA THR B 488 -5.27 -44.70 -28.18
C THR B 488 -5.38 -43.22 -27.88
N ALA B 489 -6.52 -42.73 -27.42
CA ALA B 489 -6.62 -41.27 -27.25
C ALA B 489 -5.85 -40.76 -26.02
N ALA B 490 -5.37 -39.52 -26.11
CA ALA B 490 -4.95 -38.85 -24.90
C ALA B 490 -6.19 -38.32 -24.17
N ALA B 491 -6.05 -38.08 -22.86
CA ALA B 491 -7.16 -37.50 -22.08
C ALA B 491 -6.64 -36.32 -21.30
N ILE B 492 -7.45 -35.29 -21.19
CA ILE B 492 -7.20 -34.21 -20.25
C ILE B 492 -8.23 -34.38 -19.16
N GLN B 493 -7.77 -34.67 -17.96
CA GLN B 493 -8.65 -34.94 -16.81
C GLN B 493 -8.62 -33.71 -15.90
N TYR B 494 -9.79 -33.11 -15.69
CA TYR B 494 -9.89 -31.85 -14.97
C TYR B 494 -10.58 -32.10 -13.63
N GLY B 495 -10.13 -31.40 -12.59
CA GLY B 495 -10.73 -31.56 -11.26
C GLY B 495 -10.61 -30.31 -10.43
N TYR B 496 -11.48 -30.22 -9.42
CA TYR B 496 -11.37 -29.17 -8.41
C TYR B 496 -11.29 -29.84 -7.03
N GLY B 497 -12.38 -30.43 -6.57
CA GLY B 497 -12.40 -31.41 -5.49
C GLY B 497 -12.43 -30.80 -4.10
N GLY B 498 -13.34 -29.88 -3.84
CA GLY B 498 -13.41 -29.26 -2.52
C GLY B 498 -14.49 -28.19 -2.44
N PHE B 499 -14.77 -27.80 -1.19
CA PHE B 499 -15.58 -26.64 -0.84
C PHE B 499 -17.04 -26.80 -1.28
N ALA B 500 -17.46 -28.03 -1.50
CA ALA B 500 -18.82 -28.33 -1.96
C ALA B 500 -19.09 -27.71 -3.33
N THR B 501 -18.03 -27.45 -4.09
CA THR B 501 -18.20 -26.89 -5.42
C THR B 501 -18.45 -28.04 -6.38
N SER B 502 -19.46 -27.92 -7.21
CA SER B 502 -19.81 -29.00 -8.16
CA SER B 502 -19.81 -28.99 -8.15
C SER B 502 -19.03 -28.84 -9.45
N ALA B 503 -18.48 -29.95 -9.93
CA ALA B 503 -17.74 -29.98 -11.22
C ALA B 503 -18.75 -30.10 -12.38
N ASP B 504 -19.46 -28.99 -12.61
CA ASP B 504 -20.57 -28.95 -13.56
C ASP B 504 -20.14 -28.94 -15.01
N PRO B 505 -21.02 -29.41 -15.91
CA PRO B 505 -20.84 -29.15 -17.36
C PRO B 505 -20.63 -27.70 -17.66
N PHE B 506 -19.81 -27.45 -18.66
CA PHE B 506 -19.59 -26.07 -19.04
C PHE B 506 -19.14 -26.08 -20.49
N PHE B 507 -19.25 -24.95 -21.16
CA PHE B 507 -18.84 -24.87 -22.56
C PHE B 507 -17.47 -24.21 -22.69
N SER B 508 -16.53 -24.90 -23.36
CA SER B 508 -15.21 -24.31 -23.63
C SER B 508 -14.80 -24.53 -25.08
N PRO B 509 -14.81 -23.47 -25.93
CA PRO B 509 -14.39 -23.67 -27.32
C PRO B 509 -12.94 -24.07 -27.42
N ILE B 510 -12.11 -23.61 -26.47
CA ILE B 510 -10.69 -23.99 -26.52
C ILE B 510 -10.50 -25.48 -26.23
N ILE B 511 -11.22 -26.03 -25.23
CA ILE B 511 -11.10 -27.47 -25.00
C ILE B 511 -11.62 -28.26 -26.20
N LEU B 512 -12.79 -27.87 -26.75
CA LEU B 512 -13.31 -28.65 -27.87
C LEU B 512 -12.35 -28.60 -29.06
N THR B 513 -11.75 -27.43 -29.27
CA THR B 513 -10.76 -27.32 -30.36
C THR B 513 -9.59 -28.27 -30.13
N PHE B 514 -9.12 -28.39 -28.87
CA PHE B 514 -8.03 -29.33 -28.59
C PHE B 514 -8.48 -30.77 -28.87
N LEU B 515 -9.70 -31.10 -28.46
CA LEU B 515 -10.20 -32.47 -28.65
C LEU B 515 -10.25 -32.82 -30.13
N GLN B 516 -10.76 -31.90 -30.95
CA GLN B 516 -10.86 -32.14 -32.40
C GLN B 516 -9.48 -32.15 -33.05
N THR B 517 -8.58 -31.30 -32.59
CA THR B 517 -7.26 -31.19 -33.22
C THR B 517 -6.44 -32.45 -33.02
N TYR B 518 -6.53 -33.06 -31.84
CA TYR B 518 -5.67 -34.16 -31.48
C TYR B 518 -6.39 -35.47 -31.31
N GLY B 519 -7.71 -35.49 -31.46
CA GLY B 519 -8.42 -36.74 -31.16
C GLY B 519 -8.34 -37.15 -29.71
N ALA B 520 -8.27 -36.16 -28.81
CA ALA B 520 -8.20 -36.36 -27.37
C ALA B 520 -9.60 -36.37 -26.75
N ILE B 521 -9.68 -36.80 -25.49
CA ILE B 521 -10.93 -36.75 -24.74
C ILE B 521 -10.73 -35.85 -23.53
N PHE B 522 -11.85 -35.30 -23.02
CA PHE B 522 -11.89 -34.48 -21.84
C PHE B 522 -12.69 -35.20 -20.77
N ALA B 523 -12.12 -35.33 -19.59
CA ALA B 523 -12.73 -36.14 -18.52
C ALA B 523 -12.90 -35.29 -17.26
N VAL B 524 -14.10 -35.34 -16.67
CA VAL B 524 -14.45 -34.51 -15.52
C VAL B 524 -15.04 -35.41 -14.44
N PRO B 525 -14.25 -36.05 -13.59
CA PRO B 525 -14.82 -36.92 -12.55
C PRO B 525 -15.39 -36.13 -11.36
N SER B 526 -16.57 -36.57 -10.88
CA SER B 526 -17.26 -35.83 -9.83
C SER B 526 -16.75 -36.28 -8.47
N ILE B 527 -15.50 -35.93 -8.17
CA ILE B 527 -14.84 -36.50 -7.00
C ILE B 527 -15.40 -35.95 -5.67
N ARG B 528 -15.28 -36.78 -4.63
CA ARG B 528 -15.69 -36.32 -3.30
C ARG B 528 -14.91 -35.10 -2.83
N GLY B 529 -15.56 -34.30 -1.93
CA GLY B 529 -15.16 -32.95 -1.63
C GLY B 529 -15.94 -31.91 -2.42
N GLY B 530 -16.38 -32.29 -3.63
CA GLY B 530 -17.30 -31.47 -4.40
C GLY B 530 -18.70 -31.51 -3.77
N GLY B 531 -19.63 -30.72 -4.35
CA GLY B 531 -21.00 -30.73 -3.79
C GLY B 531 -22.00 -31.39 -4.74
N GLU B 532 -21.48 -32.20 -5.67
CA GLU B 532 -22.36 -32.78 -6.70
C GLU B 532 -23.53 -33.53 -6.06
N PHE B 533 -23.26 -34.28 -5.02
CA PHE B 533 -24.29 -35.09 -4.37
C PHE B 533 -24.62 -34.55 -2.98
N GLY B 534 -24.57 -33.22 -2.83
CA GLY B 534 -25.02 -32.55 -1.62
C GLY B 534 -23.93 -32.58 -0.55
N GLU B 535 -24.30 -32.16 0.67
CA GLU B 535 -23.26 -31.98 1.69
C GLU B 535 -22.55 -33.28 2.09
N GLU B 536 -23.19 -34.44 2.01
CA GLU B 536 -22.47 -35.67 2.37
C GLU B 536 -21.34 -35.97 1.38
N TRP B 537 -21.50 -35.54 0.14
CA TRP B 537 -20.44 -35.67 -0.86
C TRP B 537 -19.27 -34.77 -0.49
N HIS B 538 -19.54 -33.55 -0.03
CA HIS B 538 -18.46 -32.67 0.46
C HIS B 538 -17.78 -33.27 1.67
N LYS B 539 -18.57 -33.74 2.65
CA LYS B 539 -18.02 -34.33 3.85
C LYS B 539 -17.21 -35.58 3.56
N GLY B 540 -17.48 -36.27 2.44
CA GLY B 540 -16.70 -37.42 2.06
C GLY B 540 -15.28 -37.11 1.54
N GLY B 541 -14.94 -35.83 1.37
CA GLY B 541 -13.60 -35.41 0.95
C GLY B 541 -13.24 -34.07 1.56
N ARG B 542 -13.17 -34.04 2.90
CA ARG B 542 -12.85 -32.83 3.63
C ARG B 542 -12.17 -33.22 4.96
N ARG B 543 -11.20 -32.40 5.40
CA ARG B 543 -10.49 -32.59 6.65
C ARG B 543 -9.98 -34.01 6.76
N GLU B 544 -10.42 -34.80 7.77
CA GLU B 544 -9.82 -36.13 7.92
C GLU B 544 -10.15 -37.08 6.75
N THR B 545 -11.13 -36.78 5.89
CA THR B 545 -11.42 -37.64 4.74
C THR B 545 -10.90 -37.07 3.43
N LYS B 546 -10.07 -36.01 3.50
CA LYS B 546 -9.61 -35.34 2.28
C LYS B 546 -8.84 -36.30 1.38
N VAL B 547 -8.21 -37.32 1.98
CA VAL B 547 -7.48 -38.29 1.18
C VAL B 547 -8.39 -38.92 0.13
N ASN B 548 -9.71 -39.01 0.39
CA ASN B 548 -10.62 -39.62 -0.59
C ASN B 548 -10.69 -38.82 -1.88
N THR B 549 -10.58 -37.48 -1.77
CA THR B 549 -10.58 -36.65 -2.96
C THR B 549 -9.44 -37.08 -3.90
N PHE B 550 -8.25 -37.27 -3.34
CA PHE B 550 -7.10 -37.68 -4.13
C PHE B 550 -7.29 -39.11 -4.63
N ASP B 551 -7.77 -40.02 -3.77
CA ASP B 551 -7.98 -41.37 -4.25
C ASP B 551 -9.01 -41.39 -5.37
N ASP B 552 -10.11 -40.60 -5.25
CA ASP B 552 -11.10 -40.57 -6.32
C ASP B 552 -10.48 -40.11 -7.65
N PHE B 553 -9.62 -39.08 -7.61
CA PHE B 553 -9.10 -38.50 -8.85
C PHE B 553 -8.11 -39.46 -9.49
N ILE B 554 -7.30 -40.09 -8.66
CA ILE B 554 -6.33 -41.08 -9.17
C ILE B 554 -7.07 -42.27 -9.75
N ALA B 555 -8.06 -42.78 -9.02
CA ALA B 555 -8.86 -43.88 -9.54
C ALA B 555 -9.50 -43.54 -10.86
N ALA B 556 -9.94 -42.26 -11.07
CA ALA B 556 -10.51 -41.92 -12.35
C ALA B 556 -9.48 -42.11 -13.48
N ALA B 557 -8.25 -41.69 -13.23
CA ALA B 557 -7.25 -41.79 -14.29
C ALA B 557 -6.93 -43.23 -14.58
N GLN B 558 -6.93 -44.06 -13.53
CA GLN B 558 -6.61 -45.48 -13.72
C GLN B 558 -7.70 -46.16 -14.53
N PHE B 559 -8.96 -45.78 -14.26
CA PHE B 559 -10.11 -46.29 -14.98
C PHE B 559 -10.09 -45.88 -16.43
N LEU B 560 -9.69 -44.65 -16.74
CA LEU B 560 -9.68 -44.26 -18.16
C LEU B 560 -8.78 -45.18 -18.97
N VAL B 561 -7.63 -45.55 -18.42
CA VAL B 561 -6.67 -46.36 -19.15
C VAL B 561 -7.10 -47.83 -19.11
N LYS B 562 -7.49 -48.31 -17.93
CA LYS B 562 -7.93 -49.70 -17.79
C LYS B 562 -9.08 -50.04 -18.75
N ASN B 563 -10.05 -49.14 -18.89
CA ASN B 563 -11.22 -49.41 -19.70
C ASN B 563 -11.10 -48.84 -21.13
N LYS B 564 -9.88 -48.47 -21.57
CA LYS B 564 -9.54 -48.14 -22.97
C LYS B 564 -10.15 -46.85 -23.44
N TYR B 565 -10.57 -45.95 -22.53
CA TYR B 565 -10.92 -44.60 -22.97
C TYR B 565 -9.69 -43.83 -23.45
N ALA B 566 -8.57 -44.05 -22.78
CA ALA B 566 -7.32 -43.31 -23.07
C ALA B 566 -6.18 -44.31 -23.12
N ALA B 567 -5.08 -43.90 -23.80
CA ALA B 567 -3.89 -44.73 -23.90
C ALA B 567 -3.12 -44.73 -22.59
N PRO B 568 -2.43 -45.83 -22.29
CA PRO B 568 -1.50 -45.84 -21.15
C PRO B 568 -0.51 -44.66 -21.22
N GLY B 569 -0.24 -44.04 -20.07
CA GLY B 569 0.64 -42.85 -20.07
C GLY B 569 0.13 -41.59 -20.72
N LYS B 570 -1.14 -41.54 -21.19
CA LYS B 570 -1.60 -40.39 -21.94
CA LYS B 570 -1.58 -40.36 -21.92
C LYS B 570 -2.76 -39.68 -21.25
N VAL B 571 -2.86 -39.80 -19.92
CA VAL B 571 -3.81 -38.99 -19.13
C VAL B 571 -3.06 -37.81 -18.53
N ALA B 572 -3.43 -36.59 -18.93
CA ALA B 572 -2.87 -35.40 -18.32
C ALA B 572 -3.90 -34.87 -17.34
N ILE B 573 -3.42 -34.19 -16.26
CA ILE B 573 -4.36 -33.60 -15.29
C ILE B 573 -4.17 -32.12 -15.15
N ASN B 574 -5.28 -31.43 -14.83
CA ASN B 574 -5.22 -29.98 -14.70
C ASN B 574 -6.30 -29.54 -13.75
N GLY B 575 -6.03 -28.45 -13.03
CA GLY B 575 -6.98 -27.86 -12.11
C GLY B 575 -6.36 -26.61 -11.52
N ALA B 576 -7.23 -25.76 -10.92
CA ALA B 576 -6.80 -24.43 -10.48
C ALA B 576 -7.22 -24.20 -9.03
N SER B 577 -6.38 -23.47 -8.26
CA SER B 577 -6.62 -23.21 -6.84
C SER B 577 -6.75 -24.52 -6.07
N ASN B 578 -7.93 -24.82 -5.47
CA ASN B 578 -8.05 -26.15 -4.86
C ASN B 578 -7.70 -27.24 -5.88
N GLY B 579 -8.00 -27.01 -7.15
CA GLY B 579 -7.67 -27.99 -8.18
C GLY B 579 -6.18 -28.07 -8.40
N GLY B 580 -5.45 -27.01 -8.07
CA GLY B 580 -3.99 -27.05 -8.17
C GLY B 580 -3.41 -27.90 -7.06
N LEU B 581 -3.95 -27.76 -5.85
CA LEU B 581 -3.62 -28.70 -4.78
C LEU B 581 -3.95 -30.12 -5.20
N LEU B 582 -5.11 -30.34 -5.81
CA LEU B 582 -5.48 -31.69 -6.26
C LEU B 582 -4.43 -32.25 -7.22
N VAL B 583 -4.02 -31.46 -8.19
CA VAL B 583 -3.01 -31.96 -9.13
C VAL B 583 -1.67 -32.22 -8.44
N MET B 584 -1.23 -31.29 -7.58
CA MET B 584 0.09 -31.45 -7.00
C MET B 584 0.09 -32.62 -6.05
N GLY B 585 -0.96 -32.80 -5.26
CA GLY B 585 -1.01 -34.00 -4.41
C GLY B 585 -1.18 -35.30 -5.20
N SER B 586 -1.88 -35.23 -6.30
CA SER B 586 -2.08 -36.46 -7.06
C SER B 586 -0.78 -36.93 -7.68
N ILE B 587 0.06 -36.03 -8.22
CA ILE B 587 1.25 -36.60 -8.89
C ILE B 587 2.22 -37.18 -7.87
N VAL B 588 2.24 -36.64 -6.64
CA VAL B 588 3.09 -37.17 -5.58
C VAL B 588 2.59 -38.54 -5.10
N ARG B 589 1.26 -38.71 -5.05
CA ARG B 589 0.69 -39.91 -4.43
C ARG B 589 0.55 -41.06 -5.40
N ALA B 590 0.19 -40.78 -6.66
CA ALA B 590 -0.21 -41.86 -7.58
C ALA B 590 0.98 -42.72 -7.99
N PRO B 591 0.75 -43.99 -8.33
CA PRO B 591 1.85 -44.81 -8.87
C PRO B 591 2.57 -44.13 -10.05
N GLU B 592 3.86 -44.35 -10.12
CA GLU B 592 4.62 -43.85 -11.25
C GLU B 592 3.93 -44.27 -12.56
N GLY B 593 3.81 -43.29 -13.48
CA GLY B 593 3.21 -43.55 -14.77
C GLY B 593 1.70 -43.40 -14.84
N THR B 594 1.04 -43.07 -13.74
CA THR B 594 -0.41 -42.87 -13.77
C THR B 594 -0.75 -41.69 -14.66
N PHE B 595 0.08 -40.65 -14.61
CA PHE B 595 -0.16 -39.46 -15.40
C PHE B 595 0.96 -39.23 -16.39
N GLY B 596 0.62 -38.65 -17.54
CA GLY B 596 1.66 -38.29 -18.51
C GLY B 596 1.98 -36.81 -18.55
N ALA B 597 1.14 -35.94 -17.97
CA ALA B 597 1.49 -34.52 -17.86
C ALA B 597 0.62 -33.98 -16.73
N ALA B 598 1.06 -32.87 -16.14
CA ALA B 598 0.31 -32.24 -15.07
C ALA B 598 0.46 -30.72 -15.13
N VAL B 599 -0.66 -30.00 -15.02
CA VAL B 599 -0.62 -28.54 -15.02
C VAL B 599 -1.41 -28.04 -13.83
N PRO B 600 -0.77 -27.89 -12.66
CA PRO B 600 -1.46 -27.26 -11.51
C PRO B 600 -1.41 -25.75 -11.68
N GLU B 601 -2.53 -25.10 -11.47
CA GLU B 601 -2.62 -23.65 -11.62
C GLU B 601 -2.88 -23.03 -10.25
N GLY B 602 -1.93 -22.29 -9.72
CA GLY B 602 -2.12 -21.59 -8.46
C GLY B 602 -2.64 -22.37 -7.27
N GLY B 603 -2.14 -23.52 -7.00
CA GLY B 603 -2.70 -24.24 -5.86
C GLY B 603 -1.99 -24.06 -4.51
N VAL B 604 -2.67 -24.48 -3.43
CA VAL B 604 -2.01 -24.75 -2.15
C VAL B 604 -1.15 -26.00 -2.33
N ALA B 605 0.01 -25.99 -1.70
CA ALA B 605 0.87 -27.17 -1.71
C ALA B 605 1.62 -27.37 -0.39
N ASP B 606 1.83 -26.31 0.39
CA ASP B 606 2.36 -26.39 1.77
C ASP B 606 1.14 -26.45 2.68
N LEU B 607 0.68 -27.67 2.96
CA LEU B 607 -0.50 -27.84 3.80
C LEU B 607 -0.20 -27.72 5.29
N LEU B 608 1.08 -27.57 5.64
CA LEU B 608 1.43 -27.30 7.04
C LEU B 608 1.39 -25.82 7.36
N LYS B 609 1.45 -24.95 6.35
CA LYS B 609 1.60 -23.54 6.63
C LYS B 609 0.54 -22.66 6.00
N PHE B 610 -0.43 -23.23 5.30
CA PHE B 610 -1.35 -22.46 4.48
C PHE B 610 -2.13 -21.46 5.32
N HIS B 611 -2.40 -21.79 6.57
CA HIS B 611 -3.27 -20.95 7.39
C HIS B 611 -2.53 -19.76 7.97
N LYS B 612 -1.23 -19.66 7.74
CA LYS B 612 -0.36 -18.58 8.20
C LYS B 612 -0.28 -17.44 7.19
N PHE B 613 -0.96 -17.57 6.06
CA PHE B 613 -0.89 -16.57 5.01
C PHE B 613 -2.30 -16.07 4.71
N THR B 614 -2.36 -14.79 4.36
CA THR B 614 -3.57 -14.04 4.00
C THR B 614 -4.88 -14.79 4.05
N GLY B 615 -5.29 -15.34 2.92
CA GLY B 615 -6.56 -16.01 2.93
C GLY B 615 -6.58 -17.46 3.38
N GLY B 616 -5.51 -17.95 4.04
CA GLY B 616 -5.45 -19.36 4.41
C GLY B 616 -6.35 -19.78 5.56
N GLN B 617 -6.60 -18.87 6.51
CA GLN B 617 -7.34 -19.22 7.71
C GLN B 617 -8.72 -19.82 7.42
N ALA B 618 -9.43 -19.29 6.43
CA ALA B 618 -10.81 -19.73 6.18
C ALA B 618 -10.86 -21.18 5.70
N TRP B 619 -9.77 -21.67 5.10
CA TRP B 619 -9.66 -23.03 4.57
C TRP B 619 -9.41 -24.09 5.62
N ILE B 620 -9.22 -23.70 6.88
CA ILE B 620 -9.10 -24.70 7.93
C ILE B 620 -10.31 -25.61 7.94
N SER B 621 -11.50 -25.06 7.66
CA SER B 621 -12.68 -25.90 7.64
C SER B 621 -12.60 -26.99 6.58
N GLU B 622 -11.83 -26.77 5.51
CA GLU B 622 -11.71 -27.73 4.42
C GLU B 622 -10.57 -28.74 4.62
N TYR B 623 -9.45 -28.29 5.22
CA TYR B 623 -8.24 -29.14 5.30
C TYR B 623 -7.86 -29.54 6.73
N GLY B 624 -8.39 -28.86 7.72
CA GLY B 624 -7.94 -29.04 9.08
C GLY B 624 -6.91 -28.02 9.46
N ASN B 625 -6.54 -28.05 10.74
CA ASN B 625 -5.68 -27.04 11.33
C ASN B 625 -4.36 -27.70 11.68
N PRO B 626 -3.26 -27.38 10.99
CA PRO B 626 -1.97 -28.00 11.28
C PRO B 626 -1.47 -27.78 12.69
N SER B 627 -1.98 -26.78 13.40
CA SER B 627 -1.56 -26.52 14.78
C SER B 627 -2.29 -27.36 15.81
N ILE B 628 -3.26 -28.16 15.42
CA ILE B 628 -3.96 -29.05 16.34
C ILE B 628 -3.35 -30.43 16.16
N PRO B 629 -2.81 -31.04 17.22
CA PRO B 629 -2.01 -32.27 17.03
C PRO B 629 -2.74 -33.42 16.33
N GLU B 630 -4.03 -33.62 16.60
CA GLU B 630 -4.78 -34.68 15.96
C GLU B 630 -4.95 -34.44 14.48
N GLU B 631 -5.05 -33.17 14.08
CA GLU B 631 -5.31 -32.86 12.68
C GLU B 631 -3.99 -32.80 11.90
N PHE B 632 -2.90 -32.35 12.54
CA PHE B 632 -1.60 -32.45 11.91
C PHE B 632 -1.33 -33.88 11.44
N ASP B 633 -1.80 -34.89 12.18
CA ASP B 633 -1.51 -36.28 11.83
C ASP B 633 -2.19 -36.76 10.55
N TYR B 634 -3.29 -36.14 10.12
CA TYR B 634 -3.86 -36.48 8.82
C TYR B 634 -3.54 -35.46 7.74
N ILE B 635 -3.03 -34.29 8.11
CA ILE B 635 -2.62 -33.28 7.12
C ILE B 635 -1.23 -33.59 6.58
N TYR B 636 -0.30 -33.89 7.48
CA TYR B 636 1.10 -34.05 7.09
C TYR B 636 1.30 -35.09 6.01
N PRO B 637 0.71 -36.29 6.05
CA PRO B 637 0.91 -37.26 4.95
C PRO B 637 0.30 -36.86 3.63
N LEU B 638 -0.57 -35.85 3.63
CA LEU B 638 -1.24 -35.36 2.43
C LEU B 638 -0.58 -34.13 1.82
N SER B 639 0.30 -33.44 2.56
CA SER B 639 0.84 -32.16 2.09
C SER B 639 1.80 -32.37 0.93
N PRO B 640 1.53 -31.81 -0.26
CA PRO B 640 2.39 -32.13 -1.39
C PRO B 640 3.85 -31.73 -1.18
N VAL B 641 4.12 -30.57 -0.60
CA VAL B 641 5.50 -30.12 -0.42
C VAL B 641 6.29 -31.08 0.45
N HIS B 642 5.61 -31.83 1.30
CA HIS B 642 6.32 -32.68 2.24
C HIS B 642 6.28 -34.14 1.85
N ASN B 643 5.81 -34.47 0.67
CA ASN B 643 5.65 -35.86 0.27
C ASN B 643 6.25 -36.11 -1.10
N VAL B 644 7.15 -35.24 -1.57
CA VAL B 644 7.85 -35.48 -2.84
C VAL B 644 8.91 -36.55 -2.62
N ARG B 645 8.84 -37.67 -3.35
CA ARG B 645 9.84 -38.71 -3.14
C ARG B 645 11.00 -38.49 -4.11
N THR B 646 12.08 -39.18 -3.85
CA THR B 646 13.21 -39.10 -4.76
C THR B 646 13.26 -40.26 -5.73
N ASP B 647 12.42 -41.29 -5.55
CA ASP B 647 12.58 -42.51 -6.30
C ASP B 647 11.51 -42.75 -7.36
N LYS B 648 10.57 -41.82 -7.55
N LYS B 648 10.60 -41.80 -7.57
CA LYS B 648 9.50 -41.96 -8.53
CA LYS B 648 9.51 -41.95 -8.53
C LYS B 648 9.66 -40.93 -9.65
C LYS B 648 9.66 -40.93 -9.65
N VAL B 649 9.57 -41.39 -10.89
CA VAL B 649 9.54 -40.51 -12.05
C VAL B 649 8.26 -39.69 -12.04
N MET B 650 8.39 -38.39 -12.20
CA MET B 650 7.27 -37.46 -12.27
C MET B 650 6.90 -37.19 -13.73
N PRO B 651 5.60 -37.01 -14.00
CA PRO B 651 5.16 -36.59 -15.35
C PRO B 651 5.72 -35.20 -15.64
N ALA B 652 5.82 -34.89 -16.93
CA ALA B 652 6.09 -33.50 -17.36
C ALA B 652 5.10 -32.59 -16.68
N THR B 653 5.59 -31.55 -16.01
CA THR B 653 4.78 -30.71 -15.13
C THR B 653 5.07 -29.26 -15.46
N LEU B 654 4.02 -28.49 -15.72
CA LEU B 654 4.13 -27.02 -15.93
C LEU B 654 3.22 -26.38 -14.89
N ILE B 655 3.82 -25.81 -13.87
CA ILE B 655 3.07 -25.18 -12.81
C ILE B 655 2.84 -23.75 -13.27
N THR B 656 1.61 -23.23 -13.18
CA THR B 656 1.39 -21.84 -13.56
C THR B 656 0.92 -21.07 -12.32
N VAL B 657 1.39 -19.84 -12.20
CA VAL B 657 1.11 -19.02 -11.01
C VAL B 657 0.65 -17.67 -11.50
N ASN B 658 -0.49 -17.22 -11.04
CA ASN B 658 -0.95 -15.84 -11.21
C ASN B 658 -0.95 -15.17 -9.85
N ILE B 659 -0.44 -13.96 -9.80
CA ILE B 659 -0.27 -13.13 -8.62
C ILE B 659 -1.52 -12.25 -8.52
N GLY B 660 -2.02 -12.01 -7.31
CA GLY B 660 -3.11 -11.06 -7.17
C GLY B 660 -3.93 -11.22 -5.92
N ALA B 661 -4.86 -10.28 -5.76
CA ALA B 661 -5.68 -10.25 -4.56
C ALA B 661 -6.62 -11.46 -4.55
N GLY B 662 -6.75 -12.06 -3.38
CA GLY B 662 -7.64 -13.19 -3.25
C GLY B 662 -7.11 -14.48 -3.84
N ARG B 663 -5.87 -14.49 -4.30
CA ARG B 663 -5.32 -15.70 -4.88
C ARG B 663 -4.42 -16.39 -3.88
N VAL B 664 -4.33 -17.72 -4.00
CA VAL B 664 -3.41 -18.45 -3.14
C VAL B 664 -2.02 -17.82 -3.24
N VAL B 665 -1.37 -17.60 -2.09
CA VAL B 665 -0.04 -16.98 -2.17
C VAL B 665 0.90 -17.90 -2.95
N PRO B 666 1.75 -17.35 -3.82
CA PRO B 666 2.53 -18.19 -4.76
C PRO B 666 3.64 -18.98 -4.11
N MET B 667 3.98 -18.70 -2.83
CA MET B 667 5.01 -19.52 -2.18
C MET B 667 4.67 -21.02 -2.20
N HIS B 668 3.37 -21.35 -2.24
CA HIS B 668 2.98 -22.75 -2.35
C HIS B 668 3.60 -23.39 -3.59
N SER B 669 3.33 -22.81 -4.75
CA SER B 669 3.87 -23.31 -5.99
C SER B 669 5.39 -23.18 -6.03
N PHE B 670 5.96 -22.09 -5.47
CA PHE B 670 7.44 -21.95 -5.51
C PHE B 670 8.12 -23.07 -4.74
N LYS B 671 7.66 -23.32 -3.50
CA LYS B 671 8.22 -24.40 -2.69
C LYS B 671 8.05 -25.74 -3.37
N PHE B 672 6.89 -25.96 -3.99
CA PHE B 672 6.66 -27.25 -4.63
C PHE B 672 7.61 -27.46 -5.81
N ILE B 673 7.75 -26.47 -6.70
CA ILE B 673 8.65 -26.70 -7.82
C ILE B 673 10.12 -26.78 -7.36
N ALA B 674 10.50 -26.02 -6.34
CA ALA B 674 11.87 -26.11 -5.82
C ALA B 674 12.13 -27.51 -5.24
N THR B 675 11.11 -28.06 -4.57
CA THR B 675 11.24 -29.38 -3.97
C THR B 675 11.27 -30.44 -5.06
N LEU B 676 10.43 -30.29 -6.11
CA LEU B 676 10.51 -31.24 -7.22
C LEU B 676 11.90 -31.22 -7.86
N GLN B 677 12.41 -30.02 -8.19
CA GLN B 677 13.69 -29.98 -8.89
C GLN B 677 14.83 -30.43 -7.99
N HIS B 678 14.68 -30.34 -6.67
CA HIS B 678 15.74 -30.82 -5.77
C HIS B 678 15.70 -32.33 -5.60
N ASN B 679 14.50 -32.89 -5.56
CA ASN B 679 14.40 -34.31 -5.21
C ASN B 679 14.49 -35.26 -6.40
N VAL B 680 14.05 -34.84 -7.59
CA VAL B 680 14.25 -35.61 -8.83
C VAL B 680 14.92 -34.69 -9.85
N PRO B 681 16.11 -34.18 -9.54
CA PRO B 681 16.75 -33.25 -10.48
C PRO B 681 16.93 -33.83 -11.88
N GLN B 682 17.20 -35.14 -11.99
CA GLN B 682 17.42 -35.81 -13.26
C GLN B 682 16.14 -36.42 -13.85
N ASN B 683 14.98 -35.99 -13.36
CA ASN B 683 13.73 -36.46 -13.95
C ASN B 683 13.80 -36.38 -15.48
N PRO B 684 13.34 -37.41 -16.18
CA PRO B 684 13.44 -37.41 -17.65
C PRO B 684 12.53 -36.42 -18.33
N HIS B 685 11.49 -35.93 -17.61
CA HIS B 685 10.48 -35.01 -18.07
C HIS B 685 10.62 -33.68 -17.34
N PRO B 686 10.39 -32.56 -18.03
CA PRO B 686 10.66 -31.26 -17.44
C PRO B 686 9.65 -30.92 -16.35
N LEU B 687 10.15 -30.27 -15.32
CA LEU B 687 9.42 -29.81 -14.14
C LEU B 687 9.63 -28.31 -14.11
N LEU B 688 8.62 -27.55 -14.57
CA LEU B 688 8.79 -26.13 -14.91
C LEU B 688 7.73 -25.32 -14.20
N ILE B 689 8.00 -24.02 -14.05
CA ILE B 689 7.03 -23.10 -13.49
C ILE B 689 7.03 -21.81 -14.30
N LYS B 690 5.84 -21.33 -14.61
CA LYS B 690 5.63 -20.08 -15.32
C LYS B 690 4.87 -19.13 -14.39
N ILE B 691 5.39 -17.93 -14.16
CA ILE B 691 4.80 -16.99 -13.21
C ILE B 691 4.36 -15.76 -13.97
N ASP B 692 3.13 -15.31 -13.78
CA ASP B 692 2.67 -14.03 -14.34
C ASP B 692 2.74 -13.00 -13.22
N LYS B 693 3.61 -12.02 -13.38
CA LYS B 693 3.89 -11.14 -12.25
C LYS B 693 2.93 -9.96 -12.14
N SER B 694 1.96 -9.81 -13.05
CA SER B 694 0.98 -8.74 -12.89
C SER B 694 0.10 -8.98 -11.63
N TRP B 695 -0.03 -7.98 -10.75
CA TRP B 695 -0.85 -8.18 -9.56
C TRP B 695 -2.32 -7.97 -9.94
N LEU B 696 -3.06 -9.03 -10.22
CA LEU B 696 -4.49 -8.87 -10.55
C LEU B 696 -5.25 -8.35 -9.33
N GLY B 697 -6.12 -7.35 -9.51
CA GLY B 697 -6.99 -6.98 -8.39
C GLY B 697 -8.08 -8.01 -8.18
N HIS B 698 -8.86 -7.81 -7.12
CA HIS B 698 -9.99 -8.69 -6.82
C HIS B 698 -10.93 -8.81 -8.00
N GLY B 699 -11.23 -10.05 -8.40
CA GLY B 699 -12.16 -10.30 -9.46
C GLY B 699 -11.64 -10.00 -10.83
N MET B 700 -10.39 -9.59 -10.97
CA MET B 700 -9.88 -9.21 -12.27
C MET B 700 -9.28 -10.41 -12.97
N GLY B 701 -9.53 -10.47 -14.28
CA GLY B 701 -8.88 -11.42 -15.16
C GLY B 701 -7.79 -10.76 -15.97
N LYS B 702 -7.09 -11.59 -16.76
CA LYS B 702 -6.08 -11.11 -17.72
C LYS B 702 -6.74 -10.63 -19.00
N PRO B 703 -6.02 -9.85 -19.84
CA PRO B 703 -6.56 -9.52 -21.16
C PRO B 703 -6.79 -10.80 -21.94
N THR B 704 -7.78 -10.75 -22.84
CA THR B 704 -8.09 -11.92 -23.65
C THR B 704 -6.86 -12.42 -24.42
N ASP B 705 -6.09 -11.51 -24.99
CA ASP B 705 -5.01 -11.98 -25.80
C ASP B 705 -3.97 -12.75 -24.98
N LYS B 706 -3.75 -12.35 -23.72
CA LYS B 706 -2.87 -13.10 -22.83
C LYS B 706 -3.48 -14.42 -22.41
N ASN B 707 -4.79 -14.44 -22.17
CA ASN B 707 -5.47 -15.70 -21.89
C ASN B 707 -5.31 -16.69 -23.04
N VAL B 708 -5.48 -16.21 -24.28
CA VAL B 708 -5.26 -17.13 -25.41
C VAL B 708 -3.82 -17.64 -25.42
N LYS B 709 -2.86 -16.75 -25.22
CA LYS B 709 -1.48 -17.19 -25.27
C LYS B 709 -1.20 -18.20 -24.17
N ASP B 710 -1.74 -17.93 -22.96
CA ASP B 710 -1.50 -18.86 -21.84
C ASP B 710 -2.15 -20.21 -22.13
N ALA B 711 -3.35 -20.21 -22.74
CA ALA B 711 -4.00 -21.46 -23.06
C ALA B 711 -3.16 -22.25 -24.07
N ALA B 712 -2.60 -21.57 -25.09
CA ALA B 712 -1.79 -22.27 -26.08
C ALA B 712 -0.55 -22.88 -25.42
N ASP B 713 0.05 -22.16 -24.47
CA ASP B 713 1.21 -22.72 -23.77
C ASP B 713 0.83 -23.97 -23.00
N LYS B 714 -0.26 -23.90 -22.20
CA LYS B 714 -0.66 -25.00 -21.33
C LYS B 714 -1.02 -26.23 -22.14
N TRP B 715 -1.92 -26.09 -23.09
CA TRP B 715 -2.35 -27.23 -23.88
CA TRP B 715 -2.35 -27.23 -23.88
C TRP B 715 -1.24 -27.70 -24.84
N GLY B 716 -0.41 -26.79 -25.36
CA GLY B 716 0.71 -27.24 -26.18
C GLY B 716 1.74 -28.00 -25.37
N PHE B 717 1.99 -27.56 -24.13
CA PHE B 717 2.87 -28.31 -23.24
C PHE B 717 2.34 -29.71 -23.03
N ILE B 718 1.03 -29.83 -22.76
CA ILE B 718 0.44 -31.15 -22.56
C ILE B 718 0.56 -32.00 -23.82
N ALA B 719 0.21 -31.42 -24.97
CA ALA B 719 0.25 -32.20 -26.21
C ALA B 719 1.64 -32.73 -26.44
N ARG B 720 2.66 -31.87 -26.25
CA ARG B 720 4.01 -32.36 -26.57
C ARG B 720 4.48 -33.40 -25.56
N ALA B 721 4.14 -33.20 -24.28
CA ALA B 721 4.46 -34.18 -23.24
C ALA B 721 3.83 -35.54 -23.53
N LEU B 722 2.64 -35.56 -24.11
CA LEU B 722 1.98 -36.83 -24.43
C LEU B 722 2.33 -37.35 -25.83
N GLY B 723 3.23 -36.69 -26.56
CA GLY B 723 3.65 -37.14 -27.86
C GLY B 723 2.64 -36.89 -28.96
N LEU B 724 1.77 -35.90 -28.80
CA LEU B 724 0.72 -35.66 -29.78
C LEU B 724 1.24 -34.71 -30.86
N GLU B 725 0.87 -35.02 -32.09
CA GLU B 725 1.34 -34.30 -33.27
C GLU B 725 0.18 -33.66 -34.00
N LEU B 726 0.44 -32.47 -34.56
CA LEU B 726 -0.54 -31.82 -35.42
C LEU B 726 -0.65 -32.57 -36.73
N LYS B 727 -1.84 -33.09 -37.03
CA LYS B 727 -2.05 -33.90 -38.24
C LYS B 727 -2.04 -33.02 -39.49
N PRO C 8 17.05 19.24 7.82
CA PRO C 8 16.56 19.17 9.21
C PRO C 8 17.70 19.12 10.23
N TRP C 9 18.21 20.31 10.60
CA TRP C 9 19.38 20.39 11.46
C TRP C 9 19.14 19.76 12.85
N THR C 10 18.09 20.18 13.56
CA THR C 10 17.78 19.59 14.87
C THR C 10 16.33 19.11 14.95
N ALA C 11 15.82 18.51 13.87
CA ALA C 11 14.38 18.25 13.73
C ALA C 11 13.85 17.22 14.74
N GLU C 12 14.60 16.13 15.01
CA GLU C 12 14.07 15.12 15.93
C GLU C 12 14.56 15.31 17.35
N HIS C 13 15.62 16.09 17.54
CA HIS C 13 16.28 16.20 18.83
C HIS C 13 15.67 17.25 19.74
N VAL C 14 14.98 18.26 19.21
CA VAL C 14 14.40 19.31 20.06
C VAL C 14 12.97 19.64 19.65
N ASP C 15 12.20 20.14 20.61
CA ASP C 15 10.87 20.64 20.28
C ASP C 15 10.97 21.83 19.30
N GLN C 16 10.08 21.83 18.29
CA GLN C 16 10.07 22.80 17.20
C GLN C 16 8.94 23.83 17.32
N THR C 17 8.30 23.94 18.49
CA THR C 17 7.13 24.82 18.59
C THR C 17 7.52 26.28 18.34
N LEU C 18 8.68 26.69 18.83
CA LEU C 18 9.02 28.11 18.78
C LEU C 18 8.91 28.69 17.38
N ALA C 19 9.47 28.00 16.38
CA ALA C 19 9.46 28.50 15.00
C ALA C 19 8.26 28.03 14.21
N SER C 20 7.40 27.17 14.78
CA SER C 20 6.30 26.53 14.01
C SER C 20 5.23 27.50 13.48
N GLY C 21 5.16 28.74 13.96
CA GLY C 21 4.22 29.75 13.50
C GLY C 21 4.81 30.76 12.54
N ASN C 22 6.04 30.57 12.07
CA ASN C 22 6.65 31.68 11.35
C ASN C 22 6.03 31.89 9.97
N ASP C 23 5.48 30.84 9.33
CA ASP C 23 5.03 30.94 7.92
C ASP C 23 3.69 30.22 7.73
N ILE C 24 2.70 30.61 8.52
CA ILE C 24 1.43 29.91 8.44
C ILE C 24 0.38 30.70 7.67
N CYS C 25 0.72 31.87 7.14
CA CYS C 25 -0.18 32.61 6.24
C CYS C 25 0.60 33.48 5.26
N PRO D 8 -16.11 -20.16 -8.72
CA PRO D 8 -14.70 -20.58 -8.74
C PRO D 8 -14.43 -21.74 -9.68
N TRP D 9 -15.46 -22.46 -10.10
CA TRP D 9 -15.29 -23.70 -10.86
C TRP D 9 -14.59 -23.45 -12.20
N THR D 10 -15.17 -22.62 -13.06
CA THR D 10 -14.54 -22.33 -14.36
C THR D 10 -14.35 -20.82 -14.57
N ALA D 11 -13.98 -20.10 -13.51
CA ALA D 11 -14.00 -18.64 -13.57
C ALA D 11 -12.93 -18.08 -14.50
N GLU D 12 -11.73 -18.66 -14.50
CA GLU D 12 -10.66 -18.11 -15.32
C GLU D 12 -10.49 -18.82 -16.66
N HIS D 13 -11.06 -20.01 -16.80
CA HIS D 13 -10.79 -20.86 -17.94
C HIS D 13 -11.70 -20.57 -19.14
N VAL D 14 -12.91 -20.03 -18.88
CA VAL D 14 -13.86 -19.72 -19.94
C VAL D 14 -14.46 -18.33 -19.73
N ASP D 15 -14.95 -17.77 -20.81
CA ASP D 15 -15.68 -16.53 -20.73
C ASP D 15 -16.99 -16.72 -19.95
N GLN D 16 -17.28 -15.73 -19.09
CA GLN D 16 -18.40 -15.70 -18.13
C GLN D 16 -19.56 -14.79 -18.54
N THR D 17 -19.62 -14.34 -19.79
CA THR D 17 -20.67 -13.39 -20.21
C THR D 17 -22.07 -13.97 -20.08
N LEU D 18 -22.26 -15.24 -20.44
CA LEU D 18 -23.60 -15.81 -20.53
C LEU D 18 -24.37 -15.63 -19.25
N ALA D 19 -23.72 -15.90 -18.12
CA ALA D 19 -24.44 -15.80 -16.84
C ALA D 19 -24.24 -14.47 -16.14
N SER D 20 -23.46 -13.53 -16.71
CA SER D 20 -23.11 -12.28 -16.01
C SER D 20 -24.27 -11.34 -15.79
N GLY D 21 -25.41 -11.55 -16.44
CA GLY D 21 -26.57 -10.72 -16.27
C GLY D 21 -27.62 -11.32 -15.37
N ASN D 22 -27.33 -12.43 -14.70
CA ASN D 22 -28.45 -13.09 -14.06
C ASN D 22 -28.95 -12.36 -12.81
N ASP D 23 -28.13 -11.56 -12.16
CA ASP D 23 -28.48 -10.99 -10.86
C ASP D 23 -27.97 -9.56 -10.77
N ILE D 24 -28.42 -8.73 -11.71
CA ILE D 24 -27.93 -7.36 -11.75
C ILE D 24 -28.98 -6.37 -11.28
N CYS D 25 -30.15 -6.83 -10.88
CA CYS D 25 -31.16 -5.95 -10.27
C CYS D 25 -32.03 -6.72 -9.29
#